data_5UWQ
#
_entry.id   5UWQ
#
_cell.length_a   106.392
_cell.length_b   106.392
_cell.length_c   304.567
_cell.angle_alpha   90.00
_cell.angle_beta   90.00
_cell.angle_gamma   90.00
#
_symmetry.space_group_name_H-M   'P 43 21 2'
#
loop_
_entity.id
_entity.type
_entity.pdbx_description
1 polymer 'GTP-binding nuclear protein Ran'
2 polymer 'Ran-specific GTPase-activating protein 1'
3 polymer Exportin-1
4 polymer 'Cell division cycle 7-related protein kinase'
5 non-polymer 'PHOSPHOAMINOPHOSPHONIC ACID-GUANYLATE ESTER'
6 non-polymer 'MAGNESIUM ION'
7 non-polymer GLYCEROL
8 water water
#
loop_
_entity_poly.entity_id
_entity_poly.type
_entity_poly.pdbx_seq_one_letter_code
_entity_poly.pdbx_strand_id
1 'polypeptide(L)'
;METGSSHHHHHHSSGLPRGSHMAAQGEPQVQFKLVLVGDGGTGKTTFVKRHLTGEFEKKYVATLGVEVHPLVFHTNRGPI
KFNVWDTAGQEKFGGLRDGYYIQAQCAIIMFDVTSRVTYKNVPNWHRDLVRVCENIPIVLCGNKVDIKDRKVKAKSIVFH
RKKNLQYYDISAKSNYNFEKPFLWLARKLIGDPNLEFVAMPALAPPEVVMDPALAAQYEHDLEVAQTTALPDEDDDL
;
A
2 'polypeptide(L)'
;GGSDIHFEPVVHLEKVDVKTMEEDEEVLYKVRAKLFRFDADAKEWKERGTGDCKFLKNKKTNKVRILMRRDKTLKICANH
IIAPEYTLKPNVGSDRSWVYACTADIAEGEAEAFTFAIRFGSKENADKFKEEFEKAQEINKKA
;
B
3 'polypeptide(L)'
;GGSMEGILDFSNDLDIALLDQVVSTFYQGSGVQQKQAQEILTKFQDNPDAWQKADQILQFSTNPQSKFIALSILDKLITR
KWKLLPNDHRIGIRNFVVGMIISMCQDDEVFKTQKNLINKSDLTLVQILKQEWPQNWPEFIPELIGSSSSSVNVCENNMI
VLKLLSEEVFDFSAEQMTQAKALHLKNSMSKEFEQIFKLCFQVLEQGSSSSLIVATLESLLRYLHWIPYRYIYETNILEL
LSTKFMTSPDTRAITLKCLTEVSNLKIPQDNDLIKRQTVLFFQNTLQQIATSVMPVTADLKATYANANGNDQSFLQDLAM
FLTTYLARNRALLESDESLRELLLNAHQYLIQLSKIEERELFKTTLDYWHNLVADLFYEPLKKHIYEEICSQLRLVIIEN
MVRPEEDLVVENDEGEIVREFVKESDTIQLYKSEREVLVYLTHLNVIDTEEIMISKLARQIDGSEWSWHNINTLSWAIGS
ISGTMSEDTEKRFVVTVIKDLLGLCEQKRGKDNKAVVASDIMYVVGQYPRFLKAHWNFLRTVILKLFEFMHETHEGVQDM
ACDTFIKIVQKCKYHFVIQQPRESEPFIQTIIRDIQKTTADLQPQQVHTFYKACGIIISEERSVAERNRLLSDLMQLPNM
AWDTIVEQSTANPTLLLDSETVKIIANIIKTNVAVCTSMGADFYPQLGHIYYNMLQLYRAVSSMISAQVAAEGLIATKTP
KVRGLRTIKKEILKLVETYISKARNLDDVVKVLVEPLLNAVLEDYMNNVPDARDAEVLNCMTTVVEKVGHMIPQGVILIL
QSVFECTLDMINKDFTEYPEHRVEFYKLLKVINEKSFAAFLELPPAAFKLFVDAICWAFKHNNRDVEVNGLQIALDLVKN
IERMGNVPFANEFHKNYFFIFVSETFFVLTDSDHKSGFSKQALLLMKLISLVYDNKISVPLYQEAEVPQGTSNQVYLSQY
LANMLSNAFPHLTSEQIASFLSALTKQCKDLVVFKGTLRDFLVQIKEVGGDPTDYLFAEDKENA
;
C
4 'polypeptide(L)' GGSYQDLRKLCERLRGMDSSTP D
#
loop_
_chem_comp.id
_chem_comp.type
_chem_comp.name
_chem_comp.formula
GNP non-polymer 'PHOSPHOAMINOPHOSPHONIC ACID-GUANYLATE ESTER' 'C10 H17 N6 O13 P3'
GOL non-polymer GLYCEROL 'C3 H8 O3'
MG non-polymer 'MAGNESIUM ION' 'Mg 2'
#
# COMPACT_ATOMS: atom_id res chain seq x y z
N VAL A 30 -0.56 6.86 -32.54
CA VAL A 30 0.37 7.10 -31.45
C VAL A 30 -0.09 6.34 -30.21
N GLN A 31 -0.24 5.02 -30.31
CA GLN A 31 -0.79 4.23 -29.23
C GLN A 31 0.19 3.16 -28.78
N PHE A 32 0.15 2.86 -27.48
CA PHE A 32 1.06 1.93 -26.84
C PHE A 32 0.26 0.93 -26.04
N LYS A 33 0.62 -0.35 -26.16
CA LYS A 33 -0.08 -1.40 -25.42
C LYS A 33 0.46 -1.47 -24.00
N LEU A 34 -0.44 -1.37 -23.03
CA LEU A 34 -0.07 -1.42 -21.61
C LEU A 34 -0.80 -2.59 -20.97
N VAL A 35 -0.04 -3.49 -20.36
CA VAL A 35 -0.60 -4.61 -19.62
C VAL A 35 -0.50 -4.29 -18.13
N LEU A 36 -1.57 -4.59 -17.40
CA LEU A 36 -1.70 -4.26 -16.00
C LEU A 36 -1.97 -5.55 -15.24
N VAL A 37 -1.04 -5.93 -14.36
CA VAL A 37 -1.10 -7.23 -13.71
C VAL A 37 -0.94 -7.06 -12.20
N GLY A 38 -1.34 -8.08 -11.47
CA GLY A 38 -1.26 -8.08 -10.02
C GLY A 38 -2.34 -8.94 -9.42
N ASP A 39 -2.17 -9.23 -8.12
CA ASP A 39 -3.09 -10.11 -7.42
C ASP A 39 -4.52 -9.58 -7.50
N GLY A 40 -5.47 -10.51 -7.34
CA GLY A 40 -6.86 -10.10 -7.32
C GLY A 40 -7.17 -9.21 -6.14
N GLY A 41 -8.00 -8.20 -6.37
CA GLY A 41 -8.42 -7.29 -5.33
C GLY A 41 -7.46 -6.15 -5.05
N THR A 42 -6.37 -6.03 -5.80
CA THR A 42 -5.38 -5.00 -5.53
C THR A 42 -5.82 -3.63 -6.03
N GLY A 43 -6.82 -3.57 -6.90
CA GLY A 43 -7.37 -2.31 -7.38
C GLY A 43 -7.03 -1.97 -8.81
N LYS A 44 -6.64 -2.94 -9.63
CA LYS A 44 -6.24 -2.65 -11.01
C LYS A 44 -7.41 -2.05 -11.78
N THR A 45 -8.59 -2.68 -11.72
CA THR A 45 -9.73 -2.22 -12.49
C THR A 45 -10.25 -0.89 -11.97
N THR A 46 -10.33 -0.74 -10.64
CA THR A 46 -10.74 0.54 -10.06
C THR A 46 -9.81 1.66 -10.50
N PHE A 47 -8.50 1.38 -10.54
CA PHE A 47 -7.53 2.38 -10.97
C PHE A 47 -7.83 2.84 -12.40
N VAL A 48 -8.05 1.88 -13.31
CA VAL A 48 -8.30 2.23 -14.70
C VAL A 48 -9.62 2.96 -14.84
N LYS A 49 -10.67 2.45 -14.21
CA LYS A 49 -11.97 3.11 -14.24
C LYS A 49 -11.85 4.57 -13.83
N ARG A 50 -11.11 4.83 -12.74
CA ARG A 50 -10.92 6.20 -12.31
C ARG A 50 -10.36 7.07 -13.43
N HIS A 51 -9.42 6.53 -14.20
CA HIS A 51 -8.84 7.28 -15.31
C HIS A 51 -9.78 7.38 -16.50
N LEU A 52 -10.66 6.39 -16.70
CA LEU A 52 -11.54 6.40 -17.85
C LEU A 52 -12.71 7.35 -17.66
N THR A 53 -13.38 7.29 -16.51
CA THR A 53 -14.60 8.05 -16.28
C THR A 53 -14.50 9.04 -15.12
N GLY A 54 -13.49 8.92 -14.26
CA GLY A 54 -13.43 9.71 -13.05
C GLY A 54 -14.15 9.10 -11.87
N GLU A 55 -14.82 7.96 -12.06
CA GLU A 55 -15.61 7.34 -11.00
C GLU A 55 -14.73 6.47 -10.12
N PHE A 56 -15.17 6.28 -8.87
CA PHE A 56 -14.56 5.32 -7.96
C PHE A 56 -15.57 4.20 -7.72
N GLU A 57 -15.28 3.02 -8.25
CA GLU A 57 -16.16 1.88 -8.05
C GLU A 57 -15.83 1.20 -6.72
N LYS A 58 -16.83 1.13 -5.84
CA LYS A 58 -16.64 0.52 -4.52
C LYS A 58 -16.79 -0.99 -4.57
N LYS A 59 -17.58 -1.52 -5.50
CA LYS A 59 -17.79 -2.96 -5.59
C LYS A 59 -16.56 -3.65 -6.17
N TYR A 60 -16.30 -4.85 -5.67
CA TYR A 60 -15.27 -5.72 -6.23
C TYR A 60 -15.95 -6.73 -7.16
N VAL A 61 -15.89 -6.46 -8.46
CA VAL A 61 -16.35 -7.37 -9.49
C VAL A 61 -15.12 -7.89 -10.20
N ALA A 62 -14.79 -9.16 -9.96
CA ALA A 62 -13.54 -9.72 -10.47
C ALA A 62 -13.50 -9.67 -11.99
N THR A 63 -12.38 -9.19 -12.54
CA THR A 63 -12.17 -9.22 -13.97
C THR A 63 -12.02 -10.66 -14.43
N LEU A 64 -12.57 -10.96 -15.61
CA LEU A 64 -12.53 -12.30 -16.19
C LEU A 64 -11.64 -12.25 -17.44
N GLY A 65 -10.47 -12.86 -17.35
CA GLY A 65 -9.53 -12.82 -18.44
C GLY A 65 -8.87 -11.46 -18.58
N VAL A 66 -9.46 -10.58 -19.40
CA VAL A 66 -8.90 -9.26 -19.63
C VAL A 66 -10.02 -8.33 -20.08
N GLU A 67 -9.84 -7.04 -19.82
CA GLU A 67 -10.68 -5.99 -20.40
C GLU A 67 -9.77 -4.95 -21.01
N VAL A 68 -10.00 -4.65 -22.28
CA VAL A 68 -9.17 -3.71 -23.03
C VAL A 68 -9.89 -2.37 -23.07
N HIS A 69 -9.18 -1.30 -22.69
CA HIS A 69 -9.75 0.03 -22.66
C HIS A 69 -8.75 1.03 -23.24
N PRO A 70 -9.14 1.81 -24.26
CA PRO A 70 -8.27 2.91 -24.70
C PRO A 70 -8.30 4.05 -23.70
N LEU A 71 -7.13 4.64 -23.46
CA LEU A 71 -6.98 5.74 -22.52
C LEU A 71 -6.04 6.77 -23.13
N VAL A 72 -6.53 7.99 -23.29
CA VAL A 72 -5.80 9.06 -23.96
C VAL A 72 -5.45 10.14 -22.96
N PHE A 73 -4.20 10.61 -23.03
CA PHE A 73 -3.75 11.75 -22.25
C PHE A 73 -3.28 12.85 -23.21
N HIS A 74 -3.46 14.09 -22.80
CA HIS A 74 -3.08 15.25 -23.60
C HIS A 74 -1.80 15.84 -23.01
N THR A 75 -0.76 15.94 -23.84
CA THR A 75 0.56 16.33 -23.39
C THR A 75 1.07 17.47 -24.27
N ASN A 76 2.14 18.12 -23.79
CA ASN A 76 2.80 19.15 -24.58
C ASN A 76 3.53 18.56 -25.79
N ARG A 77 3.53 17.24 -25.95
CA ARG A 77 4.07 16.57 -27.13
C ARG A 77 2.98 15.94 -27.97
N GLY A 78 1.73 16.38 -27.80
CA GLY A 78 0.61 15.80 -28.49
C GLY A 78 -0.11 14.79 -27.62
N PRO A 79 -1.19 14.20 -28.13
CA PRO A 79 -1.89 13.18 -27.36
C PRO A 79 -1.18 11.84 -27.42
N ILE A 80 -1.22 11.11 -26.31
CA ILE A 80 -0.69 9.75 -26.24
C ILE A 80 -1.84 8.84 -25.87
N LYS A 81 -1.94 7.71 -26.57
CA LYS A 81 -3.02 6.75 -26.38
C LYS A 81 -2.45 5.47 -25.79
N PHE A 82 -2.99 5.06 -24.65
CA PHE A 82 -2.67 3.76 -24.05
C PHE A 82 -3.81 2.80 -24.34
N ASN A 83 -3.48 1.65 -24.90
CA ASN A 83 -4.42 0.53 -24.99
C ASN A 83 -4.18 -0.34 -23.77
N VAL A 84 -5.00 -0.17 -22.75
CA VAL A 84 -4.78 -0.79 -21.45
C VAL A 84 -5.40 -2.19 -21.48
N TRP A 85 -4.57 -3.21 -21.25
CA TRP A 85 -5.05 -4.57 -21.07
C TRP A 85 -5.10 -4.84 -19.57
N ASP A 86 -6.28 -4.66 -18.99
CA ASP A 86 -6.51 -4.85 -17.55
C ASP A 86 -6.79 -6.34 -17.33
N THR A 87 -5.78 -7.06 -16.86
CA THR A 87 -5.90 -8.51 -16.76
C THR A 87 -6.43 -8.92 -15.39
N ALA A 88 -6.79 -10.20 -15.28
CA ALA A 88 -7.36 -10.76 -14.07
C ALA A 88 -6.25 -11.30 -13.17
N GLY A 89 -6.38 -11.03 -11.87
CA GLY A 89 -5.40 -11.48 -10.90
C GLY A 89 -5.79 -12.76 -10.20
N GLN A 90 -7.09 -13.05 -10.10
CA GLN A 90 -7.53 -14.32 -9.54
C GLN A 90 -7.20 -15.45 -10.51
N GLU A 91 -6.58 -16.51 -10.00
CA GLU A 91 -6.10 -17.57 -10.88
C GLU A 91 -7.26 -18.26 -11.59
N LYS A 92 -8.39 -18.45 -10.89
CA LYS A 92 -9.53 -19.12 -11.52
C LYS A 92 -10.19 -18.27 -12.60
N PHE A 93 -9.77 -17.02 -12.76
CA PHE A 93 -10.26 -16.15 -13.83
C PHE A 93 -9.13 -15.67 -14.74
N GLY A 94 -7.99 -16.37 -14.72
CA GLY A 94 -6.80 -15.88 -15.38
C GLY A 94 -6.89 -15.84 -16.89
N GLY A 95 -7.79 -16.61 -17.49
CA GLY A 95 -7.90 -16.61 -18.94
C GLY A 95 -6.60 -17.07 -19.58
N LEU A 96 -6.12 -16.28 -20.54
CA LEU A 96 -4.91 -16.63 -21.29
C LEU A 96 -3.62 -16.32 -20.54
N ARG A 97 -3.70 -15.59 -19.41
CA ARG A 97 -2.55 -15.38 -18.52
C ARG A 97 -1.46 -14.66 -19.29
N ASP A 98 -0.25 -15.20 -19.40
CA ASP A 98 0.82 -14.49 -20.08
C ASP A 98 0.55 -14.29 -21.57
N GLY A 99 -0.47 -14.95 -22.11
CA GLY A 99 -0.87 -14.66 -23.48
C GLY A 99 -1.26 -13.21 -23.67
N TYR A 100 -1.80 -12.57 -22.63
CA TYR A 100 -2.17 -11.17 -22.71
C TYR A 100 -0.96 -10.24 -22.83
N TYR A 101 0.24 -10.73 -22.49
CA TYR A 101 1.42 -9.86 -22.45
C TYR A 101 2.09 -9.72 -23.80
N ILE A 102 1.73 -10.53 -24.79
CA ILE A 102 2.41 -10.49 -26.08
C ILE A 102 2.33 -9.09 -26.65
N GLN A 103 3.49 -8.56 -27.05
CA GLN A 103 3.60 -7.29 -27.74
C GLN A 103 3.23 -6.08 -26.88
N ALA A 104 3.21 -6.25 -25.56
CA ALA A 104 3.07 -5.08 -24.70
C ALA A 104 4.31 -4.22 -24.81
N GLN A 105 4.12 -2.90 -24.74
CA GLN A 105 5.21 -1.96 -24.79
C GLN A 105 5.46 -1.29 -23.44
N CYS A 106 4.66 -1.60 -22.44
CA CYS A 106 4.80 -1.03 -21.11
C CYS A 106 3.87 -1.80 -20.19
N ALA A 107 4.04 -1.62 -18.89
CA ALA A 107 3.26 -2.41 -17.95
C ALA A 107 3.22 -1.73 -16.59
N ILE A 108 2.18 -2.05 -15.84
CA ILE A 108 2.05 -1.68 -14.44
C ILE A 108 1.84 -2.96 -13.64
N ILE A 109 2.64 -3.14 -12.60
CA ILE A 109 2.41 -4.20 -11.61
C ILE A 109 1.82 -3.56 -10.37
N MET A 110 0.72 -4.11 -9.89
N MET A 110 0.70 -4.08 -9.90
CA MET A 110 -0.07 -3.56 -8.81
CA MET A 110 -0.01 -3.47 -8.78
C MET A 110 -0.06 -4.51 -7.63
C MET A 110 -0.14 -4.46 -7.63
N PHE A 111 0.08 -3.96 -6.42
CA PHE A 111 -0.16 -4.70 -5.20
C PHE A 111 -0.90 -3.78 -4.23
N ASP A 112 -1.19 -4.31 -3.05
CA ASP A 112 -2.05 -3.65 -2.07
C ASP A 112 -1.27 -3.52 -0.78
N VAL A 113 -0.97 -2.28 -0.37
CA VAL A 113 -0.15 -2.08 0.81
C VAL A 113 -0.83 -2.52 2.10
N THR A 114 -2.11 -2.91 2.04
CA THR A 114 -2.79 -3.48 3.18
C THR A 114 -2.80 -5.00 3.17
N SER A 115 -2.15 -5.62 2.18
CA SER A 115 -2.13 -7.08 2.07
C SER A 115 -0.71 -7.53 1.71
N ARG A 116 0.00 -8.08 2.69
CA ARG A 116 1.38 -8.51 2.46
C ARG A 116 1.49 -9.51 1.32
N VAL A 117 0.56 -10.47 1.25
CA VAL A 117 0.68 -11.53 0.25
C VAL A 117 0.74 -10.95 -1.16
N THR A 118 0.08 -9.82 -1.40
CA THR A 118 0.09 -9.26 -2.74
C THR A 118 1.45 -8.69 -3.10
N TYR A 119 2.20 -8.17 -2.12
CA TYR A 119 3.57 -7.78 -2.39
C TYR A 119 4.47 -8.99 -2.53
N LYS A 120 4.24 -10.03 -1.72
CA LYS A 120 5.02 -11.26 -1.84
C LYS A 120 4.89 -11.87 -3.23
N ASN A 121 3.76 -11.67 -3.90
CA ASN A 121 3.55 -12.22 -5.23
C ASN A 121 4.07 -11.32 -6.35
N VAL A 122 4.52 -10.10 -6.03
CA VAL A 122 5.03 -9.20 -7.06
C VAL A 122 6.14 -9.86 -7.87
N PRO A 123 7.12 -10.54 -7.27
CA PRO A 123 8.15 -11.19 -8.09
C PRO A 123 7.61 -12.23 -9.05
N ASN A 124 6.50 -12.88 -8.70
CA ASN A 124 5.91 -13.87 -9.59
C ASN A 124 5.29 -13.22 -10.81
N TRP A 125 4.49 -12.17 -10.61
CA TRP A 125 3.95 -11.43 -11.74
C TRP A 125 5.06 -10.85 -12.61
N HIS A 126 6.09 -10.29 -11.97
CA HIS A 126 7.20 -9.74 -12.73
C HIS A 126 7.89 -10.81 -13.56
N ARG A 127 8.14 -11.98 -12.95
CA ARG A 127 8.73 -13.10 -13.68
C ARG A 127 7.94 -13.42 -14.94
N ASP A 128 6.63 -13.65 -14.79
CA ASP A 128 5.81 -14.01 -15.95
C ASP A 128 5.78 -12.89 -16.98
N LEU A 129 5.91 -11.65 -16.54
CA LEU A 129 5.79 -10.52 -17.44
C LEU A 129 7.04 -10.35 -18.30
N VAL A 130 8.22 -10.35 -17.68
CA VAL A 130 9.45 -10.05 -18.44
C VAL A 130 9.97 -11.25 -19.21
N ARG A 131 9.37 -12.43 -19.00
CA ARG A 131 9.68 -13.56 -19.88
C ARG A 131 9.06 -13.36 -21.25
N VAL A 132 7.91 -12.70 -21.31
CA VAL A 132 7.29 -12.33 -22.59
C VAL A 132 7.81 -10.98 -23.08
N CYS A 133 7.92 -10.01 -22.18
CA CYS A 133 8.30 -8.63 -22.52
C CYS A 133 9.66 -8.33 -21.89
N GLU A 134 10.72 -8.56 -22.66
CA GLU A 134 12.06 -8.62 -22.09
C GLU A 134 12.67 -7.24 -21.83
N ASN A 135 12.15 -6.19 -22.46
CA ASN A 135 12.78 -4.86 -22.36
C ASN A 135 11.69 -3.79 -22.53
N ILE A 136 10.94 -3.54 -21.44
CA ILE A 136 9.88 -2.54 -21.48
C ILE A 136 9.89 -1.77 -20.17
N PRO A 137 9.47 -0.50 -20.23
CA PRO A 137 9.30 0.28 -18.99
C PRO A 137 8.15 -0.28 -18.16
N ILE A 138 8.42 -0.50 -16.87
CA ILE A 138 7.44 -1.08 -15.95
C ILE A 138 7.35 -0.19 -14.72
N VAL A 139 6.12 0.05 -14.27
CA VAL A 139 5.86 0.78 -13.03
C VAL A 139 5.34 -0.22 -12.01
N LEU A 140 5.87 -0.14 -10.79
CA LEU A 140 5.35 -0.90 -9.66
C LEU A 140 4.53 0.04 -8.79
N CYS A 141 3.28 -0.34 -8.50
CA CYS A 141 2.36 0.52 -7.76
C CYS A 141 1.85 -0.20 -6.52
N GLY A 142 2.03 0.43 -5.37
CA GLY A 142 1.40 -0.03 -4.14
C GLY A 142 0.14 0.76 -3.87
N ASN A 143 -1.01 0.14 -4.10
CA ASN A 143 -2.29 0.83 -4.04
C ASN A 143 -2.87 0.82 -2.62
N LYS A 144 -3.86 1.68 -2.42
CA LYS A 144 -4.67 1.73 -1.20
C LYS A 144 -3.92 2.34 -0.02
N VAL A 145 -3.01 3.29 -0.29
CA VAL A 145 -2.31 3.98 0.80
C VAL A 145 -3.23 4.86 1.60
N ASP A 146 -4.46 5.11 1.13
CA ASP A 146 -5.43 5.86 1.90
C ASP A 146 -5.84 5.15 3.19
N ILE A 147 -5.60 3.85 3.28
CA ILE A 147 -6.06 3.05 4.41
C ILE A 147 -5.07 3.20 5.56
N LYS A 148 -5.60 3.52 6.75
CA LYS A 148 -4.74 3.86 7.88
C LYS A 148 -3.84 2.69 8.29
N ASP A 149 -4.39 1.48 8.35
CA ASP A 149 -3.65 0.32 8.86
C ASP A 149 -2.87 -0.31 7.72
N ARG A 150 -1.76 0.34 7.38
CA ARG A 150 -0.90 -0.12 6.29
C ARG A 150 -0.03 -1.28 6.77
N LYS A 151 0.06 -2.33 5.96
CA LYS A 151 0.78 -3.55 6.32
C LYS A 151 2.12 -3.69 5.62
N VAL A 152 2.22 -3.28 4.35
CA VAL A 152 3.48 -3.32 3.62
C VAL A 152 4.13 -1.95 3.78
N LYS A 153 5.06 -1.86 4.73
CA LYS A 153 5.65 -0.57 5.05
C LYS A 153 6.61 -0.12 3.96
N ALA A 154 6.74 1.20 3.82
CA ALA A 154 7.58 1.79 2.79
C ALA A 154 8.98 1.19 2.78
N LYS A 155 9.55 0.95 3.97
CA LYS A 155 10.92 0.47 4.06
C LYS A 155 11.07 -0.96 3.54
N SER A 156 9.98 -1.72 3.45
CA SER A 156 10.04 -3.09 2.95
C SER A 156 10.01 -3.15 1.43
N ILE A 157 9.57 -2.10 0.75
CA ILE A 157 9.34 -2.13 -0.69
C ILE A 157 10.67 -1.77 -1.36
N VAL A 158 11.36 -2.80 -1.86
CA VAL A 158 12.69 -2.63 -2.46
C VAL A 158 12.85 -3.48 -3.70
N PHE A 159 11.81 -4.24 -4.07
CA PHE A 159 11.95 -5.19 -5.17
C PHE A 159 12.25 -4.49 -6.49
N HIS A 160 11.73 -3.27 -6.66
CA HIS A 160 11.92 -2.52 -7.91
C HIS A 160 13.37 -2.15 -8.16
N ARG A 161 14.23 -2.16 -7.13
CA ARG A 161 15.56 -1.60 -7.27
C ARG A 161 16.39 -2.38 -8.30
N LYS A 162 16.63 -3.66 -8.04
CA LYS A 162 17.43 -4.46 -8.96
C LYS A 162 16.73 -4.73 -10.28
N LYS A 163 15.43 -4.50 -10.37
CA LYS A 163 14.68 -4.74 -11.60
C LYS A 163 14.45 -3.47 -12.41
N ASN A 164 14.91 -2.32 -11.94
CA ASN A 164 14.82 -1.07 -12.68
C ASN A 164 13.36 -0.67 -12.94
N LEU A 165 12.49 -0.99 -12.00
CA LEU A 165 11.09 -0.55 -12.07
C LEU A 165 10.94 0.78 -11.37
N GLN A 166 10.09 1.63 -11.92
CA GLN A 166 9.64 2.82 -11.20
C GLN A 166 8.59 2.40 -10.18
N TYR A 167 8.68 2.97 -8.97
CA TYR A 167 7.71 2.68 -7.92
C TYR A 167 6.97 3.93 -7.50
N TYR A 168 5.67 3.77 -7.20
CA TYR A 168 4.86 4.84 -6.65
C TYR A 168 3.88 4.28 -5.61
N ASP A 169 3.80 4.95 -4.46
CA ASP A 169 2.62 4.85 -3.61
C ASP A 169 1.44 5.49 -4.33
N ILE A 170 0.33 4.75 -4.48
CA ILE A 170 -0.87 5.31 -5.08
C ILE A 170 -2.10 4.92 -4.29
N SER A 171 -3.19 5.66 -4.54
CA SER A 171 -4.51 5.32 -4.02
C SER A 171 -5.52 5.70 -5.10
N ALA A 172 -6.20 4.71 -5.66
CA ALA A 172 -7.29 5.00 -6.60
C ALA A 172 -8.46 5.69 -5.90
N LYS A 173 -8.55 5.58 -4.57
CA LYS A 173 -9.66 6.16 -3.84
C LYS A 173 -9.44 7.64 -3.57
N SER A 174 -8.25 8.01 -3.11
CA SER A 174 -7.94 9.41 -2.81
C SER A 174 -7.23 10.11 -3.96
N ASN A 175 -6.92 9.39 -5.04
CA ASN A 175 -6.22 9.90 -6.22
C ASN A 175 -4.77 10.26 -5.92
N TYR A 176 -4.23 9.86 -4.77
CA TYR A 176 -2.83 10.12 -4.47
C TYR A 176 -1.93 9.49 -5.53
N ASN A 177 -1.15 10.32 -6.22
CA ASN A 177 -0.19 9.88 -7.24
C ASN A 177 -0.85 9.12 -8.38
N PHE A 178 -2.16 9.29 -8.60
CA PHE A 178 -2.84 8.43 -9.55
C PHE A 178 -2.44 8.70 -10.99
N GLU A 179 -1.87 9.87 -11.28
CA GLU A 179 -1.39 10.18 -12.62
C GLU A 179 0.07 9.79 -12.84
N LYS A 180 0.83 9.59 -11.77
CA LYS A 180 2.27 9.37 -11.91
C LYS A 180 2.60 8.18 -12.80
N PRO A 181 1.96 7.00 -12.66
CA PRO A 181 2.38 5.86 -13.50
C PRO A 181 2.27 6.14 -14.98
N PHE A 182 1.23 6.86 -15.41
CA PHE A 182 1.07 7.15 -16.84
C PHE A 182 2.00 8.25 -17.30
N LEU A 183 2.25 9.26 -16.43
CA LEU A 183 3.18 10.31 -16.80
C LEU A 183 4.58 9.75 -17.00
N TRP A 184 5.04 8.90 -16.09
CA TRP A 184 6.36 8.29 -16.22
C TRP A 184 6.44 7.43 -17.48
N LEU A 185 5.41 6.59 -17.71
CA LEU A 185 5.42 5.74 -18.89
C LEU A 185 5.40 6.57 -20.17
N ALA A 186 4.60 7.64 -20.20
CA ALA A 186 4.58 8.52 -21.36
C ALA A 186 5.98 9.05 -21.65
N ARG A 187 6.68 9.50 -20.61
CA ARG A 187 8.03 10.03 -20.80
C ARG A 187 8.98 8.97 -21.34
N LYS A 188 8.85 7.73 -20.86
CA LYS A 188 9.71 6.66 -21.36
C LYS A 188 9.37 6.30 -22.79
N LEU A 189 8.09 6.18 -23.11
CA LEU A 189 7.69 5.71 -24.43
C LEU A 189 7.95 6.78 -25.50
N ILE A 190 7.71 8.04 -25.17
CA ILE A 190 7.97 9.13 -26.11
C ILE A 190 9.45 9.50 -26.17
N GLY A 191 10.21 9.18 -25.12
CA GLY A 191 11.61 9.55 -25.08
C GLY A 191 11.86 11.01 -24.78
N ASP A 192 10.97 11.63 -24.01
CA ASP A 192 11.10 13.05 -23.66
C ASP A 192 10.93 13.19 -22.15
N PRO A 193 12.00 13.45 -21.39
CA PRO A 193 11.85 13.56 -19.93
C PRO A 193 11.09 14.80 -19.49
N ASN A 194 10.88 15.77 -20.37
CA ASN A 194 10.18 17.00 -20.03
C ASN A 194 8.73 16.99 -20.48
N LEU A 195 8.24 15.86 -20.96
CA LEU A 195 6.83 15.75 -21.33
C LEU A 195 5.95 16.06 -20.13
N GLU A 196 4.87 16.80 -20.37
CA GLU A 196 3.92 17.17 -19.34
C GLU A 196 2.51 16.94 -19.83
N PHE A 197 1.63 16.54 -18.91
CA PHE A 197 0.20 16.62 -19.17
C PHE A 197 -0.21 18.08 -19.32
N VAL A 198 -1.06 18.36 -20.31
CA VAL A 198 -1.56 19.71 -20.52
C VAL A 198 -3.08 19.66 -20.67
N ALA A 199 -3.69 20.83 -20.58
CA ALA A 199 -5.14 20.97 -20.58
C ALA A 199 -5.66 20.87 -22.01
N MET A 200 -6.52 19.88 -22.25
CA MET A 200 -7.23 19.78 -23.51
C MET A 200 -8.03 21.07 -23.75
N PRO A 201 -8.09 21.57 -24.98
CA PRO A 201 -8.81 22.82 -25.23
C PRO A 201 -10.32 22.63 -25.08
N ALA A 202 -10.98 23.67 -24.58
CA ALA A 202 -12.38 23.61 -24.20
C ALA A 202 -13.20 24.43 -25.19
N LEU A 203 -13.88 23.74 -26.10
CA LEU A 203 -14.70 24.40 -27.10
C LEU A 203 -15.90 25.10 -26.45
N ALA A 204 -16.41 26.12 -27.13
CA ALA A 204 -17.61 26.79 -26.66
C ALA A 204 -18.77 25.78 -26.66
N PRO A 205 -19.54 25.68 -25.58
CA PRO A 205 -20.61 24.68 -25.52
C PRO A 205 -21.87 25.17 -26.20
N PRO A 206 -22.71 24.25 -26.68
CA PRO A 206 -23.88 24.65 -27.46
C PRO A 206 -24.94 25.32 -26.60
N GLU A 207 -25.87 25.98 -27.27
CA GLU A 207 -27.01 26.60 -26.62
C GLU A 207 -28.17 25.61 -26.51
N VAL A 208 -29.01 25.83 -25.51
CA VAL A 208 -30.06 24.89 -25.17
C VAL A 208 -31.30 25.15 -26.03
N ASP A 211 -36.82 19.93 -25.68
CA ASP A 211 -38.18 20.24 -26.12
C ASP A 211 -39.17 20.01 -24.99
N PRO A 212 -40.34 20.67 -25.05
CA PRO A 212 -41.36 20.44 -24.02
C PRO A 212 -41.87 19.01 -23.98
N ALA A 213 -41.58 18.19 -24.99
CA ALA A 213 -42.05 16.82 -25.04
C ALA A 213 -41.36 15.91 -24.03
N LEU A 214 -40.27 16.37 -23.41
CA LEU A 214 -39.57 15.59 -22.39
C LEU A 214 -39.50 16.34 -21.06
N ALA A 215 -40.39 17.32 -20.86
CA ALA A 215 -40.37 18.09 -19.63
C ALA A 215 -40.71 17.21 -18.42
N ALA A 216 -41.84 16.51 -18.47
CA ALA A 216 -42.18 15.58 -17.41
C ALA A 216 -41.27 14.36 -17.40
N GLN A 217 -40.56 14.11 -18.49
CA GLN A 217 -39.60 13.01 -18.52
C GLN A 217 -38.39 13.31 -17.66
N TYR A 218 -37.75 14.46 -17.87
CA TYR A 218 -36.60 14.84 -17.06
C TYR A 218 -36.98 15.17 -15.63
N GLU A 219 -38.25 15.43 -15.36
CA GLU A 219 -38.67 15.66 -13.98
C GLU A 219 -38.76 14.36 -13.20
N HIS A 220 -39.12 13.26 -13.87
CA HIS A 220 -39.03 11.94 -13.24
C HIS A 220 -37.59 11.66 -12.82
N ASP A 221 -36.66 11.75 -13.77
CA ASP A 221 -35.27 11.41 -13.50
C ASP A 221 -34.67 12.32 -12.43
N LEU A 222 -35.11 13.57 -12.37
CA LEU A 222 -34.57 14.51 -11.39
C LEU A 222 -35.07 14.18 -9.98
N GLU A 223 -36.35 13.84 -9.85
CA GLU A 223 -36.90 13.43 -8.56
C GLU A 223 -36.10 12.28 -7.97
N VAL A 224 -35.81 11.27 -8.79
CA VAL A 224 -35.04 10.12 -8.32
C VAL A 224 -33.64 10.56 -7.89
N ALA A 225 -32.99 11.38 -8.71
CA ALA A 225 -31.61 11.77 -8.42
C ALA A 225 -31.53 12.59 -7.13
N GLN A 226 -32.52 13.45 -6.90
CA GLN A 226 -32.51 14.26 -5.68
C GLN A 226 -32.61 13.39 -4.43
N THR A 227 -33.36 12.29 -4.50
CA THR A 227 -33.65 11.46 -3.35
C THR A 227 -32.73 10.26 -3.22
N THR A 228 -31.69 10.17 -4.06
CA THR A 228 -30.63 9.19 -3.89
C THR A 228 -29.43 9.93 -3.30
N ALA A 229 -29.08 9.57 -2.06
CA ALA A 229 -28.03 10.30 -1.35
C ALA A 229 -26.71 10.21 -2.11
N LEU A 230 -25.95 11.29 -2.06
CA LEU A 230 -24.61 11.28 -2.63
C LEU A 230 -23.69 10.44 -1.74
N PRO A 231 -22.73 9.73 -2.32
CA PRO A 231 -21.85 8.88 -1.51
C PRO A 231 -20.75 9.68 -0.83
N ASP A 232 -20.19 9.07 0.22
CA ASP A 232 -19.01 9.60 0.89
C ASP A 232 -19.25 11.02 1.40
N GLU A 233 -20.39 11.22 2.05
CA GLU A 233 -20.76 12.56 2.49
C GLU A 233 -19.84 13.12 3.56
N ASP A 234 -18.95 12.30 4.13
CA ASP A 234 -17.98 12.77 5.11
C ASP A 234 -16.65 13.15 4.48
N ASP A 235 -16.40 12.74 3.23
CA ASP A 235 -15.19 13.15 2.55
C ASP A 235 -15.06 14.68 2.58
N ASP A 236 -13.81 15.15 2.64
CA ASP A 236 -13.57 16.58 2.64
C ASP A 236 -14.19 17.27 1.43
N LEU A 237 -14.47 16.53 0.37
CA LEU A 237 -15.12 17.10 -0.81
C LEU A 237 -15.96 16.03 -1.51
N ILE B 5 29.19 46.89 -31.93
CA ILE B 5 29.11 45.76 -32.84
C ILE B 5 27.94 44.86 -32.45
N HIS B 6 27.12 44.51 -33.43
CA HIS B 6 25.93 43.70 -33.19
C HIS B 6 26.32 42.23 -33.04
N PHE B 7 25.98 41.65 -31.90
CA PHE B 7 26.16 40.23 -31.64
C PHE B 7 24.80 39.55 -31.69
N GLU B 8 24.60 38.68 -32.67
CA GLU B 8 23.36 37.94 -32.77
C GLU B 8 23.12 37.15 -31.49
N PRO B 9 21.95 37.26 -30.87
CA PRO B 9 21.67 36.46 -29.68
C PRO B 9 21.39 35.01 -30.05
N VAL B 10 21.57 34.13 -29.07
CA VAL B 10 21.38 32.70 -29.31
C VAL B 10 19.92 32.45 -29.66
N VAL B 11 19.69 31.62 -30.66
CA VAL B 11 18.34 31.28 -31.08
C VAL B 11 17.51 30.75 -29.92
N GLU B 22 -9.26 28.90 -24.52
CA GLU B 22 -10.24 29.46 -23.60
C GLU B 22 -9.75 30.79 -23.04
N GLU B 23 -8.91 31.49 -23.82
CA GLU B 23 -8.37 32.77 -23.40
C GLU B 23 -9.24 33.95 -23.82
N ASP B 24 -10.30 33.71 -24.57
CA ASP B 24 -11.27 34.75 -24.93
C ASP B 24 -12.29 35.01 -23.82
N GLU B 25 -12.05 34.53 -22.61
CA GLU B 25 -13.04 34.56 -21.55
C GLU B 25 -12.45 35.18 -20.29
N GLU B 26 -13.33 35.60 -19.41
CA GLU B 26 -12.97 36.11 -18.09
C GLU B 26 -13.63 35.26 -17.02
N VAL B 27 -12.93 35.10 -15.89
CA VAL B 27 -13.35 34.19 -14.84
C VAL B 27 -14.20 34.96 -13.85
N LEU B 28 -15.50 34.66 -13.79
CA LEU B 28 -16.40 35.32 -12.85
C LEU B 28 -16.33 34.69 -11.47
N TYR B 29 -16.21 33.37 -11.40
CA TYR B 29 -16.22 32.65 -10.15
C TYR B 29 -15.37 31.39 -10.29
N LYS B 30 -14.69 31.03 -9.21
CA LYS B 30 -13.89 29.82 -9.16
C LYS B 30 -14.01 29.20 -7.79
N VAL B 31 -14.31 27.89 -7.75
CA VAL B 31 -14.44 27.18 -6.48
C VAL B 31 -14.05 25.72 -6.70
N ARG B 32 -13.48 25.13 -5.66
CA ARG B 32 -13.21 23.70 -5.66
C ARG B 32 -14.50 22.92 -5.47
N ALA B 33 -14.59 21.77 -6.12
CA ALA B 33 -15.84 21.02 -6.11
C ALA B 33 -15.58 19.60 -6.61
N LYS B 34 -16.51 18.71 -6.26
CA LYS B 34 -16.55 17.35 -6.80
C LYS B 34 -17.85 17.19 -7.58
N LEU B 35 -17.74 16.67 -8.79
CA LEU B 35 -18.87 16.58 -9.71
C LEU B 35 -19.34 15.13 -9.80
N PHE B 36 -20.64 14.92 -9.71
CA PHE B 36 -21.25 13.62 -9.87
C PHE B 36 -22.22 13.64 -11.05
N ARG B 37 -22.32 12.50 -11.73
CA ARG B 37 -23.33 12.25 -12.73
C ARG B 37 -24.20 11.09 -12.25
N PHE B 38 -25.50 11.18 -12.49
CA PHE B 38 -26.43 10.16 -12.01
C PHE B 38 -26.58 9.07 -13.07
N ASP B 39 -26.16 7.86 -12.73
CA ASP B 39 -26.42 6.69 -13.57
C ASP B 39 -27.82 6.17 -13.22
N ALA B 40 -28.80 6.54 -14.04
CA ALA B 40 -30.18 6.20 -13.73
C ALA B 40 -30.43 4.69 -13.77
N ASP B 41 -29.84 4.01 -14.74
CA ASP B 41 -30.07 2.57 -14.89
C ASP B 41 -29.54 1.77 -13.71
N ALA B 42 -28.64 2.37 -12.91
CA ALA B 42 -28.12 1.72 -11.71
C ALA B 42 -28.52 2.48 -10.44
N LYS B 43 -29.44 3.45 -10.55
CA LYS B 43 -29.83 4.31 -9.43
C LYS B 43 -28.63 4.61 -8.53
N GLU B 44 -27.56 5.14 -9.12
CA GLU B 44 -26.31 5.34 -8.40
C GLU B 44 -25.65 6.61 -8.90
N TRP B 45 -25.23 7.46 -7.97
CA TRP B 45 -24.40 8.60 -8.31
C TRP B 45 -22.98 8.11 -8.57
N LYS B 46 -22.36 8.65 -9.61
CA LYS B 46 -20.99 8.30 -9.98
C LYS B 46 -20.16 9.56 -10.12
N GLU B 47 -18.96 9.52 -9.55
CA GLU B 47 -18.05 10.65 -9.64
C GLU B 47 -17.61 10.86 -11.08
N ARG B 48 -17.50 12.14 -11.47
CA ARG B 48 -17.02 12.50 -12.79
C ARG B 48 -15.71 13.28 -12.77
N GLY B 49 -15.36 13.89 -11.64
CA GLY B 49 -14.14 14.67 -11.56
C GLY B 49 -14.08 15.57 -10.35
N THR B 50 -12.86 15.78 -9.85
CA THR B 50 -12.62 16.69 -8.74
C THR B 50 -11.58 17.70 -9.19
N GLY B 51 -11.87 18.99 -8.95
CA GLY B 51 -10.99 20.04 -9.42
C GLY B 51 -11.64 21.39 -9.23
N ASP B 52 -11.14 22.36 -9.99
CA ASP B 52 -11.63 23.73 -9.92
C ASP B 52 -12.82 23.90 -10.87
N CYS B 53 -13.95 24.32 -10.34
CA CYS B 53 -15.11 24.69 -11.14
C CYS B 53 -15.09 26.19 -11.38
N LYS B 54 -15.26 26.59 -12.65
CA LYS B 54 -15.14 27.98 -13.04
C LYS B 54 -16.33 28.42 -13.87
N PHE B 55 -16.77 29.66 -13.64
CA PHE B 55 -17.74 30.33 -14.48
C PHE B 55 -16.99 31.25 -15.43
N LEU B 56 -17.09 30.99 -16.73
CA LEU B 56 -16.32 31.69 -17.75
C LEU B 56 -17.25 32.51 -18.62
N LYS B 57 -16.98 33.81 -18.72
CA LYS B 57 -17.79 34.74 -19.50
C LYS B 57 -17.05 35.06 -20.80
N ASN B 58 -17.62 34.63 -21.93
CA ASN B 58 -17.03 34.91 -23.23
C ASN B 58 -17.12 36.40 -23.53
N LYS B 59 -15.97 37.03 -23.79
CA LYS B 59 -15.94 38.47 -24.03
C LYS B 59 -16.66 38.86 -25.31
N LYS B 60 -16.78 37.96 -26.28
CA LYS B 60 -17.41 38.28 -27.55
C LYS B 60 -18.92 38.05 -27.54
N THR B 61 -19.39 37.03 -26.83
CA THR B 61 -20.82 36.77 -26.72
C THR B 61 -21.41 37.17 -25.37
N ASN B 62 -20.57 37.42 -24.38
CA ASN B 62 -20.99 37.67 -23.00
C ASN B 62 -21.74 36.48 -22.39
N LYS B 63 -21.66 35.32 -23.02
CA LYS B 63 -22.31 34.12 -22.50
C LYS B 63 -21.42 33.45 -21.47
N VAL B 64 -22.03 33.03 -20.36
CA VAL B 64 -21.31 32.41 -19.26
C VAL B 64 -21.48 30.89 -19.37
N ARG B 65 -20.38 30.16 -19.20
CA ARG B 65 -20.41 28.70 -19.16
C ARG B 65 -19.76 28.22 -17.88
N ILE B 66 -20.00 26.94 -17.57
CA ILE B 66 -19.26 26.22 -16.54
C ILE B 66 -18.17 25.44 -17.23
N LEU B 67 -16.93 25.57 -16.74
CA LEU B 67 -15.83 24.72 -17.19
C LEU B 67 -15.13 24.16 -15.97
N MET B 68 -15.04 22.83 -15.89
CA MET B 68 -14.43 22.14 -14.77
C MET B 68 -13.42 21.13 -15.31
N ARG B 69 -12.22 21.12 -14.72
CA ARG B 69 -11.15 20.22 -15.12
C ARG B 69 -10.73 19.37 -13.93
N ARG B 70 -10.33 18.13 -14.21
CA ARG B 70 -9.81 17.27 -13.17
C ARG B 70 -8.39 17.70 -12.78
N ASP B 71 -8.08 17.58 -11.49
CA ASP B 71 -6.72 17.81 -11.04
C ASP B 71 -5.75 16.87 -11.77
N LYS B 72 -4.53 17.36 -11.97
CA LYS B 72 -3.42 16.56 -12.48
C LYS B 72 -3.56 16.25 -13.96
N THR B 73 -4.57 15.46 -14.33
CA THR B 73 -4.78 15.15 -15.74
C THR B 73 -5.35 16.35 -16.51
N LEU B 74 -6.02 17.27 -15.81
CA LEU B 74 -6.55 18.49 -16.41
C LEU B 74 -7.62 18.19 -17.46
N LYS B 75 -8.18 17.00 -17.44
CA LYS B 75 -9.21 16.62 -18.40
C LYS B 75 -10.54 17.26 -18.03
N ILE B 76 -11.30 17.64 -19.05
CA ILE B 76 -12.56 18.36 -18.85
C ILE B 76 -13.61 17.39 -18.34
N CYS B 77 -14.27 17.75 -17.23
CA CYS B 77 -15.37 16.97 -16.70
C CYS B 77 -16.69 17.73 -16.68
N ALA B 78 -16.71 19.00 -17.10
CA ALA B 78 -17.95 19.73 -17.26
C ALA B 78 -17.71 20.91 -18.19
N ASN B 79 -18.59 21.10 -19.17
CA ASN B 79 -18.48 22.21 -20.11
C ASN B 79 -19.87 22.44 -20.71
N HIS B 80 -20.57 23.46 -20.22
CA HIS B 80 -21.93 23.72 -20.68
C HIS B 80 -22.34 25.11 -20.23
N ILE B 81 -23.28 25.70 -20.98
CA ILE B 81 -23.82 27.01 -20.64
C ILE B 81 -24.61 26.91 -19.35
N ILE B 82 -24.54 27.95 -18.52
CA ILE B 82 -25.40 28.07 -17.35
C ILE B 82 -26.77 28.55 -17.84
N ALA B 83 -27.52 27.64 -18.46
CA ALA B 83 -28.76 28.01 -19.12
C ALA B 83 -29.71 28.68 -18.12
N PRO B 84 -30.46 29.71 -18.52
CA PRO B 84 -31.38 30.36 -17.57
C PRO B 84 -32.50 29.47 -17.07
N GLU B 85 -32.83 28.37 -17.76
CA GLU B 85 -33.93 27.52 -17.33
C GLU B 85 -33.50 26.43 -16.36
N TYR B 86 -32.21 26.26 -16.11
CA TYR B 86 -31.75 25.27 -15.15
C TYR B 86 -32.14 25.69 -13.73
N THR B 87 -32.33 24.71 -12.86
CA THR B 87 -32.77 24.95 -11.50
C THR B 87 -31.97 24.09 -10.54
N LEU B 88 -31.32 24.72 -9.57
CA LEU B 88 -30.53 24.01 -8.57
C LEU B 88 -31.43 23.53 -7.44
N LYS B 89 -31.33 22.25 -7.11
CA LYS B 89 -32.14 21.65 -6.07
C LYS B 89 -31.26 20.95 -5.05
N PRO B 90 -31.67 20.88 -3.79
CA PRO B 90 -30.88 20.16 -2.79
C PRO B 90 -30.90 18.66 -3.02
N ASN B 91 -29.86 18.01 -2.52
CA ASN B 91 -29.82 16.55 -2.44
C ASN B 91 -30.16 16.11 -1.02
N VAL B 92 -30.89 15.00 -0.92
CA VAL B 92 -31.43 14.57 0.38
C VAL B 92 -30.32 14.38 1.40
N GLY B 93 -29.15 13.93 0.97
CA GLY B 93 -28.09 13.55 1.89
C GLY B 93 -27.03 14.59 2.14
N SER B 94 -27.23 15.85 1.73
CA SER B 94 -26.16 16.83 1.79
C SER B 94 -26.73 18.24 1.93
N ASP B 95 -26.08 19.04 2.78
CA ASP B 95 -26.38 20.46 2.90
C ASP B 95 -25.33 21.32 2.20
N ARG B 96 -24.55 20.73 1.29
CA ARG B 96 -23.47 21.43 0.61
C ARG B 96 -23.35 20.98 -0.84
N SER B 97 -24.47 20.62 -1.46
CA SER B 97 -24.49 20.16 -2.83
C SER B 97 -25.72 20.70 -3.54
N TRP B 98 -25.67 20.67 -4.87
CA TRP B 98 -26.80 21.03 -5.70
C TRP B 98 -26.99 19.97 -6.78
N VAL B 99 -28.25 19.68 -7.09
CA VAL B 99 -28.62 18.78 -8.17
C VAL B 99 -29.34 19.59 -9.23
N TYR B 100 -28.97 19.40 -10.50
CA TYR B 100 -29.70 20.02 -11.58
C TYR B 100 -29.50 19.21 -12.85
N ALA B 101 -30.47 19.33 -13.76
CA ALA B 101 -30.42 18.65 -15.04
C ALA B 101 -29.69 19.52 -16.05
N CYS B 102 -28.93 18.87 -16.93
CA CYS B 102 -28.18 19.56 -17.96
C CYS B 102 -28.51 18.90 -19.29
N THR B 103 -28.83 19.71 -20.30
CA THR B 103 -29.30 19.21 -21.58
C THR B 103 -28.21 19.07 -22.63
N ALA B 104 -27.10 19.81 -22.50
CA ALA B 104 -26.02 19.72 -23.49
C ALA B 104 -24.71 20.02 -22.78
N ASP B 105 -24.02 18.95 -22.37
CA ASP B 105 -22.65 19.05 -21.86
C ASP B 105 -21.71 18.36 -22.84
N ILE B 106 -20.54 18.97 -23.08
CA ILE B 106 -19.63 18.50 -24.11
C ILE B 106 -18.26 18.18 -23.54
N ALA B 107 -18.22 17.69 -22.30
CA ALA B 107 -16.94 17.32 -21.72
C ALA B 107 -16.35 16.08 -22.38
N GLU B 108 -17.20 15.15 -22.83
CA GLU B 108 -16.74 13.89 -23.42
C GLU B 108 -17.41 13.67 -24.78
N GLY B 109 -17.11 14.56 -25.72
CA GLY B 109 -17.49 14.35 -27.11
C GLY B 109 -18.83 14.96 -27.43
N GLU B 110 -19.69 14.18 -28.11
CA GLU B 110 -21.00 14.66 -28.53
C GLU B 110 -21.72 15.34 -27.37
N ALA B 111 -22.48 16.38 -27.69
CA ALA B 111 -23.37 16.95 -26.70
C ALA B 111 -24.29 15.87 -26.14
N GLU B 112 -24.72 16.07 -24.91
CA GLU B 112 -25.41 15.01 -24.19
C GLU B 112 -25.98 15.59 -22.90
N ALA B 113 -27.09 15.00 -22.45
CA ALA B 113 -27.79 15.48 -21.28
C ALA B 113 -27.41 14.64 -20.06
N PHE B 114 -27.33 15.30 -18.90
CA PHE B 114 -26.99 14.62 -17.66
C PHE B 114 -27.80 15.23 -16.53
N THR B 115 -27.99 14.45 -15.47
CA THR B 115 -28.40 14.96 -14.17
C THR B 115 -27.15 15.03 -13.30
N PHE B 116 -26.70 16.25 -13.01
CA PHE B 116 -25.47 16.47 -12.28
C PHE B 116 -25.73 16.69 -10.80
N ALA B 117 -24.70 16.44 -10.00
CA ALA B 117 -24.62 16.93 -8.64
C ALA B 117 -23.20 17.46 -8.42
N ILE B 118 -23.11 18.60 -7.75
CA ILE B 118 -21.83 19.23 -7.45
C ILE B 118 -21.76 19.48 -5.95
N ARG B 119 -20.71 18.99 -5.33
CA ARG B 119 -20.51 19.14 -3.89
C ARG B 119 -19.30 20.01 -3.62
N PHE B 120 -19.34 20.72 -2.49
CA PHE B 120 -18.32 21.70 -2.15
C PHE B 120 -17.79 21.39 -0.75
N GLY B 121 -16.75 22.14 -0.36
CA GLY B 121 -16.11 21.88 0.92
C GLY B 121 -16.93 22.32 2.11
N SER B 122 -17.90 23.21 1.91
CA SER B 122 -18.68 23.76 3.01
C SER B 122 -20.04 24.18 2.49
N LYS B 123 -21.01 24.28 3.42
CA LYS B 123 -22.30 24.85 3.05
C LYS B 123 -22.15 26.27 2.54
N GLU B 124 -21.17 27.01 3.06
CA GLU B 124 -20.97 28.39 2.65
C GLU B 124 -20.56 28.47 1.18
N ASN B 125 -19.61 27.62 0.77
CA ASN B 125 -19.26 27.55 -0.64
C ASN B 125 -20.45 27.12 -1.50
N ALA B 126 -21.28 26.21 -0.97
CA ALA B 126 -22.44 25.75 -1.73
C ALA B 126 -23.42 26.89 -1.96
N ASP B 127 -23.69 27.71 -0.93
CA ASP B 127 -24.63 28.81 -1.09
C ASP B 127 -24.05 29.90 -1.98
N LYS B 128 -22.76 30.22 -1.81
CA LYS B 128 -22.12 31.19 -2.69
C LYS B 128 -22.19 30.74 -4.14
N PHE B 129 -21.96 29.45 -4.39
CA PHE B 129 -22.06 28.91 -5.75
C PHE B 129 -23.46 29.14 -6.32
N LYS B 130 -24.50 28.91 -5.51
CA LYS B 130 -25.87 29.11 -6.00
C LYS B 130 -26.10 30.58 -6.35
N GLU B 131 -25.63 31.49 -5.50
CA GLU B 131 -25.70 32.91 -5.80
C GLU B 131 -25.06 33.21 -7.16
N GLU B 132 -23.76 32.90 -7.28
CA GLU B 132 -23.05 33.12 -8.54
C GLU B 132 -23.75 32.43 -9.71
N PHE B 133 -24.27 31.23 -9.48
CA PHE B 133 -24.95 30.50 -10.54
C PHE B 133 -26.16 31.27 -11.06
N GLU B 134 -26.87 31.95 -10.17
CA GLU B 134 -28.06 32.69 -10.59
C GLU B 134 -27.71 34.03 -11.21
N LYS B 135 -26.68 34.72 -10.69
CA LYS B 135 -26.19 35.92 -11.37
C LYS B 135 -25.84 35.61 -12.81
N ALA B 136 -25.15 34.48 -13.04
CA ALA B 136 -24.73 34.13 -14.40
C ALA B 136 -25.94 33.80 -15.28
N GLN B 137 -26.99 33.20 -14.72
CA GLN B 137 -28.19 32.93 -15.50
C GLN B 137 -28.79 34.22 -16.04
N GLU B 138 -28.81 35.27 -15.22
CA GLU B 138 -29.36 36.54 -15.67
C GLU B 138 -28.45 37.22 -16.69
N ILE B 139 -27.13 37.11 -16.50
CA ILE B 139 -26.20 37.57 -17.52
C ILE B 139 -26.48 36.85 -18.83
N ASN B 140 -26.78 35.55 -18.76
CA ASN B 140 -27.14 34.79 -19.95
C ASN B 140 -28.56 35.11 -20.42
N LYS B 141 -29.39 35.71 -19.57
CA LYS B 141 -30.73 36.10 -19.98
C LYS B 141 -30.67 37.18 -21.06
N LYS B 142 -29.79 38.15 -20.89
CA LYS B 142 -29.65 39.26 -21.83
C LYS B 142 -28.67 38.89 -22.96
N SER C 3 -20.04 -17.40 -35.66
CA SER C 3 -19.11 -17.75 -36.73
C SER C 3 -17.73 -18.09 -36.18
N MET C 4 -17.14 -17.13 -35.47
CA MET C 4 -15.83 -17.37 -34.86
C MET C 4 -15.83 -18.56 -33.90
N GLU C 5 -16.98 -18.92 -33.36
CA GLU C 5 -17.10 -19.96 -32.36
C GLU C 5 -17.00 -21.37 -32.96
N GLY C 6 -16.48 -21.50 -34.17
CA GLY C 6 -16.37 -22.81 -34.80
C GLY C 6 -15.20 -23.63 -34.32
N ILE C 7 -14.11 -22.98 -33.90
CA ILE C 7 -12.98 -23.70 -33.35
C ILE C 7 -13.32 -24.40 -32.05
N LEU C 8 -14.46 -24.07 -31.45
CA LEU C 8 -14.90 -24.72 -30.22
C LEU C 8 -15.61 -26.05 -30.48
N ASP C 9 -15.79 -26.44 -31.74
CA ASP C 9 -16.41 -27.72 -32.09
C ASP C 9 -15.30 -28.71 -32.41
N PHE C 10 -15.08 -29.67 -31.52
CA PHE C 10 -13.95 -30.59 -31.62
C PHE C 10 -14.28 -31.85 -32.41
N SER C 11 -15.55 -32.11 -32.72
CA SER C 11 -15.87 -33.23 -33.60
C SER C 11 -15.26 -33.04 -34.98
N ASN C 12 -15.37 -31.82 -35.52
CA ASN C 12 -14.75 -31.48 -36.78
C ASN C 12 -13.25 -31.27 -36.60
N ASP C 13 -12.50 -31.47 -37.68
CA ASP C 13 -11.10 -31.10 -37.70
C ASP C 13 -10.95 -29.64 -37.29
N LEU C 14 -9.79 -29.28 -36.76
CA LEU C 14 -9.53 -27.89 -36.39
C LEU C 14 -9.09 -27.11 -37.62
N ASP C 15 -9.83 -26.07 -37.97
CA ASP C 15 -9.47 -25.19 -39.08
C ASP C 15 -8.43 -24.21 -38.59
N ILE C 16 -7.16 -24.48 -38.85
CA ILE C 16 -6.08 -23.58 -38.43
C ILE C 16 -6.36 -22.16 -38.89
N ALA C 17 -6.87 -22.01 -40.10
CA ALA C 17 -7.14 -20.67 -40.63
C ALA C 17 -8.19 -19.95 -39.79
N LEU C 18 -9.18 -20.68 -39.29
CA LEU C 18 -10.17 -20.06 -38.42
C LEU C 18 -9.55 -19.70 -37.07
N LEU C 19 -8.60 -20.50 -36.58
CA LEU C 19 -7.91 -20.16 -35.36
C LEU C 19 -7.13 -18.86 -35.50
N ASP C 20 -6.37 -18.72 -36.59
CA ASP C 20 -5.55 -17.54 -36.78
C ASP C 20 -6.37 -16.27 -36.89
N GLN C 21 -7.63 -16.38 -37.33
CA GLN C 21 -8.48 -15.20 -37.41
C GLN C 21 -9.00 -14.79 -36.04
N VAL C 22 -9.43 -15.76 -35.23
CA VAL C 22 -9.83 -15.45 -33.86
C VAL C 22 -8.67 -14.79 -33.13
N VAL C 23 -7.48 -15.35 -33.27
CA VAL C 23 -6.29 -14.80 -32.59
C VAL C 23 -6.01 -13.40 -33.08
N SER C 24 -5.95 -13.21 -34.40
CA SER C 24 -5.65 -11.89 -34.94
C SER C 24 -6.67 -10.85 -34.48
N THR C 25 -7.96 -11.22 -34.50
CA THR C 25 -8.99 -10.29 -34.05
C THR C 25 -8.80 -9.93 -32.59
N PHE C 26 -8.32 -10.88 -31.78
CA PHE C 26 -8.09 -10.59 -30.37
C PHE C 26 -6.91 -9.64 -30.19
N TYR C 27 -5.76 -9.98 -30.78
CA TYR C 27 -4.55 -9.23 -30.52
C TYR C 27 -4.51 -7.91 -31.29
N GLN C 28 -4.93 -7.92 -32.55
CA GLN C 28 -4.90 -6.72 -33.38
C GLN C 28 -6.27 -6.07 -33.58
N GLY C 29 -7.35 -6.73 -33.18
CA GLY C 29 -8.67 -6.15 -33.30
C GLY C 29 -8.97 -5.17 -32.19
N SER C 30 -10.24 -4.80 -32.09
CA SER C 30 -10.67 -3.82 -31.10
C SER C 30 -12.15 -4.01 -30.81
N GLY C 31 -12.59 -3.40 -29.71
CA GLY C 31 -14.01 -3.32 -29.41
C GLY C 31 -14.68 -4.68 -29.28
N VAL C 32 -15.88 -4.78 -29.85
CA VAL C 32 -16.73 -5.95 -29.65
C VAL C 32 -16.09 -7.20 -30.25
N GLN C 33 -15.54 -7.08 -31.46
CA GLN C 33 -14.89 -8.24 -32.07
C GLN C 33 -13.80 -8.79 -31.17
N GLN C 34 -12.87 -7.93 -30.76
CA GLN C 34 -11.79 -8.37 -29.86
C GLN C 34 -12.35 -9.02 -28.61
N LYS C 35 -13.38 -8.43 -28.01
CA LYS C 35 -13.96 -9.00 -26.79
C LYS C 35 -14.51 -10.39 -27.05
N GLN C 36 -15.29 -10.56 -28.12
CA GLN C 36 -15.86 -11.87 -28.44
C GLN C 36 -14.77 -12.89 -28.71
N ALA C 37 -13.76 -12.51 -29.50
CA ALA C 37 -12.65 -13.42 -29.77
C ALA C 37 -11.94 -13.80 -28.47
N GLN C 38 -11.78 -12.84 -27.56
CA GLN C 38 -11.13 -13.12 -26.28
C GLN C 38 -11.85 -14.22 -25.54
N GLU C 39 -13.19 -14.15 -25.49
CA GLU C 39 -13.96 -15.18 -24.79
C GLU C 39 -13.85 -16.52 -25.50
N ILE C 40 -13.77 -16.51 -26.84
CA ILE C 40 -13.64 -17.75 -27.59
C ILE C 40 -12.29 -18.41 -27.31
N LEU C 41 -11.21 -17.61 -27.36
CA LEU C 41 -9.88 -18.17 -27.14
C LEU C 41 -9.75 -18.74 -25.74
N THR C 42 -10.37 -18.10 -24.74
CA THR C 42 -10.33 -18.63 -23.39
C THR C 42 -11.08 -19.96 -23.29
N LYS C 43 -12.26 -20.04 -23.91
CA LYS C 43 -13.00 -21.30 -23.92
C LYS C 43 -12.21 -22.38 -24.64
N PHE C 44 -11.52 -22.02 -25.72
CA PHE C 44 -10.70 -22.99 -26.44
C PHE C 44 -9.56 -23.50 -25.56
N GLN C 45 -8.77 -22.59 -25.00
CA GLN C 45 -7.61 -22.97 -24.20
C GLN C 45 -8.00 -23.83 -23.00
N ASP C 46 -9.20 -23.62 -22.44
CA ASP C 46 -9.62 -24.32 -21.24
C ASP C 46 -10.24 -25.69 -21.53
N ASN C 47 -10.44 -26.03 -22.80
CA ASN C 47 -10.94 -27.35 -23.14
C ASN C 47 -9.92 -28.41 -22.73
N PRO C 48 -10.28 -29.39 -21.89
CA PRO C 48 -9.27 -30.37 -21.44
C PRO C 48 -8.67 -31.20 -22.57
N ASP C 49 -9.24 -31.17 -23.77
CA ASP C 49 -8.69 -31.88 -24.92
C ASP C 49 -7.94 -30.97 -25.87
N ALA C 50 -7.90 -29.65 -25.62
CA ALA C 50 -7.23 -28.73 -26.52
C ALA C 50 -5.77 -29.09 -26.72
N TRP C 51 -5.15 -29.75 -25.74
CA TRP C 51 -3.73 -30.08 -25.86
C TRP C 51 -3.47 -31.04 -27.01
N GLN C 52 -4.45 -31.88 -27.34
CA GLN C 52 -4.27 -32.84 -28.43
C GLN C 52 -4.08 -32.15 -29.77
N LYS C 53 -4.67 -30.97 -29.93
CA LYS C 53 -4.56 -30.21 -31.17
C LYS C 53 -3.40 -29.23 -31.15
N ALA C 54 -2.52 -29.33 -30.15
CA ALA C 54 -1.35 -28.46 -30.10
C ALA C 54 -0.34 -28.82 -31.19
N ASP C 55 -0.13 -30.11 -31.43
CA ASP C 55 0.83 -30.53 -32.44
C ASP C 55 0.41 -30.02 -33.82
N GLN C 56 -0.89 -30.06 -34.11
CA GLN C 56 -1.38 -29.51 -35.37
C GLN C 56 -1.04 -28.03 -35.48
N ILE C 57 -1.42 -27.24 -34.47
CA ILE C 57 -1.19 -25.80 -34.50
C ILE C 57 0.28 -25.49 -34.71
N LEU C 58 1.16 -26.17 -33.97
CA LEU C 58 2.58 -25.87 -34.05
C LEU C 58 3.16 -26.16 -35.43
N GLN C 59 2.60 -27.13 -36.14
CA GLN C 59 3.13 -27.50 -37.46
C GLN C 59 2.52 -26.66 -38.58
N PHE C 60 1.19 -26.48 -38.56
CA PHE C 60 0.47 -25.98 -39.73
C PHE C 60 -0.05 -24.56 -39.56
N SER C 61 0.30 -23.87 -38.48
CA SER C 61 -0.10 -22.48 -38.28
C SER C 61 1.02 -21.55 -38.73
N THR C 62 0.62 -20.35 -39.17
CA THR C 62 1.56 -19.30 -39.54
C THR C 62 1.43 -18.08 -38.63
N ASN C 63 0.73 -18.22 -37.50
CA ASN C 63 0.54 -17.12 -36.57
C ASN C 63 1.30 -17.41 -35.29
N PRO C 64 2.36 -16.65 -34.95
CA PRO C 64 3.12 -16.97 -33.73
C PRO C 64 2.29 -16.85 -32.46
N GLN C 65 1.33 -15.93 -32.40
CA GLN C 65 0.45 -15.87 -31.24
C GLN C 65 -0.32 -17.18 -31.08
N SER C 66 -0.75 -17.78 -32.18
CA SER C 66 -1.48 -19.04 -32.10
C SER C 66 -0.60 -20.16 -31.55
N LYS C 67 0.65 -20.24 -32.03
CA LYS C 67 1.57 -21.23 -31.48
C LYS C 67 1.85 -20.98 -30.01
N PHE C 68 1.98 -19.70 -29.63
CA PHE C 68 2.16 -19.34 -28.23
C PHE C 68 1.02 -19.90 -27.38
N ILE C 69 -0.22 -19.67 -27.82
CA ILE C 69 -1.37 -20.17 -27.07
C ILE C 69 -1.37 -21.70 -27.07
N ALA C 70 -0.87 -22.33 -28.13
CA ALA C 70 -0.76 -23.78 -28.15
C ALA C 70 0.17 -24.27 -27.05
N LEU C 71 1.30 -23.58 -26.87
CA LEU C 71 2.25 -23.96 -25.82
C LEU C 71 1.68 -23.70 -24.43
N SER C 72 0.92 -22.61 -24.28
CA SER C 72 0.24 -22.37 -23.00
C SER C 72 -0.69 -23.54 -22.66
N ILE C 73 -1.42 -24.04 -23.65
CA ILE C 73 -2.27 -25.21 -23.42
C ILE C 73 -1.42 -26.40 -23.01
N LEU C 74 -0.31 -26.63 -23.74
CA LEU C 74 0.60 -27.70 -23.36
C LEU C 74 1.15 -27.49 -21.96
N ASP C 75 1.49 -26.24 -21.62
CA ASP C 75 2.02 -25.96 -20.30
C ASP C 75 1.07 -26.42 -19.20
N LYS C 76 -0.20 -26.02 -19.29
CA LYS C 76 -1.18 -26.47 -18.31
C LYS C 76 -1.19 -27.99 -18.18
N LEU C 77 -1.13 -28.68 -19.31
CA LEU C 77 -1.21 -30.13 -19.31
C LEU C 77 0.03 -30.76 -18.66
N ILE C 78 1.22 -30.23 -18.97
CA ILE C 78 2.44 -30.78 -18.39
C ILE C 78 2.49 -30.56 -16.89
N THR C 79 2.09 -29.37 -16.44
CA THR C 79 2.26 -29.04 -15.03
C THR C 79 1.18 -29.64 -14.14
N ARG C 80 0.04 -30.04 -14.68
CA ARG C 80 -1.06 -30.55 -13.88
C ARG C 80 -1.42 -32.00 -14.15
N LYS C 81 -1.25 -32.51 -15.37
CA LYS C 81 -1.75 -33.83 -15.73
C LYS C 81 -0.71 -34.72 -16.41
N TRP C 82 0.55 -34.30 -16.46
CA TRP C 82 1.60 -35.07 -17.12
C TRP C 82 1.57 -36.55 -16.76
N LYS C 83 1.57 -36.87 -15.47
CA LYS C 83 1.72 -38.26 -15.03
C LYS C 83 0.47 -39.09 -15.30
N LEU C 84 -0.66 -38.44 -15.59
CA LEU C 84 -1.88 -39.17 -15.93
C LEU C 84 -1.83 -39.73 -17.34
N LEU C 85 -0.96 -39.20 -18.19
CA LEU C 85 -0.97 -39.54 -19.60
C LEU C 85 -0.47 -40.97 -19.83
N PRO C 86 -0.87 -41.58 -20.96
CA PRO C 86 -0.14 -42.76 -21.43
C PRO C 86 1.31 -42.37 -21.71
N ASN C 87 2.23 -43.27 -21.36
CA ASN C 87 3.64 -42.99 -21.61
C ASN C 87 3.89 -42.72 -23.09
N ASP C 88 2.99 -43.16 -23.97
CA ASP C 88 3.09 -42.81 -25.38
C ASP C 88 3.11 -41.30 -25.58
N HIS C 89 2.11 -40.61 -25.02
CA HIS C 89 1.98 -39.17 -25.25
C HIS C 89 3.12 -38.39 -24.60
N ARG C 90 3.60 -38.84 -23.44
CA ARG C 90 4.71 -38.14 -22.79
C ARG C 90 5.93 -38.09 -23.71
N ILE C 91 6.30 -39.22 -24.30
CA ILE C 91 7.41 -39.25 -25.24
C ILE C 91 7.09 -38.40 -26.46
N GLY C 92 5.84 -38.50 -26.95
CA GLY C 92 5.47 -37.75 -28.14
C GLY C 92 5.54 -36.26 -27.95
N ILE C 93 5.00 -35.76 -26.83
CA ILE C 93 5.02 -34.33 -26.55
C ILE C 93 6.46 -33.85 -26.41
N ARG C 94 7.26 -34.58 -25.64
CA ARG C 94 8.67 -34.25 -25.48
C ARG C 94 9.36 -34.14 -26.83
N ASN C 95 9.08 -35.08 -27.74
CA ASN C 95 9.82 -35.13 -28.99
C ASN C 95 9.49 -33.96 -29.90
N PHE C 96 8.23 -33.53 -29.97
CA PHE C 96 7.87 -32.45 -30.87
C PHE C 96 8.00 -31.08 -30.22
N VAL C 97 8.34 -31.00 -28.93
CA VAL C 97 8.82 -29.75 -28.36
C VAL C 97 10.31 -29.60 -28.61
N VAL C 98 11.07 -30.69 -28.44
CA VAL C 98 12.49 -30.67 -28.78
C VAL C 98 12.68 -30.31 -30.25
N GLY C 99 11.94 -30.99 -31.13
CA GLY C 99 12.15 -30.77 -32.56
C GLY C 99 11.72 -29.39 -33.00
N MET C 100 10.63 -28.86 -32.41
CA MET C 100 10.20 -27.52 -32.76
C MET C 100 11.27 -26.49 -32.42
N ILE C 101 11.95 -26.68 -31.29
CA ILE C 101 13.00 -25.74 -30.90
C ILE C 101 14.20 -25.85 -31.83
N ILE C 102 14.58 -27.08 -32.19
CA ILE C 102 15.72 -27.26 -33.10
C ILE C 102 15.46 -26.56 -34.42
N SER C 103 14.25 -26.72 -34.96
CA SER C 103 13.96 -26.18 -36.28
C SER C 103 13.79 -24.66 -36.27
N MET C 104 13.38 -24.10 -35.13
CA MET C 104 13.36 -22.64 -35.02
C MET C 104 14.77 -22.08 -34.90
N CYS C 105 15.68 -22.82 -34.27
CA CYS C 105 17.06 -22.35 -34.13
C CYS C 105 17.82 -22.45 -35.45
N GLN C 106 17.51 -23.45 -36.28
CA GLN C 106 18.22 -23.65 -37.53
C GLN C 106 17.81 -22.67 -38.62
N ASP C 107 16.73 -21.91 -38.42
CA ASP C 107 16.24 -20.94 -39.41
C ASP C 107 16.59 -19.55 -38.89
N ASP C 108 17.68 -18.97 -39.41
CA ASP C 108 18.14 -17.68 -38.93
C ASP C 108 17.03 -16.62 -39.01
N GLU C 109 16.09 -16.77 -39.93
CA GLU C 109 15.00 -15.80 -40.03
C GLU C 109 14.02 -15.97 -38.87
N VAL C 110 13.65 -17.21 -38.55
CA VAL C 110 12.76 -17.45 -37.42
C VAL C 110 13.45 -17.13 -36.11
N PHE C 111 14.69 -17.61 -35.94
CA PHE C 111 15.45 -17.33 -34.74
C PHE C 111 15.52 -15.83 -34.46
N LYS C 112 15.55 -15.02 -35.51
CA LYS C 112 15.72 -13.58 -35.36
C LYS C 112 14.41 -12.88 -35.05
N THR C 113 13.28 -13.37 -35.58
CA THR C 113 12.04 -12.61 -35.58
C THR C 113 10.94 -13.21 -34.70
N GLN C 114 11.14 -14.40 -34.15
N GLN C 114 11.14 -14.38 -34.13
CA GLN C 114 10.13 -15.04 -33.31
CA GLN C 114 10.13 -15.04 -33.30
C GLN C 114 10.70 -15.37 -31.94
C GLN C 114 10.72 -15.38 -31.93
N LYS C 115 11.35 -14.39 -31.30
CA LYS C 115 11.98 -14.63 -30.01
C LYS C 115 10.96 -14.93 -28.92
N ASN C 116 9.79 -14.27 -28.97
CA ASN C 116 8.75 -14.56 -27.99
C ASN C 116 8.34 -16.02 -28.06
N LEU C 117 8.23 -16.58 -29.27
CA LEU C 117 7.77 -17.95 -29.42
C LEU C 117 8.85 -18.94 -29.01
N ILE C 118 10.12 -18.62 -29.30
CA ILE C 118 11.22 -19.50 -28.87
C ILE C 118 11.34 -19.50 -27.36
N ASN C 119 11.26 -18.32 -26.73
CA ASN C 119 11.32 -18.26 -25.27
C ASN C 119 10.19 -19.07 -24.65
N LYS C 120 8.97 -18.95 -25.20
CA LYS C 120 7.86 -19.76 -24.71
C LYS C 120 8.15 -21.24 -24.89
N SER C 121 8.73 -21.63 -26.03
CA SER C 121 9.04 -23.04 -26.27
C SER C 121 10.12 -23.54 -25.31
N ASP C 122 11.13 -22.70 -25.04
CA ASP C 122 12.16 -23.08 -24.07
C ASP C 122 11.56 -23.30 -22.70
N LEU C 123 10.67 -22.39 -22.27
CA LEU C 123 10.05 -22.56 -20.96
C LEU C 123 9.22 -23.84 -20.91
N THR C 124 8.50 -24.14 -21.99
CA THR C 124 7.73 -25.38 -22.04
C THR C 124 8.64 -26.59 -21.91
N LEU C 125 9.77 -26.58 -22.62
CA LEU C 125 10.78 -27.62 -22.46
C LEU C 125 11.18 -27.76 -21.00
N VAL C 126 11.39 -26.63 -20.32
CA VAL C 126 11.82 -26.67 -18.93
C VAL C 126 10.76 -27.34 -18.06
N GLN C 127 9.48 -27.09 -18.36
CA GLN C 127 8.42 -27.75 -17.59
C GLN C 127 8.49 -29.26 -17.76
N ILE C 128 8.87 -29.73 -18.94
CA ILE C 128 9.07 -31.16 -19.16
C ILE C 128 10.27 -31.66 -18.35
N LEU C 129 11.35 -30.88 -18.33
CA LEU C 129 12.53 -31.28 -17.56
C LEU C 129 12.20 -31.43 -16.08
N LYS C 130 11.35 -30.55 -15.55
CA LYS C 130 11.00 -30.65 -14.14
C LYS C 130 10.24 -31.93 -13.84
N GLN C 131 9.54 -32.48 -14.83
CA GLN C 131 8.85 -33.76 -14.69
C GLN C 131 9.76 -34.95 -14.97
N GLU C 132 10.65 -34.83 -15.96
CA GLU C 132 11.33 -35.98 -16.55
C GLU C 132 12.82 -36.05 -16.25
N TRP C 133 13.44 -34.96 -15.83
CA TRP C 133 14.90 -34.92 -15.77
C TRP C 133 15.39 -34.92 -14.32
N PRO C 134 16.49 -35.61 -14.00
CA PRO C 134 17.32 -36.46 -14.86
C PRO C 134 16.91 -37.93 -14.96
N GLN C 135 15.94 -38.35 -14.14
CA GLN C 135 15.67 -39.78 -13.99
C GLN C 135 15.28 -40.42 -15.32
N ASN C 136 14.51 -39.71 -16.16
CA ASN C 136 14.06 -40.24 -17.44
C ASN C 136 14.67 -39.47 -18.61
N TRP C 137 15.84 -38.87 -18.40
CA TRP C 137 16.47 -38.05 -19.41
C TRP C 137 17.91 -37.75 -18.99
N PRO C 138 18.67 -38.77 -18.59
CA PRO C 138 19.99 -38.51 -18.00
C PRO C 138 20.97 -37.86 -18.95
N GLU C 139 20.72 -37.90 -20.25
CA GLU C 139 21.65 -37.38 -21.24
C GLU C 139 21.34 -35.96 -21.67
N PHE C 140 20.35 -35.31 -21.05
CA PHE C 140 19.93 -33.99 -21.52
C PHE C 140 21.11 -33.01 -21.51
N ILE C 141 21.87 -32.99 -20.43
CA ILE C 141 22.91 -31.97 -20.25
C ILE C 141 24.09 -32.29 -21.15
N PRO C 142 24.65 -33.50 -21.15
CA PRO C 142 25.73 -33.80 -22.11
C PRO C 142 25.33 -33.53 -23.55
N GLU C 143 24.10 -33.85 -23.94
CA GLU C 143 23.67 -33.59 -25.31
C GLU C 143 23.49 -32.10 -25.57
N LEU C 144 23.03 -31.35 -24.56
CA LEU C 144 22.95 -29.90 -24.70
C LEU C 144 24.33 -29.32 -24.98
N ILE C 145 25.34 -29.78 -24.26
CA ILE C 145 26.69 -29.25 -24.44
C ILE C 145 27.23 -29.63 -25.82
N GLY C 146 26.97 -30.86 -26.26
CA GLY C 146 27.45 -31.26 -27.57
C GLY C 146 26.85 -30.44 -28.69
N SER C 147 25.54 -30.23 -28.66
CA SER C 147 24.87 -29.46 -29.70
C SER C 147 25.20 -27.98 -29.67
N SER C 148 25.78 -27.49 -28.57
CA SER C 148 26.12 -26.07 -28.49
C SER C 148 27.23 -25.70 -29.47
N SER C 149 28.18 -26.60 -29.69
CA SER C 149 29.32 -26.30 -30.54
C SER C 149 29.01 -26.36 -32.03
N SER C 150 27.91 -27.02 -32.40
CA SER C 150 27.57 -27.20 -33.80
C SER C 150 26.78 -26.02 -34.38
N SER C 151 26.47 -25.01 -33.57
CA SER C 151 25.67 -23.89 -34.05
C SER C 151 25.67 -22.80 -32.99
N VAL C 152 25.82 -21.55 -33.44
CA VAL C 152 25.81 -20.41 -32.52
C VAL C 152 24.39 -20.15 -32.03
N ASN C 153 23.40 -20.25 -32.92
CA ASN C 153 22.02 -20.01 -32.51
C ASN C 153 21.55 -21.03 -31.49
N VAL C 154 21.95 -22.29 -31.66
CA VAL C 154 21.56 -23.33 -30.72
C VAL C 154 22.29 -23.14 -29.39
N CYS C 155 23.55 -22.71 -29.44
CA CYS C 155 24.29 -22.44 -28.22
C CYS C 155 23.64 -21.30 -27.44
N GLU C 156 23.28 -20.23 -28.14
CA GLU C 156 22.61 -19.10 -27.49
C GLU C 156 21.30 -19.54 -26.85
N ASN C 157 20.49 -20.30 -27.59
CA ASN C 157 19.20 -20.74 -27.05
C ASN C 157 19.39 -21.67 -25.86
N ASN C 158 20.42 -22.51 -25.88
CA ASN C 158 20.69 -23.37 -24.73
C ASN C 158 20.98 -22.56 -23.48
N MET C 159 21.60 -21.38 -23.63
CA MET C 159 21.81 -20.51 -22.48
C MET C 159 20.48 -19.99 -21.94
N ILE C 160 19.50 -19.76 -22.81
CA ILE C 160 18.18 -19.37 -22.35
C ILE C 160 17.50 -20.53 -21.61
N VAL C 161 17.67 -21.75 -22.12
CA VAL C 161 17.09 -22.92 -21.46
C VAL C 161 17.72 -23.13 -20.10
N LEU C 162 19.04 -23.01 -20.01
CA LEU C 162 19.71 -23.19 -18.73
C LEU C 162 19.34 -22.09 -17.75
N LYS C 163 19.17 -20.86 -18.26
CA LYS C 163 18.74 -19.76 -17.40
C LYS C 163 17.36 -20.06 -16.80
N LEU C 164 16.40 -20.46 -17.64
CA LEU C 164 15.07 -20.75 -17.16
C LEU C 164 15.07 -21.94 -16.21
N LEU C 165 15.89 -22.95 -16.49
CA LEU C 165 15.96 -24.11 -15.61
C LEU C 165 16.48 -23.72 -14.23
N SER C 166 17.56 -22.93 -14.20
CA SER C 166 18.10 -22.46 -12.92
C SER C 166 17.04 -21.65 -12.17
N GLU C 167 16.31 -20.79 -12.87
CA GLU C 167 15.25 -20.01 -12.23
C GLU C 167 14.21 -20.93 -11.61
N GLU C 168 13.73 -21.91 -12.38
CA GLU C 168 12.62 -22.75 -11.92
C GLU C 168 13.05 -23.67 -10.78
N VAL C 169 14.32 -24.07 -10.73
CA VAL C 169 14.79 -24.98 -9.69
C VAL C 169 15.17 -24.23 -8.42
N PHE C 170 15.85 -23.09 -8.53
CA PHE C 170 16.45 -22.44 -7.39
C PHE C 170 15.73 -21.18 -6.93
N ASP C 171 15.13 -20.41 -7.85
CA ASP C 171 14.55 -19.12 -7.50
C ASP C 171 13.05 -19.17 -7.26
N PHE C 172 12.32 -20.08 -7.91
CA PHE C 172 10.86 -20.09 -7.84
C PHE C 172 10.31 -21.47 -7.50
N SER C 173 11.10 -22.32 -6.86
CA SER C 173 10.64 -23.66 -6.49
C SER C 173 9.96 -23.69 -5.13
N ALA C 174 10.39 -22.84 -4.20
CA ALA C 174 9.87 -22.89 -2.84
C ALA C 174 8.35 -22.96 -2.81
N GLU C 175 7.69 -22.18 -3.68
CA GLU C 175 6.24 -22.15 -3.69
C GLU C 175 5.63 -23.27 -4.53
N GLN C 176 6.33 -23.73 -5.57
CA GLN C 176 5.68 -24.44 -6.66
C GLN C 176 5.93 -25.94 -6.69
N MET C 177 6.84 -26.47 -5.87
CA MET C 177 7.05 -27.91 -5.81
C MET C 177 7.22 -28.32 -4.36
N THR C 178 7.12 -29.63 -4.12
CA THR C 178 7.32 -30.16 -2.78
C THR C 178 8.78 -30.00 -2.39
N GLN C 179 9.03 -30.03 -1.07
CA GLN C 179 10.39 -29.95 -0.57
C GLN C 179 11.27 -31.04 -1.20
N ALA C 180 10.75 -32.27 -1.25
CA ALA C 180 11.52 -33.38 -1.79
C ALA C 180 11.88 -33.14 -3.26
N LYS C 181 10.89 -32.72 -4.06
CA LYS C 181 11.11 -32.54 -5.49
C LYS C 181 12.08 -31.39 -5.74
N ALA C 182 11.96 -30.30 -4.98
CA ALA C 182 12.89 -29.19 -5.12
C ALA C 182 14.32 -29.64 -4.84
N LEU C 183 14.52 -30.35 -3.73
CA LEU C 183 15.85 -30.82 -3.38
C LEU C 183 16.39 -31.76 -4.46
N HIS C 184 15.54 -32.66 -4.96
CA HIS C 184 15.96 -33.58 -6.02
C HIS C 184 16.51 -32.82 -7.22
N LEU C 185 15.80 -31.75 -7.64
CA LEU C 185 16.24 -30.99 -8.81
C LEU C 185 17.46 -30.14 -8.50
N LYS C 186 17.54 -29.58 -7.28
CA LYS C 186 18.72 -28.81 -6.92
C LYS C 186 19.97 -29.68 -6.91
N ASN C 187 19.86 -30.90 -6.34
CA ASN C 187 21.00 -31.81 -6.36
C ASN C 187 21.36 -32.22 -7.78
N SER C 188 20.35 -32.42 -8.64
CA SER C 188 20.62 -32.84 -10.01
C SER C 188 21.37 -31.75 -10.78
N MET C 189 20.92 -30.50 -10.66
CA MET C 189 21.66 -29.41 -11.29
C MET C 189 23.05 -29.27 -10.70
N SER C 190 23.16 -29.37 -9.38
CA SER C 190 24.47 -29.27 -8.74
C SER C 190 25.40 -30.37 -9.24
N LYS C 191 24.87 -31.57 -9.48
CA LYS C 191 25.72 -32.68 -9.88
C LYS C 191 26.38 -32.44 -11.23
N GLU C 192 25.66 -31.80 -12.15
CA GLU C 192 26.14 -31.63 -13.52
C GLU C 192 26.58 -30.20 -13.83
N PHE C 193 26.75 -29.34 -12.82
CA PHE C 193 27.07 -27.96 -13.12
C PHE C 193 28.51 -27.78 -13.59
N GLU C 194 29.42 -28.67 -13.17
CA GLU C 194 30.79 -28.59 -13.66
C GLU C 194 30.82 -28.53 -15.18
N GLN C 195 30.07 -29.42 -15.83
N GLN C 195 30.10 -29.44 -15.83
CA GLN C 195 30.03 -29.42 -17.29
CA GLN C 195 30.00 -29.42 -17.29
C GLN C 195 29.32 -28.18 -17.84
C GLN C 195 29.40 -28.11 -17.76
N ILE C 196 28.34 -27.65 -17.12
CA ILE C 196 27.65 -26.44 -17.56
C ILE C 196 28.58 -25.25 -17.48
N PHE C 197 29.29 -25.10 -16.37
CA PHE C 197 30.18 -23.95 -16.21
C PHE C 197 31.26 -23.95 -17.27
N LYS C 198 31.78 -25.12 -17.62
CA LYS C 198 32.85 -25.21 -18.61
C LYS C 198 32.39 -24.61 -19.94
N LEU C 199 31.19 -24.98 -20.39
CA LEU C 199 30.64 -24.37 -21.60
C LEU C 199 30.49 -22.86 -21.45
N CYS C 200 29.83 -22.43 -20.38
CA CYS C 200 29.60 -21.01 -20.16
CA CYS C 200 29.59 -21.00 -20.19
C CYS C 200 30.90 -20.22 -20.20
N PHE C 201 31.94 -20.73 -19.53
CA PHE C 201 33.21 -20.01 -19.48
C PHE C 201 33.90 -20.00 -20.85
N GLN C 202 33.84 -21.12 -21.58
CA GLN C 202 34.43 -21.16 -22.91
C GLN C 202 33.80 -20.12 -23.82
N VAL C 203 32.47 -20.04 -23.81
CA VAL C 203 31.78 -19.05 -24.62
C VAL C 203 32.23 -17.64 -24.26
N LEU C 204 32.40 -17.37 -22.97
CA LEU C 204 32.75 -16.02 -22.54
C LEU C 204 34.18 -15.65 -22.93
N GLU C 205 35.08 -16.63 -22.96
CA GLU C 205 36.48 -16.33 -23.28
C GLU C 205 36.71 -16.21 -24.78
N GLN C 206 35.91 -16.91 -25.58
CA GLN C 206 36.12 -17.01 -27.02
C GLN C 206 35.04 -16.33 -27.85
N GLY C 207 33.78 -16.44 -27.43
CA GLY C 207 32.65 -16.02 -28.23
C GLY C 207 32.77 -14.66 -28.88
N SER C 208 32.19 -14.53 -30.07
CA SER C 208 32.11 -13.25 -30.79
C SER C 208 30.71 -12.65 -30.73
N SER C 209 29.70 -13.47 -31.04
CA SER C 209 28.30 -13.01 -31.07
C SER C 209 27.93 -12.35 -29.74
N SER C 210 27.70 -11.03 -29.77
N SER C 210 27.73 -11.03 -29.77
CA SER C 210 27.29 -10.35 -28.54
CA SER C 210 27.28 -10.32 -28.58
C SER C 210 25.98 -10.89 -28.00
C SER C 210 26.01 -10.96 -28.01
N SER C 211 25.05 -11.25 -28.89
CA SER C 211 23.79 -11.84 -28.43
C SER C 211 24.03 -13.15 -27.69
N LEU C 212 24.99 -13.95 -28.16
CA LEU C 212 25.36 -15.16 -27.44
C LEU C 212 26.05 -14.84 -26.12
N ILE C 213 26.92 -13.82 -26.12
CA ILE C 213 27.59 -13.42 -24.88
C ILE C 213 26.57 -12.95 -23.86
N VAL C 214 25.66 -12.07 -24.29
CA VAL C 214 24.67 -11.51 -23.36
C VAL C 214 23.81 -12.62 -22.77
N ALA C 215 23.35 -13.56 -23.61
CA ALA C 215 22.54 -14.66 -23.10
C ALA C 215 23.33 -15.50 -22.10
N THR C 216 24.63 -15.70 -22.36
CA THR C 216 25.44 -16.50 -21.45
C THR C 216 25.61 -15.80 -20.11
N LEU C 217 25.82 -14.47 -20.13
CA LEU C 217 25.96 -13.73 -18.89
C LEU C 217 24.64 -13.65 -18.14
N GLU C 218 23.53 -13.57 -18.86
CA GLU C 218 22.23 -13.58 -18.20
C GLU C 218 22.01 -14.88 -17.46
N SER C 219 22.48 -16.01 -18.02
CA SER C 219 22.41 -17.27 -17.29
C SER C 219 23.37 -17.29 -16.12
N LEU C 220 24.56 -16.70 -16.29
CA LEU C 220 25.50 -16.62 -15.19
C LEU C 220 24.90 -15.89 -14.00
N LEU C 221 24.13 -14.82 -14.26
CA LEU C 221 23.51 -14.10 -13.16
C LEU C 221 22.66 -15.03 -12.30
N ARG C 222 21.91 -15.93 -12.93
CA ARG C 222 21.10 -16.88 -12.17
C ARG C 222 21.98 -17.89 -11.43
N TYR C 223 23.03 -18.38 -12.09
CA TYR C 223 23.92 -19.33 -11.42
C TYR C 223 24.48 -18.75 -10.13
N LEU C 224 24.82 -17.46 -10.14
CA LEU C 224 25.48 -16.86 -8.98
C LEU C 224 24.59 -16.86 -7.74
N HIS C 225 23.27 -17.07 -7.91
CA HIS C 225 22.40 -17.17 -6.75
C HIS C 225 22.70 -18.38 -5.88
N TRP C 226 23.33 -19.42 -6.43
CA TRP C 226 23.46 -20.68 -5.69
C TRP C 226 24.79 -21.42 -5.86
N ILE C 227 25.62 -21.14 -6.86
CA ILE C 227 26.77 -22.00 -7.11
C ILE C 227 27.86 -21.77 -6.07
N PRO C 228 28.71 -22.75 -5.79
CA PRO C 228 29.78 -22.55 -4.80
C PRO C 228 30.79 -21.52 -5.25
N TYR C 229 31.45 -20.91 -4.26
N TYR C 229 31.46 -20.92 -4.27
CA TYR C 229 32.34 -19.78 -4.54
CA TYR C 229 32.33 -19.79 -4.53
C TYR C 229 33.51 -20.17 -5.43
C TYR C 229 33.54 -20.16 -5.38
N ARG C 230 33.91 -21.45 -5.42
CA ARG C 230 35.12 -21.85 -6.13
C ARG C 230 35.01 -21.56 -7.63
N TYR C 231 33.83 -21.74 -8.21
CA TYR C 231 33.67 -21.46 -9.64
C TYR C 231 33.92 -19.99 -9.96
N ILE C 232 33.76 -19.10 -8.99
CA ILE C 232 33.91 -17.67 -9.25
C ILE C 232 35.32 -17.19 -8.94
N TYR C 233 35.92 -17.70 -7.87
CA TYR C 233 37.20 -17.19 -7.40
C TYR C 233 38.40 -18.00 -7.86
N GLU C 234 38.18 -19.20 -8.43
CA GLU C 234 39.27 -20.06 -8.88
C GLU C 234 39.28 -20.24 -10.40
N THR C 235 38.78 -19.27 -11.16
CA THR C 235 38.61 -19.47 -12.60
C THR C 235 38.94 -18.27 -13.47
N ASN C 236 39.30 -17.11 -12.91
CA ASN C 236 39.61 -15.92 -13.69
C ASN C 236 38.38 -15.30 -14.34
N ILE C 237 37.18 -15.80 -14.01
CA ILE C 237 35.97 -15.24 -14.61
C ILE C 237 35.74 -13.82 -14.10
N LEU C 238 36.25 -13.49 -12.91
CA LEU C 238 36.12 -12.13 -12.41
C LEU C 238 36.87 -11.15 -13.27
N GLU C 239 38.06 -11.53 -13.75
CA GLU C 239 38.82 -10.67 -14.66
C GLU C 239 38.00 -10.35 -15.89
N LEU C 240 37.39 -11.37 -16.51
CA LEU C 240 36.57 -11.16 -17.70
C LEU C 240 35.42 -10.21 -17.40
N LEU C 241 34.66 -10.48 -16.34
CA LEU C 241 33.53 -9.63 -16.00
C LEU C 241 33.97 -8.20 -15.76
N SER C 242 35.05 -8.01 -14.99
CA SER C 242 35.40 -6.67 -14.53
C SER C 242 36.23 -5.87 -15.51
N THR C 243 36.63 -6.44 -16.64
CA THR C 243 37.38 -5.69 -17.64
C THR C 243 36.72 -5.80 -19.02
N LYS C 244 36.93 -6.94 -19.68
CA LYS C 244 36.40 -7.19 -21.01
C LYS C 244 34.94 -6.75 -21.14
N PHE C 245 34.07 -7.31 -20.31
CA PHE C 245 32.63 -7.14 -20.48
C PHE C 245 32.11 -5.82 -19.91
N MET C 246 32.94 -5.05 -19.21
CA MET C 246 32.55 -3.71 -18.79
C MET C 246 32.82 -2.65 -19.85
N THR C 247 33.54 -2.99 -20.92
CA THR C 247 33.85 -2.01 -21.96
C THR C 247 32.75 -1.89 -23.00
N SER C 248 32.14 -3.01 -23.39
CA SER C 248 31.07 -2.97 -24.37
C SER C 248 29.74 -2.68 -23.68
N PRO C 249 28.97 -1.68 -24.13
CA PRO C 249 27.67 -1.42 -23.49
C PRO C 249 26.69 -2.56 -23.63
N ASP C 250 26.81 -3.38 -24.69
CA ASP C 250 25.91 -4.52 -24.85
C ASP C 250 25.94 -5.43 -23.63
N THR C 251 27.13 -5.68 -23.09
CA THR C 251 27.31 -6.59 -21.96
C THR C 251 27.42 -5.87 -20.63
N ARG C 252 27.45 -4.55 -20.62
CA ARG C 252 27.80 -3.82 -19.40
C ARG C 252 26.71 -3.92 -18.34
N ALA C 253 25.45 -3.82 -18.75
CA ALA C 253 24.37 -3.88 -17.76
C ALA C 253 24.36 -5.22 -17.05
N ILE C 254 24.35 -6.32 -17.81
CA ILE C 254 24.26 -7.64 -17.19
C ILE C 254 25.52 -7.94 -16.39
N THR C 255 26.68 -7.56 -16.90
CA THR C 255 27.93 -7.80 -16.19
C THR C 255 27.91 -7.13 -14.83
N LEU C 256 27.44 -5.89 -14.78
CA LEU C 256 27.38 -5.16 -13.51
C LEU C 256 26.44 -5.85 -12.53
N LYS C 257 25.32 -6.38 -13.03
CA LYS C 257 24.43 -7.14 -12.16
C LYS C 257 25.07 -8.41 -11.66
N CYS C 258 25.88 -9.07 -12.51
CA CYS C 258 26.62 -10.24 -12.06
C CYS C 258 27.60 -9.88 -10.96
N LEU C 259 28.33 -8.78 -11.13
CA LEU C 259 29.32 -8.39 -10.13
C LEU C 259 28.64 -7.95 -8.83
N THR C 260 27.45 -7.36 -8.91
CA THR C 260 26.68 -7.08 -7.70
C THR C 260 26.39 -8.37 -6.94
N GLU C 261 25.97 -9.42 -7.64
CA GLU C 261 25.72 -10.69 -6.96
C GLU C 261 27.00 -11.28 -6.40
N VAL C 262 28.09 -11.23 -7.17
CA VAL C 262 29.38 -11.70 -6.66
C VAL C 262 29.71 -11.02 -5.34
N SER C 263 29.38 -9.73 -5.23
CA SER C 263 29.66 -9.00 -4.00
C SER C 263 28.83 -9.49 -2.82
N ASN C 264 27.88 -10.40 -3.07
N ASN C 264 27.61 -9.97 -3.08
CA ASN C 264 27.15 -11.12 -2.02
CA ASN C 264 26.63 -10.03 -2.01
C ASN C 264 27.45 -12.62 -1.97
C ASN C 264 27.00 -11.03 -0.94
N LEU C 265 28.55 -13.08 -2.56
N LEU C 265 28.06 -11.80 -1.16
CA LEU C 265 28.86 -14.51 -2.52
CA LEU C 265 28.41 -12.91 -0.30
C LEU C 265 29.36 -14.92 -1.14
C LEU C 265 29.31 -12.46 0.83
N LYS C 266 28.98 -16.14 -0.72
N LYS C 266 29.01 -12.91 2.04
CA LYS C 266 29.52 -16.73 0.50
CA LYS C 266 30.00 -12.88 3.11
C LYS C 266 31.01 -16.98 0.32
C LYS C 266 31.06 -13.91 2.79
N ILE C 267 31.85 -16.19 0.99
N ILE C 267 32.28 -13.44 2.54
CA ILE C 267 33.30 -16.28 0.81
CA ILE C 267 33.35 -14.33 2.07
C ILE C 267 33.98 -16.51 2.16
C ILE C 267 34.24 -14.68 3.26
N PRO C 268 35.08 -17.27 2.21
N PRO C 268 34.84 -15.89 3.28
CA PRO C 268 35.88 -17.32 3.44
CA PRO C 268 35.76 -16.22 4.37
C PRO C 268 36.59 -16.01 3.68
C PRO C 268 36.81 -15.16 4.60
N GLN C 269 36.58 -15.57 4.94
N GLN C 269 36.82 -14.57 5.80
CA GLN C 269 37.20 -14.30 5.33
CA GLN C 269 37.76 -13.52 6.12
C GLN C 269 38.55 -14.50 6.00
C GLN C 269 39.18 -14.03 6.31
N ASP C 270 39.14 -15.69 5.87
N ASP C 270 39.42 -15.33 6.16
CA ASP C 270 40.51 -15.96 6.31
CA ASP C 270 40.75 -15.87 6.39
C ASP C 270 41.50 -15.81 5.18
C ASP C 270 41.62 -15.82 5.14
N ASN C 271 41.11 -16.26 3.99
CA ASN C 271 41.96 -16.33 2.81
C ASN C 271 42.35 -14.92 2.35
N ASP C 272 43.67 -14.67 2.31
CA ASP C 272 44.16 -13.37 1.87
C ASP C 272 44.06 -13.22 0.36
N LEU C 273 44.07 -14.34 -0.38
CA LEU C 273 44.06 -14.26 -1.83
C LEU C 273 42.66 -13.97 -2.36
N ILE C 274 41.64 -14.60 -1.79
CA ILE C 274 40.26 -14.24 -2.11
C ILE C 274 40.02 -12.78 -1.79
N LYS C 275 40.58 -12.30 -0.68
CA LYS C 275 40.50 -10.88 -0.35
C LYS C 275 41.09 -10.04 -1.47
N ARG C 276 42.25 -10.43 -2.00
CA ARG C 276 42.87 -9.67 -3.06
C ARG C 276 42.06 -9.76 -4.35
N GLN C 277 41.46 -10.92 -4.62
CA GLN C 277 40.60 -11.04 -5.80
C GLN C 277 39.36 -10.17 -5.66
N THR C 278 38.84 -9.99 -4.44
CA THR C 278 37.69 -9.13 -4.24
C THR C 278 38.07 -7.67 -4.43
N VAL C 279 39.25 -7.28 -3.94
CA VAL C 279 39.78 -5.95 -4.23
C VAL C 279 39.95 -5.77 -5.74
N LEU C 280 40.52 -6.79 -6.40
CA LEU C 280 40.96 -6.61 -7.78
C LEU C 280 39.80 -6.37 -8.72
N PHE C 281 38.71 -7.11 -8.59
CA PHE C 281 37.62 -6.94 -9.55
C PHE C 281 36.88 -5.63 -9.32
N PHE C 282 36.88 -5.14 -8.07
CA PHE C 282 36.36 -3.80 -7.81
C PHE C 282 37.26 -2.76 -8.48
N GLN C 283 38.58 -2.92 -8.35
CA GLN C 283 39.52 -2.01 -8.97
C GLN C 283 39.32 -1.96 -10.48
N ASN C 284 39.24 -3.12 -11.13
CA ASN C 284 39.04 -3.17 -12.57
C ASN C 284 37.73 -2.49 -12.97
N THR C 285 36.65 -2.80 -12.25
CA THR C 285 35.34 -2.27 -12.60
C THR C 285 35.34 -0.74 -12.52
N LEU C 286 35.84 -0.19 -11.42
CA LEU C 286 35.89 1.26 -11.27
C LEU C 286 36.80 1.88 -12.33
N GLN C 287 37.86 1.18 -12.72
CA GLN C 287 38.73 1.68 -13.78
C GLN C 287 37.98 1.77 -15.10
N GLN C 288 37.25 0.71 -15.46
CA GLN C 288 36.51 0.71 -16.72
C GLN C 288 35.47 1.83 -16.74
N ILE C 289 34.81 2.08 -15.61
CA ILE C 289 33.80 3.13 -15.55
C ILE C 289 34.44 4.49 -15.80
N ALA C 290 35.59 4.75 -15.15
CA ALA C 290 36.25 6.04 -15.30
C ALA C 290 36.73 6.27 -16.73
N THR C 291 37.19 5.21 -17.40
CA THR C 291 37.77 5.38 -18.74
C THR C 291 36.76 5.16 -19.86
N SER C 292 35.71 4.37 -19.64
CA SER C 292 34.79 4.02 -20.71
C SER C 292 33.41 4.65 -20.60
N VAL C 293 32.99 5.11 -19.41
CA VAL C 293 31.63 5.60 -19.24
C VAL C 293 31.62 7.09 -18.88
N MET C 294 32.14 7.43 -17.70
CA MET C 294 32.24 8.83 -17.32
C MET C 294 33.21 8.96 -16.17
N PRO C 295 33.94 10.07 -16.08
CA PRO C 295 34.87 10.27 -14.95
C PRO C 295 34.14 10.61 -13.66
N VAL C 296 34.91 10.58 -12.57
CA VAL C 296 34.35 10.79 -11.24
C VAL C 296 33.71 12.17 -11.11
N THR C 297 34.21 13.15 -11.87
CA THR C 297 33.68 14.51 -11.79
C THR C 297 32.37 14.69 -12.52
N ALA C 298 31.90 13.70 -13.27
CA ALA C 298 30.75 13.89 -14.14
C ALA C 298 29.51 14.25 -13.32
N ASP C 299 28.63 15.04 -13.95
CA ASP C 299 27.39 15.49 -13.33
C ASP C 299 26.33 14.44 -13.62
N LEU C 300 26.18 13.48 -12.70
CA LEU C 300 25.24 12.39 -12.92
C LEU C 300 23.79 12.84 -12.75
N LYS C 301 23.56 13.90 -11.98
CA LYS C 301 22.22 14.49 -11.91
C LYS C 301 21.73 14.89 -13.29
N ALA C 302 22.58 15.60 -14.05
CA ALA C 302 22.21 16.03 -15.39
C ALA C 302 22.06 14.84 -16.33
N THR C 303 23.00 13.88 -16.26
CA THR C 303 22.91 12.71 -17.11
C THR C 303 21.60 11.95 -16.86
N TYR C 304 21.28 11.69 -15.60
CA TYR C 304 20.07 10.96 -15.28
C TYR C 304 18.83 11.70 -15.78
N ALA C 305 18.82 13.03 -15.64
CA ALA C 305 17.66 13.81 -16.07
C ALA C 305 17.51 13.81 -17.59
N ASN C 306 18.61 13.74 -18.33
CA ASN C 306 18.52 13.71 -19.79
C ASN C 306 17.91 12.41 -20.29
N ALA C 307 18.13 11.31 -19.56
CA ALA C 307 17.47 10.03 -19.85
C ALA C 307 17.81 9.50 -21.24
N ASN C 308 19.01 9.81 -21.74
CA ASN C 308 19.45 9.22 -22.99
C ASN C 308 19.61 7.71 -22.84
N GLY C 309 19.23 6.98 -23.89
CA GLY C 309 19.40 5.54 -23.94
C GLY C 309 19.08 4.81 -22.65
N ASN C 310 20.01 3.99 -22.18
CA ASN C 310 19.85 3.22 -20.95
C ASN C 310 20.57 3.85 -19.77
N ASP C 311 20.90 5.15 -19.85
CA ASP C 311 21.70 5.78 -18.80
C ASP C 311 21.04 5.64 -17.43
N GLN C 312 19.73 5.82 -17.35
CA GLN C 312 19.06 5.76 -16.05
C GLN C 312 19.18 4.38 -15.42
N SER C 313 18.91 3.33 -16.20
CA SER C 313 19.08 1.97 -15.69
C SER C 313 20.53 1.73 -15.29
N PHE C 314 21.48 2.26 -16.07
CA PHE C 314 22.89 2.04 -15.74
C PHE C 314 23.27 2.70 -14.43
N LEU C 315 22.86 3.96 -14.24
CA LEU C 315 23.19 4.65 -12.99
C LEU C 315 22.52 3.98 -11.80
N GLN C 316 21.30 3.48 -11.99
CA GLN C 316 20.67 2.68 -10.93
C GLN C 316 21.51 1.45 -10.61
N ASP C 317 21.94 0.71 -11.63
CA ASP C 317 22.73 -0.49 -11.41
C ASP C 317 24.08 -0.16 -10.77
N LEU C 318 24.68 0.96 -11.15
CA LEU C 318 25.96 1.35 -10.56
C LEU C 318 25.79 1.64 -9.07
N ALA C 319 24.73 2.36 -8.70
CA ALA C 319 24.46 2.60 -7.28
C ALA C 319 24.32 1.29 -6.53
N MET C 320 23.58 0.33 -7.09
CA MET C 320 23.40 -0.95 -6.42
C MET C 320 24.73 -1.68 -6.29
N PHE C 321 25.56 -1.64 -7.33
CA PHE C 321 26.87 -2.30 -7.26
C PHE C 321 27.76 -1.67 -6.20
N LEU C 322 27.90 -0.35 -6.22
CA LEU C 322 28.77 0.32 -5.27
C LEU C 322 28.29 0.14 -3.83
N THR C 323 27.00 0.34 -3.59
CA THR C 323 26.49 0.22 -2.22
C THR C 323 26.60 -1.22 -1.73
N THR C 324 26.25 -2.20 -2.57
CA THR C 324 26.35 -3.60 -2.18
C THR C 324 27.80 -3.97 -1.85
N TYR C 325 28.73 -3.68 -2.76
CA TYR C 325 30.12 -4.05 -2.54
C TYR C 325 30.69 -3.35 -1.32
N LEU C 326 30.47 -2.03 -1.22
CA LEU C 326 31.11 -1.26 -0.16
C LEU C 326 30.56 -1.60 1.21
N ALA C 327 29.25 -1.88 1.30
CA ALA C 327 28.69 -2.31 2.58
C ALA C 327 29.36 -3.58 3.06
N ARG C 328 29.78 -4.45 2.15
N ARG C 328 29.79 -4.44 2.14
CA ARG C 328 30.41 -5.70 2.58
CA ARG C 328 30.39 -5.73 2.46
C ARG C 328 31.92 -5.59 2.73
C ARG C 328 31.90 -5.65 2.66
N ASN C 329 32.60 -4.91 1.79
CA ASN C 329 34.05 -5.04 1.67
C ASN C 329 34.87 -3.75 1.83
N ARG C 330 34.27 -2.63 2.21
CA ARG C 330 35.06 -1.39 2.22
C ARG C 330 36.23 -1.48 3.18
N ALA C 331 36.13 -2.31 4.23
CA ALA C 331 37.27 -2.50 5.12
C ALA C 331 38.49 -3.01 4.38
N LEU C 332 38.30 -3.83 3.34
CA LEU C 332 39.41 -4.28 2.52
C LEU C 332 40.21 -3.13 1.92
N LEU C 333 39.61 -1.94 1.82
CA LEU C 333 40.23 -0.81 1.14
C LEU C 333 40.73 0.27 2.10
N GLU C 334 40.47 0.13 3.41
CA GLU C 334 40.66 1.23 4.34
C GLU C 334 42.04 1.28 4.99
N SER C 335 42.84 0.22 4.89
CA SER C 335 44.15 0.18 5.54
C SER C 335 45.31 0.38 4.58
N ASP C 336 45.27 -0.27 3.42
CA ASP C 336 46.34 -0.15 2.45
C ASP C 336 46.31 1.22 1.79
N GLU C 337 47.37 2.02 2.00
CA GLU C 337 47.42 3.36 1.43
C GLU C 337 47.31 3.32 -0.08
N SER C 338 47.71 2.22 -0.72
CA SER C 338 47.64 2.14 -2.18
C SER C 338 46.21 1.96 -2.67
N LEU C 339 45.26 1.62 -1.80
CA LEU C 339 43.86 1.46 -2.17
C LEU C 339 43.01 2.66 -1.74
N ARG C 340 43.60 3.69 -1.15
CA ARG C 340 42.82 4.82 -0.66
C ARG C 340 42.11 5.54 -1.80
N GLU C 341 42.80 5.74 -2.93
CA GLU C 341 42.20 6.44 -4.05
C GLU C 341 40.99 5.68 -4.57
N LEU C 342 41.10 4.36 -4.70
CA LEU C 342 39.97 3.54 -5.13
C LEU C 342 38.79 3.70 -4.16
N LEU C 343 39.07 3.66 -2.86
CA LEU C 343 38.02 3.78 -1.86
C LEU C 343 37.27 5.09 -2.01
N LEU C 344 38.00 6.19 -2.15
CA LEU C 344 37.35 7.51 -2.18
C LEU C 344 36.73 7.81 -3.53
N ASN C 345 37.28 7.28 -4.62
CA ASN C 345 36.63 7.43 -5.92
C ASN C 345 35.29 6.71 -5.94
N ALA C 346 35.26 5.49 -5.41
CA ALA C 346 33.99 4.77 -5.30
C ALA C 346 32.96 5.59 -4.55
N HIS C 347 33.38 6.20 -3.44
CA HIS C 347 32.45 7.01 -2.65
C HIS C 347 32.14 8.34 -3.33
N GLN C 348 33.09 8.89 -4.09
CA GLN C 348 32.79 10.11 -4.82
C GLN C 348 31.74 9.85 -5.90
N TYR C 349 31.80 8.69 -6.55
CA TYR C 349 30.72 8.29 -7.46
C TYR C 349 29.39 8.25 -6.73
N LEU C 350 29.38 7.73 -5.50
CA LEU C 350 28.14 7.67 -4.73
C LEU C 350 27.64 9.07 -4.38
N ILE C 351 28.55 9.97 -3.99
CA ILE C 351 28.17 11.37 -3.80
C ILE C 351 27.45 11.89 -5.03
N GLN C 352 28.05 11.68 -6.20
CA GLN C 352 27.45 12.19 -7.44
C GLN C 352 26.11 11.53 -7.72
N LEU C 353 26.02 10.21 -7.47
CA LEU C 353 24.75 9.52 -7.63
C LEU C 353 23.69 10.05 -6.67
N SER C 354 24.12 10.54 -5.51
CA SER C 354 23.19 11.01 -4.48
C SER C 354 22.57 12.36 -4.81
N LYS C 355 23.02 13.04 -5.85
CA LYS C 355 22.44 14.31 -6.26
C LYS C 355 21.36 14.12 -7.31
N ILE C 356 21.21 12.92 -7.87
CA ILE C 356 20.17 12.66 -8.85
C ILE C 356 18.81 12.92 -8.22
N GLU C 357 17.92 13.52 -9.02
CA GLU C 357 16.53 13.72 -8.60
C GLU C 357 15.75 12.48 -9.00
N GLU C 358 15.68 11.53 -8.05
CA GLU C 358 14.96 10.28 -8.24
C GLU C 358 14.73 9.70 -6.85
N ARG C 359 13.49 9.84 -6.35
CA ARG C 359 13.18 9.53 -4.97
C ARG C 359 13.70 8.15 -4.57
N GLU C 360 13.42 7.13 -5.39
CA GLU C 360 13.72 5.75 -4.99
C GLU C 360 15.22 5.46 -5.05
N LEU C 361 15.94 6.06 -6.01
CA LEU C 361 17.38 5.90 -6.05
C LEU C 361 18.04 6.60 -4.86
N PHE C 362 17.55 7.78 -4.49
CA PHE C 362 18.08 8.48 -3.34
C PHE C 362 17.98 7.61 -2.09
N LYS C 363 16.87 6.88 -1.95
CA LYS C 363 16.69 6.03 -0.77
C LYS C 363 17.67 4.86 -0.77
N THR C 364 18.06 4.38 -1.95
CA THR C 364 19.05 3.31 -2.02
C THR C 364 20.42 3.80 -1.57
N THR C 365 20.85 4.96 -2.07
CA THR C 365 22.11 5.53 -1.63
C THR C 365 22.04 5.98 -0.17
N LEU C 366 20.87 6.48 0.26
CA LEU C 366 20.76 6.94 1.64
C LEU C 366 20.88 5.78 2.62
N ASP C 367 20.33 4.61 2.26
CA ASP C 367 20.53 3.43 3.09
C ASP C 367 22.02 3.12 3.25
N TYR C 368 22.79 3.28 2.18
CA TYR C 368 24.22 3.03 2.30
C TYR C 368 24.89 4.08 3.18
N TRP C 369 24.58 5.35 2.96
CA TRP C 369 25.18 6.39 3.79
C TRP C 369 24.92 6.12 5.26
N HIS C 370 23.72 5.65 5.60
CA HIS C 370 23.42 5.28 6.98
C HIS C 370 24.38 4.19 7.46
N ASN C 371 24.58 3.16 6.62
CA ASN C 371 25.53 2.11 6.95
C ASN C 371 26.91 2.69 7.24
N LEU C 372 27.34 3.69 6.44
CA LEU C 372 28.68 4.23 6.58
C LEU C 372 28.82 5.07 7.85
N VAL C 373 27.98 6.10 7.99
CA VAL C 373 28.18 7.05 9.08
C VAL C 373 27.94 6.38 10.43
N ALA C 374 27.08 5.36 10.48
CA ALA C 374 26.93 4.59 11.70
C ALA C 374 28.25 3.91 12.08
N ASP C 375 28.95 3.36 11.08
CA ASP C 375 30.22 2.69 11.36
C ASP C 375 31.30 3.69 11.75
N LEU C 376 31.34 4.84 11.06
CA LEU C 376 32.31 5.87 11.43
C LEU C 376 32.05 6.42 12.83
N PHE C 377 30.81 6.30 13.31
CA PHE C 377 30.46 6.81 14.63
C PHE C 377 30.91 5.87 15.74
N TYR C 378 31.01 4.57 15.46
CA TYR C 378 31.38 3.59 16.46
C TYR C 378 32.77 3.00 16.26
N GLU C 379 33.22 2.85 15.03
CA GLU C 379 34.47 2.13 14.76
C GLU C 379 35.67 3.05 14.94
N PRO C 380 36.64 2.71 15.80
CA PRO C 380 37.80 3.59 15.98
C PRO C 380 38.59 3.79 14.70
N LEU C 381 39.11 5.00 14.53
CA LEU C 381 40.15 5.33 13.55
C LEU C 381 39.65 5.32 12.11
N LYS C 382 38.33 5.28 11.88
CA LYS C 382 37.81 5.25 10.52
C LYS C 382 37.37 6.62 10.00
N LYS C 383 36.87 7.50 10.87
CA LYS C 383 36.14 8.67 10.38
C LYS C 383 37.04 9.66 9.65
N HIS C 384 38.33 9.74 10.03
CA HIS C 384 39.21 10.69 9.35
C HIS C 384 39.38 10.35 7.87
N ILE C 385 39.25 9.08 7.51
CA ILE C 385 39.39 8.67 6.12
C ILE C 385 38.36 9.37 5.24
N TYR C 386 37.15 9.57 5.77
CA TYR C 386 36.00 9.97 4.97
C TYR C 386 35.58 11.42 5.19
N GLU C 387 36.46 12.24 5.77
CA GLU C 387 36.05 13.58 6.19
C GLU C 387 35.57 14.41 5.00
N GLU C 388 36.23 14.28 3.85
CA GLU C 388 35.81 15.05 2.68
C GLU C 388 34.52 14.49 2.09
N ILE C 389 34.38 13.16 2.08
CA ILE C 389 33.12 12.55 1.67
C ILE C 389 31.98 13.04 2.55
N CYS C 390 32.20 13.01 3.87
CA CYS C 390 31.13 13.36 4.80
C CYS C 390 30.75 14.82 4.68
N SER C 391 31.73 15.70 4.40
CA SER C 391 31.42 17.11 4.24
C SER C 391 30.50 17.33 3.05
N GLN C 392 30.77 16.67 1.93
CA GLN C 392 29.89 16.77 0.77
C GLN C 392 28.52 16.17 1.10
N LEU C 393 28.50 15.08 1.86
CA LEU C 393 27.23 14.43 2.18
C LEU C 393 26.34 15.36 3.01
N ARG C 394 26.93 16.10 3.95
CA ARG C 394 26.16 17.05 4.75
C ARG C 394 25.36 17.98 3.83
N LEU C 395 26.01 18.52 2.81
CA LEU C 395 25.33 19.43 1.90
C LEU C 395 24.26 18.72 1.09
N VAL C 396 24.54 17.50 0.64
CA VAL C 396 23.56 16.75 -0.16
C VAL C 396 22.29 16.52 0.64
N ILE C 397 22.42 16.14 1.91
CA ILE C 397 21.25 15.77 2.70
C ILE C 397 20.49 17.02 3.12
N ILE C 398 21.19 18.08 3.52
CA ILE C 398 20.53 19.33 3.89
C ILE C 398 19.70 19.84 2.71
N GLU C 399 20.27 19.78 1.49
CA GLU C 399 19.60 20.34 0.33
C GLU C 399 18.48 19.45 -0.21
N ASN C 400 18.41 18.19 0.20
CA ASN C 400 17.33 17.30 -0.22
C ASN C 400 16.44 16.87 0.95
N MET C 401 16.47 17.63 2.05
CA MET C 401 15.60 17.34 3.18
C MET C 401 14.14 17.45 2.74
N VAL C 402 13.33 16.47 3.13
CA VAL C 402 11.92 16.44 2.76
C VAL C 402 11.07 16.78 3.98
N ARG C 403 9.79 17.02 3.73
CA ARG C 403 8.90 17.55 4.76
C ARG C 403 8.75 16.56 5.90
N PRO C 404 8.97 16.97 7.15
CA PRO C 404 8.55 16.14 8.28
C PRO C 404 7.06 16.27 8.51
N GLU C 405 6.51 15.29 9.24
N GLU C 405 6.51 15.27 9.22
CA GLU C 405 5.07 15.29 9.49
CA GLU C 405 5.09 15.26 9.55
C GLU C 405 4.63 16.40 10.43
C GLU C 405 4.66 16.57 10.20
N GLU C 406 5.55 17.20 10.96
CA GLU C 406 5.21 18.30 11.84
C GLU C 406 5.14 19.66 11.14
N ASP C 407 5.11 19.69 9.80
CA ASP C 407 5.00 20.96 9.08
C ASP C 407 3.94 20.87 7.99
N LYS C 423 -0.87 14.38 4.05
CA LYS C 423 -0.54 13.10 4.68
C LYS C 423 0.18 12.20 3.69
N GLU C 424 1.44 11.91 3.98
CA GLU C 424 2.30 11.14 3.06
C GLU C 424 3.26 10.31 3.90
N SER C 425 3.04 8.99 3.92
CA SER C 425 3.88 8.10 4.72
C SER C 425 5.21 7.79 4.03
N ASP C 426 5.31 7.99 2.73
CA ASP C 426 6.59 7.82 2.05
C ASP C 426 7.54 8.96 2.37
N THR C 427 7.03 10.20 2.39
CA THR C 427 7.86 11.34 2.76
C THR C 427 8.26 11.28 4.24
N ILE C 428 7.36 10.80 5.10
CA ILE C 428 7.66 10.74 6.52
C ILE C 428 8.79 9.76 6.80
N GLN C 429 8.70 8.55 6.23
CA GLN C 429 9.78 7.60 6.39
C GLN C 429 11.10 8.16 5.89
N LEU C 430 11.07 8.87 4.76
CA LEU C 430 12.30 9.39 4.17
C LEU C 430 12.91 10.47 5.05
N TYR C 431 12.07 11.34 5.63
CA TYR C 431 12.59 12.36 6.54
C TYR C 431 13.32 11.73 7.70
N LYS C 432 12.75 10.67 8.27
CA LYS C 432 13.36 10.04 9.45
C LYS C 432 14.69 9.39 9.10
N SER C 433 14.78 8.77 7.91
CA SER C 433 16.06 8.23 7.47
C SER C 433 17.07 9.35 7.24
N GLU C 434 16.64 10.46 6.64
CA GLU C 434 17.54 11.58 6.44
C GLU C 434 17.99 12.17 7.77
N ARG C 435 17.05 12.33 8.71
CA ARG C 435 17.40 12.85 10.03
C ARG C 435 18.45 11.97 10.69
N GLU C 436 18.27 10.65 10.61
CA GLU C 436 19.20 9.74 11.27
C GLU C 436 20.61 9.90 10.73
N VAL C 437 20.76 9.93 9.41
CA VAL C 437 22.08 10.11 8.80
C VAL C 437 22.66 11.46 9.18
N LEU C 438 21.85 12.51 9.11
CA LEU C 438 22.37 13.85 9.37
C LEU C 438 22.77 14.02 10.83
N VAL C 439 22.11 13.31 11.74
CA VAL C 439 22.50 13.35 13.16
C VAL C 439 23.87 12.72 13.34
N TYR C 440 24.07 11.53 12.77
CA TYR C 440 25.39 10.91 12.78
C TYR C 440 26.44 11.88 12.21
N LEU C 441 26.12 12.50 11.07
CA LEU C 441 27.07 13.42 10.45
C LEU C 441 27.36 14.62 11.33
N THR C 442 26.39 15.04 12.15
CA THR C 442 26.62 16.17 13.04
C THR C 442 27.57 15.78 14.17
N HIS C 443 27.34 14.63 14.80
CA HIS C 443 28.28 14.14 15.80
C HIS C 443 29.68 14.00 15.23
N LEU C 444 29.79 13.57 13.97
CA LEU C 444 31.10 13.35 13.38
C LEU C 444 31.86 14.66 13.19
N ASN C 445 31.17 15.75 12.87
CA ASN C 445 31.82 17.06 12.82
C ASN C 445 30.76 18.13 13.07
N VAL C 446 30.61 18.52 14.33
CA VAL C 446 29.60 19.51 14.69
C VAL C 446 29.91 20.85 14.03
N ILE C 447 31.20 21.20 13.96
CA ILE C 447 31.60 22.50 13.45
C ILE C 447 31.26 22.62 11.96
N ASP C 448 31.59 21.60 11.17
CA ASP C 448 31.32 21.65 9.75
C ASP C 448 29.82 21.75 9.48
N THR C 449 29.01 21.01 10.24
CA THR C 449 27.56 21.06 10.05
C THR C 449 27.03 22.46 10.33
N GLU C 450 27.42 23.05 11.47
CA GLU C 450 26.98 24.40 11.79
C GLU C 450 27.34 25.36 10.67
N GLU C 451 28.57 25.28 10.17
CA GLU C 451 29.03 26.22 9.16
C GLU C 451 28.19 26.12 7.89
N ILE C 452 27.91 24.90 7.42
CA ILE C 452 27.10 24.73 6.22
C ILE C 452 25.73 25.38 6.42
N MET C 453 25.10 25.14 7.57
CA MET C 453 23.74 25.61 7.78
C MET C 453 23.69 27.13 7.88
N ILE C 454 24.59 27.74 8.65
CA ILE C 454 24.66 29.20 8.69
C ILE C 454 24.88 29.75 7.29
N SER C 455 25.81 29.16 6.55
CA SER C 455 26.11 29.64 5.20
C SER C 455 24.88 29.53 4.30
N LYS C 456 24.21 28.37 4.30
CA LYS C 456 22.99 28.22 3.53
C LYS C 456 21.99 29.32 3.91
N LEU C 457 21.95 29.68 5.19
CA LEU C 457 21.00 30.70 5.64
C LEU C 457 21.38 32.08 5.11
N ALA C 458 22.67 32.39 5.07
CA ALA C 458 23.11 33.67 4.50
C ALA C 458 22.60 33.84 3.08
N ARG C 459 22.65 32.78 2.29
CA ARG C 459 22.17 32.84 0.91
C ARG C 459 20.65 32.84 0.80
N GLN C 460 19.94 32.60 1.90
CA GLN C 460 18.50 32.90 1.94
C GLN C 460 18.27 34.38 2.15
N ILE C 461 19.11 35.00 2.97
CA ILE C 461 18.97 36.43 3.25
C ILE C 461 19.43 37.26 2.06
N ASP C 462 20.55 36.89 1.44
CA ASP C 462 21.06 37.65 0.31
C ASP C 462 20.32 37.36 -0.99
N GLY C 463 19.27 36.54 -0.94
CA GLY C 463 18.40 36.33 -2.08
C GLY C 463 18.91 35.40 -3.15
N SER C 464 20.17 34.94 -3.07
CA SER C 464 20.74 34.16 -4.16
C SER C 464 20.16 32.77 -4.23
N GLU C 465 19.70 32.21 -3.10
CA GLU C 465 19.03 30.92 -3.07
C GLU C 465 17.66 31.01 -2.40
N TRP C 466 17.11 32.23 -2.28
CA TRP C 466 15.81 32.39 -1.64
C TRP C 466 14.73 31.67 -2.45
N SER C 467 13.89 30.92 -1.76
CA SER C 467 12.76 30.24 -2.36
C SER C 467 11.94 29.60 -1.26
N TRP C 468 10.61 29.58 -1.45
CA TRP C 468 9.73 28.96 -0.47
C TRP C 468 10.19 27.53 -0.17
N HIS C 469 10.36 26.72 -1.21
CA HIS C 469 10.86 25.36 -1.02
C HIS C 469 12.21 25.37 -0.32
N ASN C 470 13.11 26.28 -0.71
CA ASN C 470 14.47 26.24 -0.19
C ASN C 470 14.54 26.67 1.27
N ILE C 471 13.71 27.62 1.70
CA ILE C 471 13.75 28.01 3.11
C ILE C 471 13.07 26.95 3.98
N ASN C 472 12.01 26.31 3.46
CA ASN C 472 11.42 25.19 4.17
C ASN C 472 12.45 24.07 4.34
N THR C 473 13.11 23.70 3.25
CA THR C 473 14.11 22.63 3.28
C THR C 473 15.16 22.88 4.35
N LEU C 474 15.73 24.09 4.37
CA LEU C 474 16.80 24.39 5.32
C LEU C 474 16.29 24.36 6.75
N SER C 475 15.06 24.81 6.97
CA SER C 475 14.51 24.84 8.33
C SER C 475 14.25 23.43 8.84
N TRP C 476 13.74 22.55 7.97
CA TRP C 476 13.60 21.14 8.34
C TRP C 476 14.95 20.54 8.71
N ALA C 477 15.97 20.79 7.89
CA ALA C 477 17.32 20.30 8.19
C ALA C 477 17.80 20.82 9.53
N ILE C 478 17.69 22.12 9.76
CA ILE C 478 18.11 22.70 11.03
C ILE C 478 17.34 22.07 12.18
N GLY C 479 16.03 21.87 12.01
CA GLY C 479 15.23 21.27 13.06
C GLY C 479 15.59 19.82 13.33
N SER C 480 16.13 19.11 12.32
CA SER C 480 16.32 17.68 12.44
C SER C 480 17.52 17.30 13.31
N ILE C 481 18.50 18.19 13.48
CA ILE C 481 19.69 17.88 14.25
C ILE C 481 19.57 18.28 15.72
N SER C 482 18.37 18.64 16.17
CA SER C 482 18.17 18.98 17.58
C SER C 482 18.62 17.84 18.48
N GLY C 483 19.35 18.19 19.54
CA GLY C 483 19.83 17.21 20.49
C GLY C 483 21.20 16.65 20.19
N THR C 484 21.92 17.20 19.21
CA THR C 484 23.24 16.72 18.85
C THR C 484 24.36 17.68 19.21
N MET C 485 24.07 18.98 19.27
CA MET C 485 25.05 19.96 19.73
C MET C 485 25.06 20.03 21.25
N SER C 486 26.15 20.57 21.78
CA SER C 486 26.16 20.91 23.19
C SER C 486 25.16 22.03 23.45
N GLU C 487 24.73 22.14 24.71
CA GLU C 487 23.71 23.12 25.04
C GLU C 487 24.19 24.55 24.75
N ASP C 488 25.45 24.84 25.06
CA ASP C 488 25.99 26.17 24.77
C ASP C 488 26.02 26.42 23.27
N THR C 489 26.60 25.50 22.50
CA THR C 489 26.62 25.66 21.05
C THR C 489 25.20 25.72 20.49
N GLU C 490 24.32 24.84 20.96
CA GLU C 490 22.93 24.88 20.53
C GLU C 490 22.34 26.27 20.75
N LYS C 491 22.53 26.82 21.95
CA LYS C 491 21.98 28.13 22.28
C LYS C 491 22.48 29.19 21.31
N ARG C 492 23.80 29.28 21.11
CA ARG C 492 24.34 30.23 20.15
C ARG C 492 23.82 29.94 18.74
N PHE C 493 23.72 28.67 18.39
CA PHE C 493 23.23 28.29 17.06
C PHE C 493 21.77 28.69 16.89
N VAL C 494 20.92 28.29 17.83
CA VAL C 494 19.49 28.60 17.74
C VAL C 494 19.27 30.10 17.62
N VAL C 495 19.93 30.87 18.50
CA VAL C 495 19.77 32.33 18.48
C VAL C 495 20.10 32.87 17.09
N THR C 496 21.29 32.53 16.57
CA THR C 496 21.68 33.01 15.25
C THR C 496 20.62 32.67 14.20
N VAL C 497 20.09 31.45 14.25
CA VAL C 497 19.10 31.04 13.26
C VAL C 497 17.82 31.86 13.40
N ILE C 498 17.34 32.02 14.64
CA ILE C 498 16.11 32.79 14.85
C ILE C 498 16.31 34.24 14.41
N LYS C 499 17.39 34.86 14.89
CA LYS C 499 17.72 36.23 14.47
C LYS C 499 17.72 36.33 12.94
N ASP C 500 18.49 35.47 12.28
CA ASP C 500 18.58 35.53 10.83
C ASP C 500 17.22 35.30 10.17
N LEU C 501 16.42 34.40 10.74
CA LEU C 501 15.08 34.17 10.20
C LEU C 501 14.18 35.37 10.45
N LEU C 502 14.24 35.95 11.65
CA LEU C 502 13.44 37.12 11.95
C LEU C 502 13.74 38.26 10.98
N GLY C 503 15.02 38.59 10.82
CA GLY C 503 15.39 39.59 9.84
C GLY C 503 14.96 39.22 8.44
N LEU C 504 14.93 37.91 8.14
CA LEU C 504 14.46 37.46 6.83
C LEU C 504 12.96 37.67 6.68
N CYS C 505 12.19 37.51 7.75
CA CYS C 505 10.76 37.75 7.67
C CYS C 505 10.46 39.23 7.47
N GLU C 506 11.11 40.09 8.26
CA GLU C 506 11.00 41.54 8.04
C GLU C 506 11.38 41.89 6.60
N GLN C 507 12.49 41.33 6.12
CA GLN C 507 13.00 41.67 4.80
C GLN C 507 11.95 41.54 3.70
N LYS C 508 10.97 40.67 3.88
CA LYS C 508 10.00 40.38 2.84
C LYS C 508 8.79 41.31 2.94
N ARG C 509 7.94 41.25 1.92
CA ARG C 509 6.64 41.89 1.92
C ARG C 509 5.62 40.90 1.38
N GLY C 510 4.35 41.30 1.37
CA GLY C 510 3.30 40.42 0.92
C GLY C 510 2.99 39.34 1.94
N LYS C 511 1.74 38.90 2.00
CA LYS C 511 1.33 37.93 3.01
C LYS C 511 2.04 36.60 2.80
N ASP C 512 1.84 35.98 1.64
CA ASP C 512 2.37 34.65 1.38
C ASP C 512 3.85 34.54 1.77
N ASN C 513 4.69 35.42 1.25
CA ASN C 513 6.12 35.38 1.57
C ASN C 513 6.34 35.42 3.08
N LYS C 514 5.83 36.46 3.74
CA LYS C 514 6.00 36.58 5.18
C LYS C 514 5.42 35.39 5.95
N ALA C 515 4.44 34.70 5.36
CA ALA C 515 3.83 33.56 6.05
C ALA C 515 4.78 32.37 6.08
N VAL C 516 5.44 32.08 4.96
CA VAL C 516 6.38 30.96 4.90
C VAL C 516 7.42 31.10 6.00
N VAL C 517 8.06 32.27 6.07
CA VAL C 517 9.17 32.44 7.00
C VAL C 517 8.70 32.32 8.44
N ALA C 518 7.48 32.77 8.72
CA ALA C 518 6.96 32.67 10.09
C ALA C 518 6.74 31.22 10.49
N SER C 519 6.13 30.43 9.59
CA SER C 519 5.97 29.00 9.84
C SER C 519 7.33 28.37 10.16
N ASP C 520 8.31 28.56 9.28
CA ASP C 520 9.62 27.96 9.49
C ASP C 520 10.22 28.38 10.84
N ILE C 521 10.02 29.64 11.23
CA ILE C 521 10.49 30.08 12.54
C ILE C 521 9.84 29.22 13.62
N MET C 522 8.51 29.19 13.65
CA MET C 522 7.85 28.40 14.70
C MET C 522 8.21 26.93 14.61
N TYR C 523 8.48 26.42 13.40
CA TYR C 523 8.89 25.03 13.29
C TYR C 523 10.23 24.80 13.98
N VAL C 524 11.21 25.64 13.68
CA VAL C 524 12.55 25.46 14.27
C VAL C 524 12.45 25.49 15.79
N VAL C 525 11.70 26.44 16.34
N VAL C 525 11.70 26.46 16.32
CA VAL C 525 11.63 26.54 17.80
CA VAL C 525 11.55 26.60 17.76
C VAL C 525 10.92 25.33 18.38
C VAL C 525 10.93 25.34 18.35
N GLY C 526 9.89 24.84 17.70
CA GLY C 526 9.22 23.63 18.17
C GLY C 526 10.13 22.43 18.25
N GLN C 527 11.25 22.46 17.52
CA GLN C 527 12.17 21.33 17.50
C GLN C 527 13.25 21.42 18.56
N TYR C 528 13.35 22.52 19.30
CA TYR C 528 14.42 22.74 20.27
C TYR C 528 13.82 22.98 21.66
N PRO C 529 13.17 21.96 22.22
CA PRO C 529 12.58 22.14 23.56
C PRO C 529 13.62 22.32 24.66
N ARG C 530 14.80 21.71 24.53
CA ARG C 530 15.85 21.94 25.52
C ARG C 530 16.16 23.43 25.64
N PHE C 531 16.23 24.12 24.51
CA PHE C 531 16.41 25.57 24.52
C PHE C 531 15.24 26.26 25.19
N LEU C 532 14.01 25.93 24.78
CA LEU C 532 12.84 26.58 25.36
C LEU C 532 12.77 26.35 26.86
N LYS C 533 13.08 25.13 27.32
CA LYS C 533 12.94 24.83 28.74
C LYS C 533 13.83 25.71 29.59
N ALA C 534 15.01 26.07 29.09
CA ALA C 534 15.99 26.82 29.86
C ALA C 534 15.87 28.33 29.69
N HIS C 535 14.94 28.81 28.86
CA HIS C 535 14.77 30.24 28.58
C HIS C 535 13.28 30.56 28.69
N TRP C 536 12.79 30.66 29.93
CA TRP C 536 11.36 30.82 30.14
C TRP C 536 10.84 32.07 29.44
N ASN C 537 11.48 33.22 29.66
CA ASN C 537 11.02 34.46 29.03
C ASN C 537 10.81 34.26 27.53
N PHE C 538 11.70 33.52 26.89
CA PHE C 538 11.57 33.27 25.46
C PHE C 538 10.41 32.32 25.17
N LEU C 539 10.33 31.21 25.92
CA LEU C 539 9.23 30.27 25.75
C LEU C 539 7.89 30.99 25.87
N ARG C 540 7.74 31.83 26.90
CA ARG C 540 6.50 32.57 27.05
C ARG C 540 6.23 33.47 25.84
N THR C 541 7.27 34.15 25.34
CA THR C 541 7.10 35.00 24.17
C THR C 541 6.66 34.17 22.96
N VAL C 542 7.24 32.98 22.79
CA VAL C 542 6.84 32.10 21.70
C VAL C 542 5.35 31.80 21.80
N ILE C 543 4.91 31.27 22.93
CA ILE C 543 3.52 30.88 23.11
C ILE C 543 2.61 32.05 22.80
N LEU C 544 2.91 33.22 23.37
CA LEU C 544 2.05 34.38 23.19
C LEU C 544 2.06 34.85 21.74
N LYS C 545 3.12 34.57 20.99
CA LYS C 545 3.08 34.89 19.57
C LYS C 545 2.22 33.88 18.82
N LEU C 546 2.29 32.61 19.21
CA LEU C 546 1.37 31.62 18.65
C LEU C 546 -0.08 32.04 18.88
N PHE C 547 -0.40 32.50 20.09
CA PHE C 547 -1.75 32.96 20.38
C PHE C 547 -2.15 34.10 19.44
N GLU C 548 -1.24 35.05 19.21
CA GLU C 548 -1.51 36.10 18.23
C GLU C 548 -1.85 35.50 16.86
N PHE C 549 -1.12 34.47 16.45
CA PHE C 549 -1.36 33.83 15.16
C PHE C 549 -2.70 33.12 15.10
N MET C 550 -3.28 32.76 16.25
CA MET C 550 -4.58 32.10 16.25
C MET C 550 -5.72 33.05 15.86
N HIS C 551 -5.43 34.33 15.65
CA HIS C 551 -6.40 35.28 15.11
C HIS C 551 -6.13 35.60 13.65
N GLU C 552 -4.96 35.25 13.13
CA GLU C 552 -4.67 35.48 11.73
C GLU C 552 -5.55 34.58 10.86
N THR C 553 -6.06 35.13 9.77
CA THR C 553 -6.99 34.42 8.90
C THR C 553 -6.36 33.91 7.62
N HIS C 554 -5.12 34.28 7.32
CA HIS C 554 -4.44 33.73 6.17
C HIS C 554 -4.46 32.20 6.21
N GLU C 555 -4.78 31.59 5.08
CA GLU C 555 -4.93 30.14 5.01
C GLU C 555 -3.71 29.44 5.60
N GLY C 556 -3.94 28.67 6.67
CA GLY C 556 -2.94 27.79 7.23
C GLY C 556 -2.22 28.32 8.45
N VAL C 557 -2.29 29.63 8.72
CA VAL C 557 -1.60 30.18 9.88
C VAL C 557 -2.18 29.62 11.16
N GLN C 558 -3.51 29.59 11.26
CA GLN C 558 -4.15 29.10 12.47
C GLN C 558 -3.80 27.65 12.74
N ASP C 559 -3.83 26.80 11.72
CA ASP C 559 -3.44 25.41 11.89
C ASP C 559 -2.01 25.30 12.40
N MET C 560 -1.10 26.06 11.80
CA MET C 560 0.30 26.01 12.22
C MET C 560 0.44 26.42 13.68
N ALA C 561 -0.21 27.51 14.08
CA ALA C 561 -0.09 27.99 15.45
C ALA C 561 -0.56 26.92 16.45
N CYS C 562 -1.68 26.25 16.15
CA CYS C 562 -2.20 25.24 17.07
C CYS C 562 -1.31 24.01 17.12
N ASP C 563 -0.87 23.53 15.96
CA ASP C 563 0.02 22.37 15.93
C ASP C 563 1.31 22.65 16.69
N THR C 564 1.86 23.85 16.53
CA THR C 564 3.07 24.20 17.26
C THR C 564 2.82 24.29 18.76
N PHE C 565 1.67 24.85 19.15
CA PHE C 565 1.36 25.02 20.56
C PHE C 565 1.37 23.66 21.28
N ILE C 566 0.59 22.70 20.78
CA ILE C 566 0.53 21.40 21.45
C ILE C 566 1.86 20.67 21.32
N LYS C 567 2.58 20.87 20.22
CA LYS C 567 3.89 20.25 20.06
C LYS C 567 4.86 20.73 21.13
N ILE C 568 4.88 22.04 21.41
CA ILE C 568 5.73 22.58 22.47
C ILE C 568 5.25 22.10 23.83
N VAL C 569 3.94 22.08 24.04
CA VAL C 569 3.39 21.70 25.35
C VAL C 569 3.77 20.27 25.69
N GLN C 570 3.63 19.36 24.73
CA GLN C 570 3.98 17.96 24.96
C GLN C 570 5.39 17.84 25.54
N LYS C 571 6.32 18.68 25.10
CA LYS C 571 7.71 18.57 25.49
C LYS C 571 8.09 19.48 26.66
N CYS C 572 7.36 20.57 26.88
CA CYS C 572 7.72 21.55 27.89
C CYS C 572 6.63 21.74 28.94
N LYS C 573 5.72 20.77 29.06
CA LYS C 573 4.55 20.93 29.92
C LYS C 573 4.91 21.36 31.34
N TYR C 574 5.98 20.79 31.91
CA TYR C 574 6.32 21.07 33.29
C TYR C 574 6.50 22.56 33.55
N HIS C 575 6.99 23.32 32.56
CA HIS C 575 7.24 24.74 32.76
C HIS C 575 5.98 25.59 32.66
N PHE C 576 4.85 25.00 32.29
CA PHE C 576 3.58 25.70 32.31
C PHE C 576 2.81 25.50 33.61
N VAL C 577 3.15 24.47 34.38
CA VAL C 577 2.38 24.10 35.56
C VAL C 577 3.01 24.60 36.86
N ILE C 578 4.29 24.93 36.85
CA ILE C 578 4.95 25.49 38.03
C ILE C 578 4.83 27.01 37.98
N GLN C 579 5.06 27.64 39.12
CA GLN C 579 5.18 29.09 39.19
C GLN C 579 6.62 29.48 38.91
N GLN C 580 6.82 30.28 37.87
CA GLN C 580 8.16 30.67 37.46
C GLN C 580 8.67 31.84 38.32
N PRO C 581 9.99 32.08 38.30
CA PRO C 581 10.56 33.13 39.15
C PRO C 581 9.81 34.45 39.17
N ARG C 582 9.67 35.11 38.02
CA ARG C 582 9.07 36.45 37.96
C ARG C 582 7.62 36.38 37.49
N GLU C 583 6.84 35.49 38.08
CA GLU C 583 5.45 35.31 37.72
C GLU C 583 4.63 35.16 39.00
N SER C 584 3.40 35.70 38.96
CA SER C 584 2.48 35.57 40.08
C SER C 584 1.67 34.27 40.06
N GLU C 585 1.65 33.57 38.93
CA GLU C 585 0.83 32.38 38.81
C GLU C 585 1.47 31.42 37.81
N PRO C 586 1.25 30.11 37.96
CA PRO C 586 1.63 29.18 36.90
C PRO C 586 0.99 29.59 35.59
N PHE C 587 1.76 29.52 34.50
CA PHE C 587 1.30 30.07 33.24
C PHE C 587 0.03 29.40 32.73
N ILE C 588 -0.24 28.16 33.13
CA ILE C 588 -1.47 27.50 32.69
C ILE C 588 -2.68 28.30 33.15
N GLN C 589 -2.62 28.85 34.37
CA GLN C 589 -3.71 29.70 34.84
C GLN C 589 -3.93 30.88 33.90
N THR C 590 -2.85 31.44 33.36
CA THR C 590 -2.98 32.59 32.47
C THR C 590 -3.61 32.19 31.14
N ILE C 591 -3.19 31.05 30.59
CA ILE C 591 -3.80 30.56 29.35
C ILE C 591 -5.30 30.39 29.53
N ILE C 592 -5.72 29.82 30.66
CA ILE C 592 -7.12 29.50 30.86
C ILE C 592 -7.96 30.76 30.97
N ARG C 593 -7.45 31.79 31.67
CA ARG C 593 -8.23 33.01 31.85
C ARG C 593 -8.65 33.62 30.52
N ASP C 594 -7.76 33.63 29.54
CA ASP C 594 -7.98 34.30 28.27
C ASP C 594 -8.37 33.35 27.15
N ILE C 595 -8.85 32.15 27.50
CA ILE C 595 -9.01 31.11 26.49
C ILE C 595 -10.08 31.49 25.45
N GLN C 596 -11.17 32.12 25.90
CA GLN C 596 -12.21 32.52 24.96
C GLN C 596 -11.66 33.50 23.94
N LYS C 597 -10.93 34.52 24.41
CA LYS C 597 -10.32 35.47 23.49
C LYS C 597 -9.34 34.76 22.57
N THR C 598 -8.46 33.94 23.13
CA THR C 598 -7.42 33.29 22.34
C THR C 598 -8.01 32.45 21.21
N THR C 599 -9.10 31.74 21.47
CA THR C 599 -9.66 30.78 20.53
C THR C 599 -10.86 31.32 19.77
N ALA C 600 -11.19 32.60 19.92
CA ALA C 600 -12.43 33.13 19.35
C ALA C 600 -12.49 32.92 17.83
N ASP C 601 -11.36 32.95 17.14
CA ASP C 601 -11.33 32.88 15.69
C ASP C 601 -10.98 31.50 15.16
N LEU C 602 -10.83 30.50 16.03
CA LEU C 602 -10.42 29.16 15.62
C LEU C 602 -11.63 28.33 15.20
N GLN C 603 -11.41 27.44 14.23
CA GLN C 603 -12.41 26.45 13.89
C GLN C 603 -12.55 25.45 15.04
N PRO C 604 -13.67 24.72 15.10
CA PRO C 604 -13.85 23.75 16.19
C PRO C 604 -12.69 22.77 16.37
N GLN C 605 -12.24 22.12 15.29
CA GLN C 605 -11.11 21.20 15.41
C GLN C 605 -9.94 21.85 16.13
N GLN C 606 -9.66 23.12 15.80
CA GLN C 606 -8.51 23.80 16.38
C GLN C 606 -8.76 24.16 17.83
N VAL C 607 -10.00 24.51 18.19
CA VAL C 607 -10.33 24.73 19.59
C VAL C 607 -10.06 23.47 20.41
N HIS C 608 -10.40 22.31 19.85
CA HIS C 608 -10.25 21.05 20.58
C HIS C 608 -8.79 20.71 20.79
N THR C 609 -7.96 20.92 19.76
CA THR C 609 -6.51 20.77 19.95
C THR C 609 -6.02 21.66 21.08
N PHE C 610 -6.52 22.90 21.14
CA PHE C 610 -6.10 23.83 22.18
C PHE C 610 -6.46 23.29 23.57
N TYR C 611 -7.71 22.85 23.74
CA TYR C 611 -8.13 22.31 25.03
C TYR C 611 -7.33 21.06 25.38
N LYS C 612 -7.05 20.21 24.38
CA LYS C 612 -6.24 19.03 24.63
C LYS C 612 -4.85 19.42 25.12
N ALA C 613 -4.26 20.44 24.52
CA ALA C 613 -2.96 20.92 24.98
C ALA C 613 -3.04 21.34 26.45
N CYS C 614 -4.09 22.06 26.83
CA CYS C 614 -4.27 22.43 28.22
C CYS C 614 -4.41 21.21 29.11
N GLY C 615 -5.11 20.19 28.62
CA GLY C 615 -5.23 18.95 29.39
C GLY C 615 -3.89 18.31 29.67
N ILE C 616 -2.96 18.37 28.70
CA ILE C 616 -1.63 17.82 28.90
C ILE C 616 -0.94 18.52 30.08
N ILE C 617 -0.98 19.85 30.08
CA ILE C 617 -0.38 20.62 31.17
C ILE C 617 -1.02 20.25 32.50
N ILE C 618 -2.35 20.28 32.55
CA ILE C 618 -3.05 20.08 33.81
C ILE C 618 -2.72 18.72 34.41
N SER C 619 -2.46 17.72 33.58
CA SER C 619 -2.13 16.39 34.10
C SER C 619 -0.77 16.36 34.79
N GLU C 620 0.08 17.36 34.57
CA GLU C 620 1.35 17.42 35.28
C GLU C 620 1.18 17.86 36.73
N GLU C 621 0.11 18.58 37.04
CA GLU C 621 -0.16 18.98 38.43
C GLU C 621 -0.58 17.76 39.24
N ARG C 622 0.25 17.38 40.21
CA ARG C 622 -0.01 16.18 41.00
C ARG C 622 -0.75 16.45 42.31
N SER C 623 -0.92 17.71 42.70
CA SER C 623 -1.85 18.03 43.77
C SER C 623 -3.27 17.89 43.24
N VAL C 624 -4.03 16.97 43.83
CA VAL C 624 -5.34 16.62 43.27
C VAL C 624 -6.26 17.84 43.26
N ALA C 625 -6.36 18.55 44.38
CA ALA C 625 -7.30 19.66 44.48
C ALA C 625 -6.94 20.77 43.49
N GLU C 626 -5.65 20.99 43.25
CA GLU C 626 -5.27 21.99 42.26
C GLU C 626 -5.53 21.49 40.85
N ARG C 627 -5.25 20.22 40.58
CA ARG C 627 -5.53 19.64 39.27
C ARG C 627 -7.02 19.74 38.95
N ASN C 628 -7.88 19.42 39.91
CA ASN C 628 -9.31 19.46 39.67
C ASN C 628 -9.82 20.88 39.49
N ARG C 629 -9.27 21.83 40.26
CA ARG C 629 -9.66 23.23 40.07
C ARG C 629 -9.30 23.71 38.67
N LEU C 630 -8.08 23.42 38.22
CA LEU C 630 -7.69 23.75 36.86
C LEU C 630 -8.62 23.08 35.85
N LEU C 631 -8.96 21.81 36.10
CA LEU C 631 -9.83 21.09 35.17
C LEU C 631 -11.17 21.78 35.02
N SER C 632 -11.84 22.09 36.14
CA SER C 632 -13.15 22.73 36.07
C SER C 632 -13.04 24.15 35.54
N ASP C 633 -11.90 24.82 35.78
CA ASP C 633 -11.69 26.13 35.18
C ASP C 633 -11.54 26.03 33.66
N LEU C 634 -10.77 25.05 33.19
CA LEU C 634 -10.60 24.87 31.76
C LEU C 634 -11.93 24.59 31.08
N MET C 635 -12.77 23.78 31.71
CA MET C 635 -14.04 23.34 31.12
C MET C 635 -15.18 24.31 31.38
N GLN C 636 -14.89 25.52 31.86
CA GLN C 636 -15.95 26.44 32.25
C GLN C 636 -16.86 26.77 31.07
N LEU C 637 -16.27 27.14 29.94
CA LEU C 637 -17.09 27.51 28.77
C LEU C 637 -17.93 26.34 28.28
N PRO C 638 -17.36 25.19 27.94
CA PRO C 638 -18.21 24.05 27.52
C PRO C 638 -19.20 23.62 28.59
N ASN C 639 -18.85 23.73 29.87
CA ASN C 639 -19.79 23.31 30.91
C ASN C 639 -20.97 24.25 31.02
N MET C 640 -20.77 25.55 30.78
CA MET C 640 -21.88 26.49 30.83
C MET C 640 -22.79 26.34 29.61
N ALA C 641 -22.20 26.20 28.42
CA ALA C 641 -23.00 25.89 27.24
C ALA C 641 -23.76 24.58 27.44
N TRP C 642 -23.12 23.60 28.07
CA TRP C 642 -23.75 22.31 28.34
C TRP C 642 -24.95 22.47 29.26
N ASP C 643 -24.74 23.10 30.42
CA ASP C 643 -25.83 23.29 31.37
C ASP C 643 -27.03 23.96 30.71
N THR C 644 -26.77 25.01 29.92
CA THR C 644 -27.85 25.71 29.22
C THR C 644 -28.64 24.74 28.34
N ILE C 645 -27.95 23.94 27.53
CA ILE C 645 -28.64 23.08 26.57
C ILE C 645 -29.43 21.99 27.29
N VAL C 646 -28.86 21.41 28.35
CA VAL C 646 -29.58 20.38 29.10
C VAL C 646 -30.89 20.96 29.63
N GLU C 647 -30.83 22.17 30.19
CA GLU C 647 -32.05 22.80 30.70
C GLU C 647 -33.04 23.10 29.59
N GLN C 648 -32.57 23.26 28.36
CA GLN C 648 -33.44 23.56 27.22
C GLN C 648 -33.90 22.27 26.54
N SER C 649 -32.97 21.52 25.96
CA SER C 649 -33.25 20.25 25.32
C SER C 649 -34.26 19.43 26.12
N THR C 650 -34.19 19.51 27.45
CA THR C 650 -35.14 18.78 28.28
C THR C 650 -36.52 19.42 28.25
N ALA C 651 -36.58 20.75 28.18
CA ALA C 651 -37.83 21.49 28.21
C ALA C 651 -38.45 21.66 26.83
N ASN C 652 -37.77 21.22 25.78
CA ASN C 652 -38.28 21.37 24.42
C ASN C 652 -37.52 20.43 23.49
N PRO C 653 -37.78 19.12 23.55
CA PRO C 653 -37.03 18.16 22.74
C PRO C 653 -37.01 18.47 21.25
N THR C 654 -37.83 19.43 20.80
CA THR C 654 -37.81 19.81 19.39
C THR C 654 -36.55 20.59 19.02
N LEU C 655 -35.88 21.20 20.00
CA LEU C 655 -34.67 21.95 19.71
C LEU C 655 -33.64 21.09 18.99
N LEU C 656 -33.49 19.83 19.40
CA LEU C 656 -32.49 18.96 18.78
C LEU C 656 -32.69 18.82 17.29
N LEU C 657 -33.87 19.16 16.77
CA LEU C 657 -34.03 19.25 15.32
C LEU C 657 -33.39 20.51 14.76
N ASP C 658 -33.09 21.49 15.61
CA ASP C 658 -32.31 22.65 15.20
C ASP C 658 -30.87 22.19 14.96
N SER C 659 -30.44 22.18 13.69
CA SER C 659 -29.11 21.71 13.36
C SER C 659 -28.01 22.55 14.02
N GLU C 660 -28.33 23.77 14.46
CA GLU C 660 -27.32 24.59 15.13
C GLU C 660 -27.07 24.10 16.55
N THR C 661 -28.14 23.72 17.27
CA THR C 661 -27.96 23.16 18.61
C THR C 661 -27.27 21.81 18.54
N VAL C 662 -27.64 20.98 17.56
CA VAL C 662 -26.98 19.70 17.37
C VAL C 662 -25.48 19.89 17.20
N LYS C 663 -25.09 20.81 16.31
CA LYS C 663 -23.67 21.08 16.09
C LYS C 663 -23.00 21.57 17.37
N ILE C 664 -23.67 22.45 18.11
CA ILE C 664 -23.11 22.96 19.36
C ILE C 664 -22.88 21.82 20.33
N ILE C 665 -23.88 20.94 20.49
CA ILE C 665 -23.75 19.82 21.42
C ILE C 665 -22.56 18.95 21.04
N ALA C 666 -22.45 18.59 19.75
CA ALA C 666 -21.36 17.74 19.32
C ALA C 666 -20.02 18.35 19.67
N ASN C 667 -19.84 19.66 19.42
CA ASN C 667 -18.57 20.30 19.71
C ASN C 667 -18.27 20.33 21.20
N ILE C 668 -19.29 20.43 22.04
CA ILE C 668 -19.07 20.33 23.49
C ILE C 668 -18.50 18.96 23.83
N ILE C 669 -19.13 17.90 23.30
N ILE C 669 -19.15 17.90 23.32
CA ILE C 669 -18.69 16.54 23.62
CA ILE C 669 -18.68 16.54 23.61
C ILE C 669 -17.30 16.31 23.05
C ILE C 669 -17.27 16.34 23.07
N LYS C 670 -17.04 16.78 21.83
CA LYS C 670 -15.70 16.66 21.26
C LYS C 670 -14.67 17.37 22.10
N THR C 671 -15.03 18.50 22.72
CA THR C 671 -14.08 19.16 23.61
C THR C 671 -13.78 18.29 24.82
N ASN C 672 -14.79 17.60 25.36
CA ASN C 672 -14.56 16.69 26.47
C ASN C 672 -13.70 15.51 26.04
N VAL C 673 -13.92 14.98 24.83
CA VAL C 673 -13.08 13.89 24.33
C VAL C 673 -11.64 14.35 24.24
N ALA C 674 -11.42 15.55 23.69
CA ALA C 674 -10.06 16.07 23.52
C ALA C 674 -9.35 16.15 24.87
N VAL C 675 -10.00 16.75 25.88
CA VAL C 675 -9.37 16.89 27.18
C VAL C 675 -9.21 15.53 27.84
N CYS C 676 -10.22 14.67 27.74
CA CYS C 676 -10.11 13.33 28.31
C CYS C 676 -8.99 12.54 27.63
N THR C 677 -8.72 12.81 26.35
CA THR C 677 -7.67 12.09 25.65
C THR C 677 -6.32 12.33 26.31
N SER C 678 -6.04 13.56 26.73
CA SER C 678 -4.75 13.87 27.32
C SER C 678 -4.71 13.67 28.83
N MET C 679 -5.86 13.66 29.51
CA MET C 679 -5.89 13.55 30.96
C MET C 679 -6.16 12.15 31.48
N GLY C 680 -6.85 11.32 30.70
CA GLY C 680 -7.05 9.94 31.10
C GLY C 680 -7.76 9.81 32.44
N ALA C 681 -7.14 9.06 33.36
CA ALA C 681 -7.76 8.80 34.65
C ALA C 681 -8.11 10.10 35.39
N ASP C 682 -7.34 11.16 35.17
CA ASP C 682 -7.60 12.42 35.86
C ASP C 682 -8.83 13.14 35.35
N PHE C 683 -9.41 12.70 34.23
CA PHE C 683 -10.60 13.35 33.70
C PHE C 683 -11.86 13.05 34.50
N TYR C 684 -11.80 12.08 35.40
CA TYR C 684 -13.00 11.57 36.06
C TYR C 684 -13.89 12.65 36.66
N PRO C 685 -13.37 13.65 37.38
CA PRO C 685 -14.28 14.65 37.96
C PRO C 685 -15.12 15.36 36.93
N GLN C 686 -14.56 15.67 35.76
CA GLN C 686 -15.33 16.31 34.70
C GLN C 686 -16.35 15.34 34.11
N LEU C 687 -15.96 14.08 33.93
CA LEU C 687 -16.93 13.08 33.46
C LEU C 687 -18.12 13.00 34.40
N GLY C 688 -17.86 13.06 35.71
CA GLY C 688 -18.96 13.01 36.66
C GLY C 688 -19.88 14.21 36.58
N HIS C 689 -19.36 15.36 36.13
CA HIS C 689 -20.19 16.55 36.03
C HIS C 689 -21.28 16.40 34.96
N ILE C 690 -20.99 15.67 33.88
CA ILE C 690 -21.90 15.59 32.74
C ILE C 690 -22.50 14.21 32.56
N TYR C 691 -22.03 13.19 33.28
CA TYR C 691 -22.28 11.81 32.89
C TYR C 691 -23.77 11.52 32.78
N TYR C 692 -24.50 11.70 33.88
CA TYR C 692 -25.89 11.27 33.90
C TYR C 692 -26.74 12.01 32.88
N ASN C 693 -26.59 13.33 32.80
CA ASN C 693 -27.33 14.09 31.80
C ASN C 693 -26.87 13.74 30.39
N MET C 694 -25.60 13.40 30.21
CA MET C 694 -25.12 12.99 28.89
C MET C 694 -25.83 11.74 28.40
N LEU C 695 -26.00 10.75 29.28
CA LEU C 695 -26.70 9.53 28.88
C LEU C 695 -28.18 9.79 28.66
N GLN C 696 -28.76 10.73 29.39
CA GLN C 696 -30.13 11.14 29.09
C GLN C 696 -30.20 11.78 27.71
N LEU C 697 -29.25 12.64 27.38
CA LEU C 697 -29.16 13.20 26.04
C LEU C 697 -29.04 12.09 25.01
N TYR C 698 -28.20 11.08 25.29
CA TYR C 698 -28.06 9.94 24.38
C TYR C 698 -29.41 9.30 24.09
N ARG C 699 -30.24 9.11 25.13
CA ARG C 699 -31.55 8.50 24.94
C ARG C 699 -32.45 9.39 24.10
N ALA C 700 -32.48 10.69 24.39
CA ALA C 700 -33.37 11.59 23.67
C ALA C 700 -32.98 11.67 22.20
N VAL C 701 -31.68 11.79 21.91
CA VAL C 701 -31.21 11.77 20.53
C VAL C 701 -31.61 10.46 19.86
N SER C 702 -31.48 9.34 20.58
CA SER C 702 -31.87 8.05 20.02
C SER C 702 -33.34 8.04 19.62
N SER C 703 -34.20 8.55 20.50
CA SER C 703 -35.62 8.61 20.18
C SER C 703 -35.86 9.40 18.90
N MET C 704 -35.12 10.49 18.70
CA MET C 704 -35.34 11.34 17.54
C MET C 704 -34.86 10.67 16.25
N ILE C 705 -33.71 10.02 16.30
CA ILE C 705 -33.26 9.25 15.14
C ILE C 705 -34.31 8.21 14.77
N SER C 706 -34.81 7.47 15.76
CA SER C 706 -35.83 6.46 15.50
C SER C 706 -37.09 7.09 14.94
N ALA C 707 -37.54 8.20 15.54
CA ALA C 707 -38.75 8.87 15.05
C ALA C 707 -38.57 9.36 13.62
N GLN C 708 -37.35 9.80 13.27
CA GLN C 708 -37.12 10.30 11.92
C GLN C 708 -37.12 9.17 10.90
N VAL C 709 -36.52 8.02 11.25
CA VAL C 709 -36.53 6.89 10.34
C VAL C 709 -37.94 6.36 10.14
N ALA C 710 -38.77 6.40 11.18
CA ALA C 710 -40.16 5.97 11.05
C ALA C 710 -40.93 6.89 10.11
N ALA C 711 -40.69 8.20 10.18
CA ALA C 711 -41.48 9.16 9.42
C ALA C 711 -40.99 9.35 8.00
N GLU C 712 -39.69 9.20 7.75
CA GLU C 712 -39.12 9.45 6.43
C GLU C 712 -38.63 8.21 5.72
N GLY C 713 -38.37 7.12 6.44
CA GLY C 713 -37.78 5.93 5.85
C GLY C 713 -36.30 5.85 6.14
N LEU C 714 -35.69 4.77 5.62
CA LEU C 714 -34.27 4.55 5.86
C LEU C 714 -33.41 5.68 5.31
N ILE C 715 -33.89 6.36 4.25
CA ILE C 715 -33.12 7.45 3.67
C ILE C 715 -32.84 8.54 4.69
N ALA C 716 -33.60 8.59 5.78
CA ALA C 716 -33.35 9.55 6.84
C ALA C 716 -31.93 9.45 7.38
N THR C 717 -31.36 8.24 7.41
CA THR C 717 -30.01 8.06 7.93
C THR C 717 -28.97 8.79 7.09
N LYS C 718 -29.32 9.15 5.85
CA LYS C 718 -28.41 9.90 5.00
C LYS C 718 -28.53 11.42 5.18
N THR C 719 -29.59 11.88 5.84
CA THR C 719 -29.84 13.31 5.90
C THR C 719 -28.87 13.99 6.86
N PRO C 720 -28.56 15.27 6.61
CA PRO C 720 -27.70 16.00 7.57
C PRO C 720 -28.24 16.01 8.98
N LYS C 721 -29.56 16.11 9.15
CA LYS C 721 -30.13 16.18 10.50
C LYS C 721 -29.82 14.91 11.29
N VAL C 722 -30.07 13.75 10.70
CA VAL C 722 -29.87 12.50 11.42
C VAL C 722 -28.38 12.20 11.55
N ARG C 723 -27.59 12.52 10.52
CA ARG C 723 -26.14 12.37 10.65
C ARG C 723 -25.62 13.23 11.78
N GLY C 724 -26.17 14.44 11.95
CA GLY C 724 -25.79 15.28 13.07
C GLY C 724 -26.18 14.67 14.40
N LEU C 725 -27.38 14.08 14.47
CA LEU C 725 -27.82 13.44 15.70
C LEU C 725 -26.95 12.23 16.04
N ARG C 726 -26.61 11.43 15.04
CA ARG C 726 -25.79 10.25 15.31
C ARG C 726 -24.38 10.62 15.71
N THR C 727 -23.85 11.73 15.16
CA THR C 727 -22.56 12.23 15.63
C THR C 727 -22.57 12.41 17.14
N ILE C 728 -23.66 12.95 17.69
CA ILE C 728 -23.78 13.12 19.13
C ILE C 728 -23.59 11.77 19.83
N LYS C 729 -24.33 10.75 19.39
CA LYS C 729 -24.23 9.44 20.01
C LYS C 729 -22.82 8.88 19.90
N LYS C 730 -22.18 9.05 18.74
CA LYS C 730 -20.86 8.48 18.54
C LYS C 730 -19.81 9.17 19.41
N GLU C 731 -19.90 10.49 19.55
CA GLU C 731 -18.95 11.21 20.39
C GLU C 731 -19.14 10.86 21.86
N ILE C 732 -20.38 10.66 22.29
CA ILE C 732 -20.63 10.21 23.67
C ILE C 732 -19.97 8.87 23.90
N LEU C 733 -20.22 7.91 22.99
CA LEU C 733 -19.60 6.60 23.12
C LEU C 733 -18.08 6.71 23.14
N LYS C 734 -17.52 7.54 22.26
CA LYS C 734 -16.07 7.72 22.22
C LYS C 734 -15.55 8.29 23.53
N LEU C 735 -16.28 9.25 24.12
CA LEU C 735 -15.85 9.82 25.39
C LEU C 735 -15.77 8.76 26.47
N VAL C 736 -16.82 7.95 26.61
CA VAL C 736 -16.83 6.91 27.64
C VAL C 736 -15.76 5.87 27.35
N GLU C 737 -15.64 5.46 26.09
CA GLU C 737 -14.57 4.55 25.69
C GLU C 737 -13.21 5.11 26.05
N THR C 738 -12.98 6.39 25.71
CA THR C 738 -11.69 7.00 25.99
C THR C 738 -11.38 7.00 27.48
N TYR C 739 -12.37 7.36 28.32
CA TYR C 739 -12.10 7.38 29.75
C TYR C 739 -11.84 5.98 30.28
N ILE C 740 -12.72 5.04 29.96
CA ILE C 740 -12.64 3.70 30.56
C ILE C 740 -11.35 3.01 30.17
N SER C 741 -10.86 3.24 28.94
CA SER C 741 -9.63 2.59 28.51
C SER C 741 -8.42 3.08 29.29
N LYS C 742 -8.53 4.23 29.97
CA LYS C 742 -7.42 4.82 30.70
C LYS C 742 -7.68 4.91 32.20
N ALA C 743 -8.84 4.50 32.67
CA ALA C 743 -9.18 4.65 34.09
C ALA C 743 -8.29 3.77 34.96
N ARG C 744 -7.94 4.29 36.14
CA ARG C 744 -7.20 3.54 37.14
C ARG C 744 -8.06 3.07 38.31
N ASN C 745 -9.19 3.72 38.55
CA ASN C 745 -10.14 3.31 39.59
C ASN C 745 -11.26 2.53 38.90
N LEU C 746 -11.12 1.20 38.88
CA LEU C 746 -12.09 0.36 38.21
C LEU C 746 -13.31 0.06 39.07
N ASP C 747 -13.20 0.19 40.39
CA ASP C 747 -14.38 0.10 41.24
C ASP C 747 -15.41 1.15 40.83
N ASP C 748 -14.95 2.39 40.62
CA ASP C 748 -15.86 3.45 40.19
C ASP C 748 -16.42 3.17 38.80
N VAL C 749 -15.57 2.67 37.89
CA VAL C 749 -16.05 2.30 36.55
C VAL C 749 -17.22 1.34 36.66
N VAL C 750 -17.04 0.28 37.44
CA VAL C 750 -18.05 -0.77 37.53
C VAL C 750 -19.29 -0.25 38.25
N LYS C 751 -19.09 0.43 39.37
CA LYS C 751 -20.18 0.74 40.28
C LYS C 751 -20.90 2.05 39.94
N VAL C 752 -20.31 2.92 39.13
CA VAL C 752 -20.91 4.20 38.78
C VAL C 752 -21.20 4.31 37.29
N LEU C 753 -20.29 3.87 36.43
CA LEU C 753 -20.39 4.16 35.01
C LEU C 753 -21.10 3.07 34.22
N VAL C 754 -20.80 1.79 34.48
CA VAL C 754 -21.17 0.73 33.54
C VAL C 754 -22.68 0.58 33.46
N GLU C 755 -23.35 0.41 34.60
CA GLU C 755 -24.77 0.07 34.56
C GLU C 755 -25.61 1.15 33.88
N PRO C 756 -25.46 2.43 34.19
CA PRO C 756 -26.16 3.46 33.39
C PRO C 756 -25.81 3.39 31.91
N LEU C 757 -24.55 3.11 31.58
CA LEU C 757 -24.15 3.02 30.19
C LEU C 757 -24.90 1.90 29.47
N LEU C 758 -24.93 0.70 30.08
CA LEU C 758 -25.57 -0.44 29.42
C LEU C 758 -27.06 -0.20 29.24
N ASN C 759 -27.71 0.39 30.25
CA ASN C 759 -29.13 0.69 30.10
C ASN C 759 -29.38 1.72 29.01
N ALA C 760 -28.42 2.61 28.76
CA ALA C 760 -28.60 3.65 27.77
C ALA C 760 -28.37 3.17 26.34
N VAL C 761 -27.51 2.17 26.12
CA VAL C 761 -27.03 1.85 24.78
C VAL C 761 -27.49 0.49 24.29
N LEU C 762 -27.64 -0.52 25.16
CA LEU C 762 -27.83 -1.88 24.67
C LEU C 762 -29.20 -2.05 24.03
N GLU C 763 -30.26 -1.71 24.75
CA GLU C 763 -31.60 -1.89 24.22
C GLU C 763 -31.83 -1.01 23.00
N ASP C 764 -31.29 0.20 23.00
CA ASP C 764 -31.39 1.08 21.84
C ASP C 764 -30.77 0.44 20.61
N TYR C 765 -29.63 -0.24 20.78
CA TYR C 765 -28.98 -0.92 19.67
C TYR C 765 -29.81 -2.11 19.20
N MET C 766 -30.25 -2.94 20.14
CA MET C 766 -31.00 -4.15 19.78
C MET C 766 -32.27 -3.83 19.02
N ASN C 767 -32.97 -2.76 19.41
CA ASN C 767 -34.32 -2.51 18.94
C ASN C 767 -34.38 -1.45 17.84
N ASN C 768 -33.23 -0.95 17.37
CA ASN C 768 -33.18 -0.16 16.15
C ASN C 768 -33.11 -1.10 14.95
N VAL C 769 -33.54 -0.59 13.79
CA VAL C 769 -33.41 -1.33 12.55
C VAL C 769 -31.92 -1.41 12.20
N PRO C 770 -31.49 -2.38 11.40
CA PRO C 770 -30.06 -2.50 11.10
C PRO C 770 -29.38 -1.20 10.65
N ASP C 771 -29.97 -0.48 9.70
CA ASP C 771 -29.32 0.72 9.17
C ASP C 771 -29.19 1.84 10.20
N ALA C 772 -29.77 1.68 11.39
CA ALA C 772 -29.70 2.71 12.42
C ALA C 772 -28.81 2.32 13.59
N ARG C 773 -28.26 1.11 13.59
CA ARG C 773 -27.40 0.67 14.68
C ARG C 773 -25.98 1.23 14.48
N ASP C 774 -25.41 1.78 15.56
CA ASP C 774 -24.08 2.34 15.52
C ASP C 774 -23.06 1.27 15.86
N ALA C 775 -22.13 1.00 14.94
CA ALA C 775 -21.06 0.06 15.23
C ALA C 775 -20.21 0.51 16.40
N GLU C 776 -20.17 1.83 16.66
CA GLU C 776 -19.41 2.35 17.80
C GLU C 776 -19.87 1.73 19.11
N VAL C 777 -21.14 1.33 19.20
CA VAL C 777 -21.62 0.65 20.40
C VAL C 777 -20.80 -0.60 20.66
N LEU C 778 -20.54 -1.39 19.61
CA LEU C 778 -19.72 -2.57 19.77
C LEU C 778 -18.31 -2.21 20.22
N ASN C 779 -17.72 -1.19 19.59
CA ASN C 779 -16.39 -0.75 19.98
C ASN C 779 -16.35 -0.34 21.45
N CYS C 780 -17.34 0.45 21.88
CA CYS C 780 -17.40 0.85 23.28
C CYS C 780 -17.49 -0.36 24.20
N MET C 781 -18.38 -1.30 23.87
CA MET C 781 -18.53 -2.50 24.70
C MET C 781 -17.24 -3.31 24.73
N THR C 782 -16.47 -3.33 23.65
CA THR C 782 -15.21 -4.05 23.65
C THR C 782 -14.27 -3.48 24.71
N THR C 783 -14.20 -2.15 24.83
CA THR C 783 -13.35 -1.53 25.83
C THR C 783 -13.87 -1.84 27.24
N VAL C 784 -15.18 -1.78 27.44
CA VAL C 784 -15.75 -2.09 28.75
C VAL C 784 -15.36 -3.50 29.17
N VAL C 785 -15.54 -4.47 28.28
CA VAL C 785 -15.20 -5.85 28.61
C VAL C 785 -13.71 -6.00 28.85
N GLU C 786 -12.90 -5.36 28.01
CA GLU C 786 -11.45 -5.43 28.16
C GLU C 786 -11.01 -5.00 29.55
N LYS C 787 -11.51 -3.87 30.02
CA LYS C 787 -10.99 -3.27 31.24
C LYS C 787 -11.64 -3.79 32.52
N VAL C 788 -12.93 -4.13 32.49
CA VAL C 788 -13.61 -4.53 33.71
C VAL C 788 -14.50 -5.76 33.46
N GLY C 789 -14.26 -6.46 32.36
CA GLY C 789 -15.10 -7.61 32.04
C GLY C 789 -15.08 -8.67 33.13
N HIS C 790 -13.91 -8.88 33.74
CA HIS C 790 -13.79 -9.85 34.82
C HIS C 790 -14.69 -9.53 36.01
N MET C 791 -15.11 -8.27 36.16
CA MET C 791 -15.88 -7.85 37.34
C MET C 791 -17.38 -7.75 37.08
N ILE C 792 -17.84 -7.91 35.84
CA ILE C 792 -19.26 -7.74 35.53
C ILE C 792 -19.76 -8.93 34.72
N PRO C 793 -19.70 -10.15 35.25
CA PRO C 793 -20.14 -11.31 34.46
C PRO C 793 -21.59 -11.21 34.00
N GLN C 794 -22.48 -10.67 34.84
CA GLN C 794 -23.85 -10.46 34.41
C GLN C 794 -23.93 -9.37 33.36
N GLY C 795 -23.08 -8.35 33.46
CA GLY C 795 -23.07 -7.31 32.44
C GLY C 795 -22.64 -7.83 31.09
N VAL C 796 -21.67 -8.74 31.07
CA VAL C 796 -21.22 -9.31 29.80
C VAL C 796 -22.33 -10.14 29.16
N ILE C 797 -22.99 -10.99 29.96
CA ILE C 797 -24.12 -11.76 29.46
C ILE C 797 -25.13 -10.83 28.80
N LEU C 798 -25.38 -9.68 29.42
CA LEU C 798 -26.36 -8.74 28.88
C LEU C 798 -25.89 -8.15 27.56
N ILE C 799 -24.59 -7.82 27.46
CA ILE C 799 -24.05 -7.36 26.19
C ILE C 799 -24.29 -8.38 25.09
N LEU C 800 -23.93 -9.64 25.36
CA LEU C 800 -24.14 -10.69 24.37
C LEU C 800 -25.60 -10.78 23.97
N GLN C 801 -26.51 -10.84 24.95
CA GLN C 801 -27.92 -10.98 24.65
C GLN C 801 -28.41 -9.85 23.76
N SER C 802 -27.82 -8.67 23.88
CA SER C 802 -28.35 -7.49 23.19
C SER C 802 -27.75 -7.25 21.82
N VAL C 803 -26.53 -7.72 21.56
CA VAL C 803 -25.86 -7.44 20.29
C VAL C 803 -25.51 -8.69 19.49
N PHE C 804 -25.43 -9.87 20.10
CA PHE C 804 -24.88 -11.03 19.40
C PHE C 804 -25.74 -11.45 18.22
N GLU C 805 -26.96 -11.92 18.47
CA GLU C 805 -27.77 -12.48 17.39
C GLU C 805 -28.14 -11.41 16.36
N CYS C 806 -28.54 -10.22 16.81
CA CYS C 806 -29.00 -9.23 15.85
C CYS C 806 -27.88 -8.70 14.98
N THR C 807 -26.66 -8.60 15.52
CA THR C 807 -25.53 -8.20 14.69
C THR C 807 -25.11 -9.33 13.74
N LEU C 808 -25.10 -10.57 14.24
CA LEU C 808 -24.74 -11.70 13.39
C LEU C 808 -25.66 -11.77 12.17
N ASP C 809 -26.95 -11.52 12.36
CA ASP C 809 -27.88 -11.57 11.24
C ASP C 809 -27.65 -10.45 10.24
N MET C 810 -26.99 -9.37 10.66
CA MET C 810 -26.66 -8.31 9.72
C MET C 810 -25.52 -8.71 8.78
N ILE C 811 -24.60 -9.55 9.24
CA ILE C 811 -23.33 -9.78 8.54
C ILE C 811 -23.19 -11.20 8.01
N ASN C 812 -24.20 -12.05 8.16
CA ASN C 812 -24.09 -13.45 7.76
C ASN C 812 -24.81 -13.76 6.44
N LYS C 813 -25.11 -12.74 5.65
CA LYS C 813 -25.70 -12.95 4.33
C LYS C 813 -24.69 -12.75 3.19
N ASP C 814 -23.67 -11.93 3.42
CA ASP C 814 -22.56 -11.80 2.49
C ASP C 814 -21.37 -11.27 3.30
N PHE C 815 -20.24 -11.08 2.61
CA PHE C 815 -19.05 -10.51 3.22
C PHE C 815 -18.95 -9.00 2.98
N THR C 816 -20.02 -8.38 2.49
CA THR C 816 -20.00 -7.00 2.02
C THR C 816 -20.60 -6.03 3.02
N GLU C 817 -21.86 -6.21 3.36
CA GLU C 817 -22.63 -5.20 4.07
C GLU C 817 -22.08 -4.97 5.48
N TYR C 818 -22.35 -3.77 5.99
CA TYR C 818 -22.03 -3.41 7.37
C TYR C 818 -20.57 -3.74 7.71
N PRO C 819 -19.62 -3.17 6.96
CA PRO C 819 -18.21 -3.52 7.19
C PRO C 819 -17.70 -3.14 8.57
N GLU C 820 -18.14 -2.01 9.12
CA GLU C 820 -17.68 -1.63 10.46
C GLU C 820 -18.24 -2.56 11.53
N HIS C 821 -19.54 -2.86 11.47
CA HIS C 821 -20.12 -3.81 12.41
C HIS C 821 -19.40 -5.16 12.33
N ARG C 822 -19.05 -5.57 11.12
CA ARG C 822 -18.32 -6.81 10.91
C ARG C 822 -17.05 -6.86 11.75
N VAL C 823 -16.20 -5.84 11.61
CA VAL C 823 -14.92 -5.82 12.31
C VAL C 823 -15.13 -5.74 13.81
N GLU C 824 -15.95 -4.77 14.26
CA GLU C 824 -16.13 -4.58 15.70
C GLU C 824 -16.82 -5.79 16.33
N PHE C 825 -17.70 -6.47 15.59
CA PHE C 825 -18.40 -7.63 16.11
C PHE C 825 -17.41 -8.71 16.56
N TYR C 826 -16.41 -9.01 15.74
CA TYR C 826 -15.47 -10.06 16.08
C TYR C 826 -14.41 -9.61 17.07
N LYS C 827 -14.13 -8.31 17.15
CA LYS C 827 -13.29 -7.80 18.23
C LYS C 827 -14.01 -7.95 19.57
N LEU C 828 -15.32 -7.78 19.59
CA LEU C 828 -16.08 -7.95 20.83
C LEU C 828 -16.12 -9.42 21.23
N LEU C 829 -16.45 -10.31 20.29
CA LEU C 829 -16.46 -11.73 20.63
C LEU C 829 -15.09 -12.19 21.10
N LYS C 830 -14.03 -11.63 20.51
CA LYS C 830 -12.68 -12.03 20.90
C LYS C 830 -12.39 -11.67 22.35
N VAL C 831 -12.70 -10.43 22.74
CA VAL C 831 -12.40 -10.00 24.11
C VAL C 831 -13.29 -10.74 25.10
N ILE C 832 -14.57 -10.93 24.78
CA ILE C 832 -15.45 -11.70 25.65
C ILE C 832 -14.90 -13.11 25.83
N ASN C 833 -14.44 -13.72 24.74
CA ASN C 833 -13.89 -15.08 24.81
C ASN C 833 -12.59 -15.09 25.61
N GLU C 834 -11.87 -13.97 25.65
CA GLU C 834 -10.64 -13.88 26.44
C GLU C 834 -10.94 -13.72 27.92
N LYS C 835 -11.84 -12.79 28.26
CA LYS C 835 -11.96 -12.28 29.62
C LYS C 835 -13.17 -12.81 30.38
N SER C 836 -14.19 -13.31 29.69
N SER C 836 -14.23 -13.22 29.70
CA SER C 836 -15.44 -13.69 30.33
CA SER C 836 -15.42 -13.73 30.38
C SER C 836 -16.04 -14.89 29.59
C SER C 836 -16.02 -14.86 29.55
N PHE C 837 -15.22 -15.93 29.39
CA PHE C 837 -15.70 -17.11 28.66
C PHE C 837 -16.97 -17.69 29.28
N ALA C 838 -17.16 -17.51 30.58
CA ALA C 838 -18.37 -18.02 31.23
C ALA C 838 -19.63 -17.54 30.53
N ALA C 839 -19.58 -16.34 29.92
CA ALA C 839 -20.76 -15.81 29.25
C ALA C 839 -21.21 -16.70 28.11
N PHE C 840 -20.27 -17.36 27.42
CA PHE C 840 -20.66 -18.29 26.37
C PHE C 840 -21.16 -19.60 26.94
N LEU C 841 -20.71 -19.99 28.14
CA LEU C 841 -21.25 -21.17 28.78
C LEU C 841 -22.72 -20.98 29.15
N GLU C 842 -23.13 -19.76 29.46
CA GLU C 842 -24.52 -19.50 29.80
C GLU C 842 -25.43 -19.43 28.58
N LEU C 843 -24.87 -19.31 27.38
CA LEU C 843 -25.70 -19.26 26.18
C LEU C 843 -26.52 -20.54 26.06
N PRO C 844 -27.75 -20.46 25.57
CA PRO C 844 -28.49 -21.68 25.25
C PRO C 844 -27.81 -22.42 24.11
N PRO C 845 -27.92 -23.75 24.07
CA PRO C 845 -27.18 -24.51 23.05
C PRO C 845 -27.39 -24.01 21.64
N ALA C 846 -28.59 -23.52 21.30
CA ALA C 846 -28.83 -23.00 19.96
C ALA C 846 -27.99 -21.75 19.71
N ALA C 847 -27.83 -20.90 20.72
CA ALA C 847 -27.03 -19.69 20.56
C ALA C 847 -25.54 -19.98 20.57
N PHE C 848 -25.11 -20.98 21.34
CA PHE C 848 -23.71 -21.40 21.27
C PHE C 848 -23.39 -22.00 19.90
N LYS C 849 -24.36 -22.66 19.29
CA LYS C 849 -24.20 -23.15 17.92
C LYS C 849 -24.03 -22.00 16.94
N LEU C 850 -24.79 -20.91 17.14
CA LEU C 850 -24.59 -19.71 16.33
C LEU C 850 -23.20 -19.14 16.55
N PHE C 851 -22.70 -19.21 17.79
CA PHE C 851 -21.36 -18.70 18.09
C PHE C 851 -20.30 -19.45 17.29
N VAL C 852 -20.42 -20.78 17.21
CA VAL C 852 -19.48 -21.56 16.42
C VAL C 852 -19.62 -21.22 14.94
N ASP C 853 -20.87 -21.14 14.45
CA ASP C 853 -21.09 -20.75 13.06
C ASP C 853 -20.45 -19.40 12.76
N ALA C 854 -20.53 -18.46 13.71
CA ALA C 854 -19.99 -17.13 13.48
C ALA C 854 -18.47 -17.15 13.37
N ILE C 855 -17.82 -17.96 14.21
CA ILE C 855 -16.36 -18.11 14.11
C ILE C 855 -15.98 -18.63 12.74
N CYS C 856 -16.59 -19.75 12.32
CA CYS C 856 -16.29 -20.31 11.01
C CYS C 856 -16.58 -19.31 9.90
N TRP C 857 -17.67 -18.55 10.04
CA TRP C 857 -17.97 -17.48 9.08
C TRP C 857 -16.78 -16.53 8.96
N ALA C 858 -16.13 -16.21 10.09
CA ALA C 858 -14.98 -15.32 10.05
C ALA C 858 -13.83 -15.94 9.27
N PHE C 859 -13.60 -17.24 9.42
CA PHE C 859 -12.57 -17.93 8.62
C PHE C 859 -12.66 -17.52 7.16
N LYS C 860 -13.87 -17.57 6.60
CA LYS C 860 -14.07 -17.45 5.16
C LYS C 860 -14.02 -16.02 4.66
N HIS C 861 -13.78 -15.03 5.52
CA HIS C 861 -13.57 -13.67 5.07
C HIS C 861 -12.17 -13.53 4.50
N ASN C 862 -12.08 -12.85 3.35
CA ASN C 862 -10.79 -12.37 2.88
C ASN C 862 -10.31 -11.20 3.73
N ASN C 863 -11.24 -10.29 4.05
CA ASN C 863 -11.00 -9.17 4.95
C ASN C 863 -10.11 -9.57 6.12
N ARG C 864 -8.88 -9.07 6.12
CA ARG C 864 -7.90 -9.45 7.13
C ARG C 864 -8.38 -9.10 8.54
N ASP C 865 -9.06 -7.95 8.68
CA ASP C 865 -9.51 -7.50 9.99
C ASP C 865 -10.61 -8.37 10.58
N VAL C 866 -11.12 -9.34 9.81
CA VAL C 866 -12.07 -10.32 10.32
C VAL C 866 -11.45 -11.71 10.39
N GLU C 867 -10.69 -12.09 9.36
CA GLU C 867 -10.12 -13.43 9.30
C GLU C 867 -9.19 -13.70 10.48
N VAL C 868 -8.38 -12.71 10.85
CA VAL C 868 -7.38 -12.91 11.89
C VAL C 868 -8.03 -13.13 13.23
N ASN C 869 -9.03 -12.31 13.57
CA ASN C 869 -9.75 -12.50 14.83
C ASN C 869 -10.54 -13.81 14.81
N GLY C 870 -11.13 -14.15 13.67
CA GLY C 870 -11.86 -15.41 13.57
C GLY C 870 -10.99 -16.61 13.91
N LEU C 871 -9.76 -16.62 13.40
CA LEU C 871 -8.85 -17.71 13.71
C LEU C 871 -8.37 -17.65 15.16
N GLN C 872 -8.23 -16.44 15.71
CA GLN C 872 -7.77 -16.33 17.10
C GLN C 872 -8.86 -16.74 18.08
N ILE C 873 -10.12 -16.44 17.76
CA ILE C 873 -11.21 -16.89 18.62
C ILE C 873 -11.27 -18.41 18.62
N ALA C 874 -11.18 -19.02 17.44
CA ALA C 874 -11.19 -20.47 17.35
C ALA C 874 -10.09 -21.07 18.24
N LEU C 875 -8.88 -20.55 18.11
CA LEU C 875 -7.77 -21.04 18.93
C LEU C 875 -8.05 -20.84 20.42
N ASP C 876 -8.42 -19.61 20.80
CA ASP C 876 -8.68 -19.33 22.21
C ASP C 876 -9.86 -20.15 22.73
N LEU C 877 -10.86 -20.38 21.87
CA LEU C 877 -12.00 -21.19 22.29
C LEU C 877 -11.58 -22.61 22.61
N VAL C 878 -10.75 -23.21 21.76
CA VAL C 878 -10.26 -24.57 22.00
C VAL C 878 -9.51 -24.63 23.32
N LYS C 879 -8.68 -23.62 23.60
CA LYS C 879 -7.96 -23.60 24.87
C LYS C 879 -8.91 -23.41 26.05
N ASN C 880 -9.91 -22.53 25.91
CA ASN C 880 -10.92 -22.38 26.95
C ASN C 880 -11.59 -23.72 27.26
N ILE C 881 -12.02 -24.43 26.22
CA ILE C 881 -12.67 -25.73 26.41
C ILE C 881 -11.71 -26.71 27.07
N GLU C 882 -10.46 -26.75 26.58
CA GLU C 882 -9.48 -27.66 27.15
C GLU C 882 -9.31 -27.43 28.65
N ARG C 883 -9.23 -26.16 29.07
CA ARG C 883 -9.01 -25.85 30.47
C ARG C 883 -10.12 -26.38 31.38
N MET C 884 -11.31 -26.61 30.84
CA MET C 884 -12.41 -27.11 31.65
C MET C 884 -12.19 -28.53 32.14
N GLY C 885 -11.17 -29.22 31.61
CA GLY C 885 -10.95 -30.59 32.01
C GLY C 885 -12.01 -31.51 31.44
N ASN C 886 -12.16 -32.67 32.10
CA ASN C 886 -13.11 -33.70 31.67
C ASN C 886 -14.45 -33.45 32.34
N VAL C 887 -15.21 -32.52 31.77
CA VAL C 887 -16.55 -32.21 32.27
C VAL C 887 -17.55 -32.32 31.13
N PRO C 888 -18.86 -32.37 31.41
CA PRO C 888 -19.83 -32.60 30.33
C PRO C 888 -19.81 -31.55 29.24
N PHE C 889 -19.60 -30.28 29.57
CA PHE C 889 -19.67 -29.24 28.53
C PHE C 889 -18.54 -29.41 27.53
N ALA C 890 -17.33 -29.71 28.01
CA ALA C 890 -16.20 -29.88 27.09
C ALA C 890 -16.37 -31.15 26.26
N ASN C 891 -16.86 -32.23 26.87
CA ASN C 891 -17.07 -33.46 26.12
C ASN C 891 -18.14 -33.27 25.06
N GLU C 892 -19.23 -32.57 25.38
CA GLU C 892 -20.23 -32.27 24.37
C GLU C 892 -19.67 -31.35 23.29
N PHE C 893 -18.82 -30.42 23.67
CA PHE C 893 -18.21 -29.52 22.69
C PHE C 893 -17.45 -30.31 21.64
N HIS C 894 -16.55 -31.20 22.08
CA HIS C 894 -15.77 -31.99 21.12
C HIS C 894 -16.67 -32.86 20.25
N LYS C 895 -17.69 -33.48 20.86
CA LYS C 895 -18.61 -34.31 20.09
C LYS C 895 -19.33 -33.49 19.04
N ASN C 896 -19.76 -32.28 19.38
CA ASN C 896 -20.57 -31.49 18.47
C ASN C 896 -19.74 -30.71 17.45
N TYR C 897 -18.53 -30.28 17.82
CA TYR C 897 -17.85 -29.25 17.03
C TYR C 897 -16.40 -29.54 16.69
N PHE C 898 -15.77 -30.59 17.23
CA PHE C 898 -14.37 -30.85 16.90
C PHE C 898 -14.18 -30.99 15.40
N PHE C 899 -14.95 -31.86 14.75
CA PHE C 899 -14.75 -32.11 13.33
C PHE C 899 -15.24 -30.96 12.47
N ILE C 900 -16.18 -30.15 12.96
CA ILE C 900 -16.55 -28.94 12.23
C ILE C 900 -15.36 -28.00 12.14
N PHE C 901 -14.62 -27.84 13.23
CA PHE C 901 -13.46 -26.94 13.21
C PHE C 901 -12.32 -27.53 12.39
N VAL C 902 -12.10 -28.84 12.49
CA VAL C 902 -11.05 -29.47 11.70
C VAL C 902 -11.34 -29.28 10.20
N SER C 903 -12.57 -29.57 9.79
CA SER C 903 -12.90 -29.54 8.36
C SER C 903 -13.00 -28.12 7.85
N GLU C 904 -13.50 -27.18 8.66
CA GLU C 904 -13.55 -25.78 8.24
C GLU C 904 -12.15 -25.20 8.11
N THR C 905 -11.25 -25.56 9.04
CA THR C 905 -9.87 -25.11 8.93
C THR C 905 -9.19 -25.69 7.69
N PHE C 906 -9.42 -26.98 7.42
CA PHE C 906 -8.86 -27.57 6.21
C PHE C 906 -9.37 -26.87 4.96
N PHE C 907 -10.64 -26.48 4.95
CA PHE C 907 -11.21 -25.85 3.76
C PHE C 907 -10.47 -24.57 3.40
N VAL C 908 -10.23 -23.70 4.39
CA VAL C 908 -9.59 -22.42 4.10
C VAL C 908 -8.09 -22.63 3.84
N LEU C 909 -7.49 -23.68 4.40
CA LEU C 909 -6.11 -23.98 4.09
C LEU C 909 -5.93 -24.39 2.63
N THR C 910 -6.92 -25.03 2.03
CA THR C 910 -6.76 -25.67 0.74
C THR C 910 -7.52 -25.00 -0.41
N ASP C 911 -8.34 -24.00 -0.14
CA ASP C 911 -9.21 -23.45 -1.18
C ASP C 911 -8.55 -22.35 -2.01
N SER C 912 -7.33 -21.94 -1.66
CA SER C 912 -6.52 -21.01 -2.44
C SER C 912 -7.01 -19.57 -2.38
N ASP C 913 -8.05 -19.26 -1.60
CA ASP C 913 -8.55 -17.90 -1.47
C ASP C 913 -8.30 -17.30 -0.10
N HIS C 914 -7.58 -17.99 0.79
CA HIS C 914 -7.29 -17.48 2.12
C HIS C 914 -5.83 -17.72 2.48
N LYS C 915 -4.93 -17.45 1.53
CA LYS C 915 -3.52 -17.71 1.78
C LYS C 915 -2.92 -16.74 2.79
N SER C 916 -3.55 -15.58 3.01
CA SER C 916 -3.05 -14.64 3.99
C SER C 916 -3.07 -15.19 5.41
N GLY C 917 -3.91 -16.19 5.68
CA GLY C 917 -4.04 -16.72 7.03
C GLY C 917 -3.44 -18.10 7.19
N PHE C 918 -2.54 -18.49 6.29
CA PHE C 918 -1.98 -19.83 6.32
C PHE C 918 -1.36 -20.15 7.67
N SER C 919 -0.53 -19.24 8.19
CA SER C 919 0.20 -19.52 9.42
C SER C 919 -0.75 -19.81 10.59
N LYS C 920 -1.79 -19.01 10.74
CA LYS C 920 -2.70 -19.20 11.86
C LYS C 920 -3.65 -20.36 11.63
N GLN C 921 -4.05 -20.61 10.38
CA GLN C 921 -4.76 -21.84 10.07
C GLN C 921 -3.93 -23.05 10.45
N ALA C 922 -2.63 -23.03 10.13
CA ALA C 922 -1.75 -24.14 10.47
C ALA C 922 -1.68 -24.33 11.97
N LEU C 923 -1.51 -23.24 12.71
CA LEU C 923 -1.47 -23.33 14.17
C LEU C 923 -2.74 -23.95 14.72
N LEU C 924 -3.90 -23.44 14.27
CA LEU C 924 -5.17 -23.99 14.73
C LEU C 924 -5.28 -25.48 14.41
N LEU C 925 -4.92 -25.86 13.18
CA LEU C 925 -5.01 -27.26 12.80
C LEU C 925 -4.09 -28.12 13.66
N MET C 926 -2.87 -27.64 13.89
CA MET C 926 -1.93 -28.40 14.71
C MET C 926 -2.46 -28.58 16.12
N LYS C 927 -3.11 -27.55 16.67
CA LYS C 927 -3.69 -27.65 18.00
C LYS C 927 -4.80 -28.69 18.04
N LEU C 928 -5.67 -28.69 17.03
CA LEU C 928 -6.77 -29.64 17.00
C LEU C 928 -6.26 -31.08 16.90
N ILE C 929 -5.27 -31.33 16.04
CA ILE C 929 -4.75 -32.67 15.89
C ILE C 929 -4.03 -33.12 17.14
N SER C 930 -3.31 -32.20 17.80
CA SER C 930 -2.55 -32.58 18.98
C SER C 930 -3.46 -32.94 20.14
N LEU C 931 -4.68 -32.37 20.19
CA LEU C 931 -5.63 -32.77 21.22
C LEU C 931 -5.87 -34.28 21.20
N VAL C 932 -5.98 -34.86 20.00
CA VAL C 932 -6.31 -36.27 19.90
C VAL C 932 -5.08 -37.13 20.17
N TYR C 933 -3.94 -36.78 19.58
CA TYR C 933 -2.73 -37.58 19.77
C TYR C 933 -2.06 -37.32 21.10
N ASP C 934 -2.65 -36.48 21.95
CA ASP C 934 -2.30 -36.40 23.37
C ASP C 934 -3.44 -36.93 24.23
N ASN C 935 -4.44 -37.58 23.63
CA ASN C 935 -5.60 -38.08 24.36
C ASN C 935 -6.13 -37.07 25.37
N LYS C 936 -6.24 -35.81 24.95
CA LYS C 936 -6.85 -34.76 25.76
C LYS C 936 -8.36 -34.67 25.54
N ILE C 937 -8.93 -35.52 24.68
CA ILE C 937 -10.37 -35.62 24.49
C ILE C 937 -10.79 -36.94 25.11
N SER C 938 -11.65 -36.86 26.14
CA SER C 938 -11.90 -38.00 27.00
C SER C 938 -12.94 -38.97 26.42
N VAL C 939 -13.88 -38.48 25.62
CA VAL C 939 -14.94 -39.32 25.08
C VAL C 939 -14.61 -39.71 23.64
N PRO C 940 -15.23 -40.76 23.09
CA PRO C 940 -15.05 -41.05 21.66
C PRO C 940 -15.70 -39.99 20.81
N LEU C 941 -15.02 -39.62 19.73
CA LEU C 941 -15.54 -38.65 18.77
C LEU C 941 -16.47 -39.28 17.75
N TYR C 942 -16.76 -40.57 17.88
CA TYR C 942 -17.57 -41.30 16.92
C TYR C 942 -18.84 -41.81 17.60
N GLN C 943 -19.83 -42.14 16.78
CA GLN C 943 -21.07 -42.72 17.29
C GLN C 943 -20.78 -44.09 17.91
N GLU C 944 -21.59 -44.46 18.91
CA GLU C 944 -21.54 -45.83 19.41
C GLU C 944 -21.73 -46.85 18.29
N ALA C 945 -22.35 -46.43 17.18
CA ALA C 945 -22.62 -47.34 16.07
C ALA C 945 -21.42 -47.47 15.13
N GLU C 946 -20.90 -46.35 14.64
CA GLU C 946 -20.12 -46.35 13.40
C GLU C 946 -18.71 -46.93 13.55
N VAL C 947 -18.29 -47.36 14.74
CA VAL C 947 -16.92 -47.87 14.89
C VAL C 947 -16.88 -48.91 16.00
N PRO C 948 -16.02 -49.93 15.90
CA PRO C 948 -15.88 -50.90 16.99
C PRO C 948 -15.59 -50.20 18.32
N GLN C 949 -16.21 -50.70 19.39
CA GLN C 949 -15.94 -50.18 20.72
C GLN C 949 -14.45 -50.30 21.02
N GLY C 950 -13.90 -49.28 21.67
CA GLY C 950 -12.50 -49.26 22.04
C GLY C 950 -11.58 -48.65 21.01
N THR C 951 -12.06 -48.38 19.80
CA THR C 951 -11.24 -47.69 18.82
C THR C 951 -10.77 -46.36 19.39
N SER C 952 -9.46 -46.11 19.29
CA SER C 952 -8.91 -44.86 19.76
C SER C 952 -9.36 -43.71 18.87
N ASN C 953 -9.54 -42.53 19.48
CA ASN C 953 -9.88 -41.35 18.70
C ASN C 953 -8.83 -41.06 17.64
N GLN C 954 -7.59 -41.52 17.86
CA GLN C 954 -6.54 -41.33 16.86
C GLN C 954 -6.84 -42.13 15.60
N VAL C 955 -7.19 -43.40 15.76
CA VAL C 955 -7.57 -44.22 14.61
C VAL C 955 -8.77 -43.62 13.90
N TYR C 956 -9.76 -43.16 14.67
CA TYR C 956 -10.95 -42.59 14.05
C TYR C 956 -10.62 -41.28 13.33
N LEU C 957 -9.85 -40.41 13.97
CA LEU C 957 -9.45 -39.16 13.33
C LEU C 957 -8.75 -39.45 12.00
N SER C 958 -7.83 -40.41 12.02
CA SER C 958 -7.11 -40.76 10.79
C SER C 958 -8.07 -41.23 9.71
N GLN C 959 -9.10 -41.99 10.09
CA GLN C 959 -10.07 -42.49 9.12
C GLN C 959 -10.99 -41.37 8.63
N TYR C 960 -11.50 -40.56 9.56
CA TYR C 960 -12.35 -39.44 9.17
C TYR C 960 -11.66 -38.54 8.17
N LEU C 961 -10.40 -38.18 8.46
CA LEU C 961 -9.68 -37.25 7.59
C LEU C 961 -9.37 -37.89 6.24
N ALA C 962 -8.99 -39.17 6.23
CA ALA C 962 -8.74 -39.84 4.95
C ALA C 962 -9.98 -39.82 4.08
N ASN C 963 -11.16 -40.11 4.67
CA ASN C 963 -12.39 -40.08 3.90
C ASN C 963 -12.75 -38.66 3.48
N MET C 964 -12.53 -37.68 4.36
CA MET C 964 -12.83 -36.30 4.02
C MET C 964 -12.01 -35.83 2.83
N LEU C 965 -10.70 -36.11 2.85
CA LEU C 965 -9.83 -35.65 1.78
C LEU C 965 -10.04 -36.44 0.50
N SER C 966 -10.41 -37.72 0.62
CA SER C 966 -10.70 -38.51 -0.58
C SER C 966 -11.88 -37.92 -1.35
N ASN C 967 -12.93 -37.49 -0.65
CA ASN C 967 -14.09 -36.94 -1.33
C ASN C 967 -13.87 -35.49 -1.75
N ALA C 968 -13.08 -34.73 -1.01
CA ALA C 968 -12.81 -33.35 -1.39
C ALA C 968 -11.79 -33.25 -2.52
N PHE C 969 -10.85 -34.19 -2.57
CA PHE C 969 -9.79 -34.20 -3.59
C PHE C 969 -9.74 -35.60 -4.20
N PRO C 970 -10.72 -35.94 -5.04
CA PRO C 970 -10.83 -37.32 -5.54
C PRO C 970 -9.70 -37.75 -6.46
N HIS C 971 -8.88 -36.84 -6.95
CA HIS C 971 -7.79 -37.20 -7.84
C HIS C 971 -6.53 -37.64 -7.09
N LEU C 972 -6.53 -37.56 -5.77
CA LEU C 972 -5.41 -38.06 -4.98
C LEU C 972 -5.57 -39.56 -4.75
N THR C 973 -4.44 -40.26 -4.74
CA THR C 973 -4.47 -41.68 -4.43
C THR C 973 -4.62 -41.88 -2.93
N SER C 974 -5.17 -43.04 -2.56
CA SER C 974 -5.27 -43.38 -1.15
C SER C 974 -3.90 -43.32 -0.47
N GLU C 975 -2.84 -43.66 -1.21
CA GLU C 975 -1.49 -43.65 -0.64
C GLU C 975 -1.04 -42.23 -0.32
N GLN C 976 -1.30 -41.28 -1.24
CA GLN C 976 -0.99 -39.87 -0.98
C GLN C 976 -1.65 -39.41 0.31
N ILE C 977 -2.98 -39.57 0.40
CA ILE C 977 -3.72 -39.12 1.57
C ILE C 977 -3.16 -39.75 2.83
N ALA C 978 -2.93 -41.07 2.80
CA ALA C 978 -2.48 -41.77 4.00
C ALA C 978 -1.08 -41.32 4.42
N SER C 979 -0.19 -41.09 3.45
CA SER C 979 1.15 -40.62 3.79
C SER C 979 1.12 -39.18 4.29
N PHE C 980 0.29 -38.35 3.67
CA PHE C 980 0.15 -36.96 4.13
C PHE C 980 -0.33 -36.91 5.57
N LEU C 981 -1.34 -37.70 5.91
CA LEU C 981 -1.89 -37.66 7.26
C LEU C 981 -0.92 -38.27 8.28
N SER C 982 -0.20 -39.32 7.89
CA SER C 982 0.80 -39.89 8.79
C SER C 982 1.85 -38.85 9.14
N ALA C 983 2.40 -38.18 8.11
CA ALA C 983 3.35 -37.10 8.35
C ALA C 983 2.75 -36.00 9.21
N LEU C 984 1.54 -35.57 8.87
CA LEU C 984 0.94 -34.42 9.55
C LEU C 984 0.75 -34.69 11.03
N THR C 985 0.19 -35.86 11.38
CA THR C 985 -0.06 -36.16 12.79
C THR C 985 1.24 -36.38 13.53
N LYS C 986 2.21 -37.06 12.90
CA LYS C 986 3.51 -37.27 13.52
C LYS C 986 4.26 -35.96 13.78
N GLN C 987 3.87 -34.88 13.11
CA GLN C 987 4.57 -33.61 13.19
C GLN C 987 3.78 -32.52 13.92
N CYS C 988 2.74 -32.90 14.65
CA CYS C 988 1.84 -31.92 15.25
C CYS C 988 2.41 -31.24 16.49
N LYS C 989 3.69 -31.45 16.82
CA LYS C 989 4.37 -30.70 17.86
C LYS C 989 5.47 -29.81 17.30
N ASP C 990 5.57 -29.70 15.98
CA ASP C 990 6.66 -28.96 15.31
C ASP C 990 6.01 -28.12 14.22
N LEU C 991 5.73 -26.85 14.55
CA LEU C 991 4.92 -26.01 13.68
C LEU C 991 5.58 -25.79 12.32
N VAL C 992 6.89 -25.55 12.30
CA VAL C 992 7.58 -25.28 11.04
C VAL C 992 7.49 -26.48 10.12
N VAL C 993 7.69 -27.69 10.65
CA VAL C 993 7.66 -28.89 9.83
C VAL C 993 6.23 -29.18 9.39
N PHE C 994 5.30 -29.18 10.36
CA PHE C 994 3.87 -29.22 10.08
C PHE C 994 3.51 -28.34 8.88
N LYS C 995 3.94 -27.07 8.93
CA LYS C 995 3.61 -26.14 7.86
C LYS C 995 4.23 -26.56 6.54
N GLY C 996 5.47 -27.04 6.58
CA GLY C 996 6.09 -27.55 5.35
C GLY C 996 5.29 -28.69 4.76
N THR C 997 4.78 -29.58 5.60
CA THR C 997 3.98 -30.70 5.12
C THR C 997 2.66 -30.21 4.54
N LEU C 998 2.06 -29.17 5.13
CA LEU C 998 0.86 -28.59 4.54
C LEU C 998 1.15 -27.96 3.19
N ARG C 999 2.28 -27.25 3.08
N ARG C 999 2.27 -27.23 3.09
CA ARG C 999 2.63 -26.63 1.81
CA ARG C 999 2.66 -26.64 1.82
C ARG C 999 2.90 -27.71 0.74
C ARG C 999 2.87 -27.72 0.76
N ASP C 1000 3.52 -28.82 1.14
CA ASP C 1000 3.70 -29.92 0.20
C ASP C 1000 2.35 -30.46 -0.27
N PHE C 1001 1.40 -30.60 0.65
CA PHE C 1001 0.06 -31.04 0.28
C PHE C 1001 -0.60 -30.06 -0.67
N LEU C 1002 -0.42 -28.76 -0.44
CA LEU C 1002 -1.02 -27.76 -1.33
C LEU C 1002 -0.44 -27.83 -2.73
N VAL C 1003 0.81 -28.25 -2.87
CA VAL C 1003 1.39 -28.46 -4.19
C VAL C 1003 0.77 -29.67 -4.86
N GLN C 1004 0.66 -30.78 -4.13
CA GLN C 1004 0.25 -32.04 -4.73
C GLN C 1004 -1.21 -32.00 -5.19
N ILE C 1005 -2.08 -31.30 -4.44
CA ILE C 1005 -3.48 -31.22 -4.85
C ILE C 1005 -3.67 -30.44 -6.14
N LYS C 1006 -2.66 -29.70 -6.59
CA LYS C 1006 -2.74 -28.96 -7.84
C LYS C 1006 -2.40 -29.80 -9.07
N GLU C 1007 -1.98 -31.05 -8.88
CA GLU C 1007 -1.58 -31.90 -10.00
C GLU C 1007 -2.07 -33.32 -9.74
N VAL C 1008 -1.81 -34.19 -10.72
CA VAL C 1008 -2.10 -35.62 -10.61
C VAL C 1008 -0.79 -36.37 -10.47
N GLY C 1009 -0.79 -37.39 -9.61
CA GLY C 1009 0.32 -38.31 -9.53
C GLY C 1009 1.44 -37.90 -8.60
N GLY C 1010 1.14 -37.13 -7.56
CA GLY C 1010 2.18 -36.71 -6.64
C GLY C 1010 2.77 -37.88 -5.88
N ASP C 1011 4.07 -37.78 -5.60
CA ASP C 1011 4.80 -38.85 -4.96
C ASP C 1011 4.45 -38.90 -3.47
N PRO C 1012 3.85 -39.98 -2.97
CA PRO C 1012 3.55 -40.04 -1.53
C PRO C 1012 4.78 -40.02 -0.64
N THR C 1013 5.94 -40.47 -1.12
CA THR C 1013 7.13 -40.44 -0.29
C THR C 1013 7.64 -39.02 -0.04
N ASP C 1014 7.13 -38.03 -0.78
CA ASP C 1014 7.50 -36.64 -0.52
C ASP C 1014 7.26 -36.26 0.93
N TYR C 1015 6.24 -36.86 1.57
CA TYR C 1015 5.88 -36.50 2.93
C TYR C 1015 6.84 -37.06 3.97
N LEU C 1016 7.84 -37.85 3.56
CA LEU C 1016 8.91 -38.28 4.45
C LEU C 1016 10.09 -37.32 4.45
N PHE C 1017 9.95 -36.15 3.82
CA PHE C 1017 11.08 -35.23 3.68
C PHE C 1017 11.69 -34.90 5.04
N ALA C 1018 10.84 -34.58 6.03
CA ALA C 1018 11.35 -34.25 7.36
C ALA C 1018 12.11 -35.43 7.95
N GLU C 1019 11.53 -36.62 7.89
CA GLU C 1019 12.23 -37.84 8.29
C GLU C 1019 13.58 -37.93 7.58
N ASP D 6 19.44 35.27 30.08
CA ASP D 6 18.39 36.21 29.68
C ASP D 6 18.63 36.70 28.26
N LEU D 7 17.56 36.79 27.47
CA LEU D 7 17.65 37.07 26.03
C LEU D 7 16.60 38.13 25.66
N ARG D 8 16.73 39.32 26.25
CA ARG D 8 15.74 40.37 26.04
C ARG D 8 15.61 40.73 24.55
N LYS D 9 16.74 40.90 23.87
CA LYS D 9 16.68 41.41 22.50
C LYS D 9 15.91 40.49 21.58
N LEU D 10 16.09 39.17 21.74
CA LEU D 10 15.41 38.23 20.86
C LEU D 10 13.92 38.19 21.15
N CYS D 11 13.54 38.20 22.43
CA CYS D 11 12.13 38.20 22.78
C CYS D 11 11.41 39.39 22.16
N GLU D 12 11.98 40.59 22.30
CA GLU D 12 11.39 41.77 21.65
C GLU D 12 11.39 41.59 20.14
N ARG D 13 12.50 41.13 19.57
N ARG D 13 12.52 41.16 19.58
CA ARG D 13 12.59 40.95 18.13
CA ARG D 13 12.61 40.94 18.15
C ARG D 13 11.56 39.96 17.63
C ARG D 13 11.53 39.98 17.67
N LEU D 14 11.35 38.86 18.37
CA LEU D 14 10.30 37.92 18.03
C LEU D 14 8.92 38.54 18.24
N ARG D 15 8.77 39.34 19.29
CA ARG D 15 7.47 39.91 19.62
C ARG D 15 6.92 40.79 18.50
N GLY D 16 7.81 41.38 17.69
CA GLY D 16 7.40 42.30 16.65
C GLY D 16 7.09 41.68 15.31
N MET D 17 7.36 40.39 15.13
CA MET D 17 7.07 39.72 13.87
C MET D 17 5.62 39.96 13.47
N ASP D 18 5.41 40.10 12.16
CA ASP D 18 4.11 40.41 11.54
C ASP D 18 4.04 41.89 11.20
PG GNP E . -9.25 -8.57 -10.22
O1G GNP E . -9.88 -9.85 -9.72
O2G GNP E . -9.99 -8.10 -11.46
O3G GNP E . -7.80 -8.82 -10.56
N3B GNP E . -9.36 -7.42 -9.03
PB GNP E . -8.77 -5.88 -9.22
O1B GNP E . -9.21 -5.35 -10.57
O2B GNP E . -7.26 -5.91 -9.20
O3A GNP E . -9.32 -4.96 -8.05
PA GNP E . -10.61 -4.06 -8.14
O1A GNP E . -11.78 -4.86 -8.65
O2A GNP E . -10.35 -2.91 -9.08
O5' GNP E . -10.97 -3.49 -6.70
C5' GNP E . -11.06 -4.39 -5.62
C4' GNP E . -11.53 -3.63 -4.36
O4' GNP E . -10.60 -2.81 -3.94
C3' GNP E . -12.75 -2.75 -4.72
O3' GNP E . -13.70 -2.84 -3.76
C2' GNP E . -12.17 -1.32 -4.78
O2' GNP E . -13.23 -0.33 -4.42
C1' GNP E . -11.23 -1.33 -3.87
N9 GNP E . -10.20 -0.37 -4.08
C8 GNP E . -9.53 -0.18 -5.24
N7 GNP E . -8.62 0.80 -5.06
C5 GNP E . -8.72 1.22 -3.77
C6 GNP E . -8.03 2.20 -3.07
O6 GNP E . -7.16 2.85 -3.62
N1 GNP E . -8.31 2.42 -1.77
C2 GNP E . -9.29 1.69 -1.16
N2 GNP E . -9.61 1.91 0.20
N3 GNP E . -9.98 0.72 -1.85
C4 GNP E . -9.68 0.49 -3.17
HNB3 GNP E . -9.67 -7.67 -8.21
H5'2 GNP E . -10.18 -4.79 -5.44
H5'1 GNP E . -11.70 -5.10 -5.83
H4' GNP E . -11.78 -4.25 -3.66
H3' GNP E . -13.10 -3.00 -5.59
H2' GNP E . -11.79 -1.13 -5.66
HO2' GNP E . -13.01 0.48 -4.75
H1' GNP E . -11.63 -1.19 -2.99
H8 GNP E . -9.68 -0.66 -6.08
HN1 GNP E . -7.86 3.06 -1.31
HN21 GNP E . -10.28 1.45 0.60
HN22 GNP E . -9.13 2.52 0.69
MG MG F . -10.17 -6.34 -12.23
C1 GOL G . 1.17 -14.89 -10.69
O1 GOL G . 2.35 -15.54 -11.12
C2 GOL G . 0.36 -15.82 -9.80
O2 GOL G . -0.09 -16.93 -10.54
C3 GOL G . 1.21 -16.29 -8.62
O3 GOL G . 1.39 -15.24 -7.71
H11 GOL G . 1.43 -13.99 -10.15
H12 GOL G . 0.58 -14.61 -11.57
HO1 GOL G . 2.84 -14.97 -11.75
H2 GOL G . -0.49 -15.26 -9.40
HO2 GOL G . 0.67 -17.44 -10.87
H31 GOL G . 0.73 -17.14 -8.13
H32 GOL G . 2.19 -16.63 -8.98
HO3 GOL G . 1.76 -15.59 -6.87
C1 GOL H . -22.54 -20.05 8.97
O1 GOL H . -21.17 -20.23 9.25
C2 GOL H . -22.82 -18.58 8.71
O2 GOL H . -24.00 -18.45 7.95
C3 GOL H . -22.96 -17.81 10.03
O3 GOL H . -24.18 -17.10 10.05
H11 GOL H . -22.82 -20.63 8.09
H12 GOL H . -23.13 -20.41 9.81
HO1 GOL H . -21.00 -21.17 9.47
H2 GOL H . -21.99 -18.16 8.16
HO2 GOL H . -24.76 -18.80 8.46
H31 GOL H . -22.93 -18.50 10.86
H32 GOL H . -22.13 -17.11 10.13
HO3 GOL H . -24.34 -16.76 10.96
C1 GOL I . 36.63 -24.39 -9.69
O1 GOL I . 35.99 -25.50 -9.11
C2 GOL I . 37.35 -24.77 -10.98
O2 GOL I . 38.66 -25.18 -10.70
C3 GOL I . 36.61 -25.87 -11.75
O3 GOL I . 35.66 -25.29 -12.61
H11 GOL I . 35.89 -23.61 -9.90
H12 GOL I . 37.36 -23.99 -8.98
HO1 GOL I . 35.60 -25.25 -8.25
H2 GOL I . 37.38 -23.89 -11.62
HO2 GOL I . 38.64 -26.00 -10.16
H31 GOL I . 36.11 -26.55 -11.05
H32 GOL I . 37.33 -26.46 -12.34
HO3 GOL I . 36.01 -25.25 -13.51
C1 GOL J . -12.51 31.24 37.68
O1 GOL J . -13.77 31.88 37.64
C2 GOL J . -11.85 31.30 36.31
O2 GOL J . -12.31 32.43 35.61
C3 GOL J . -10.34 31.39 36.48
O3 GOL J . -9.72 31.48 35.22
H11 GOL J . -11.88 31.73 38.43
H12 GOL J . -12.63 30.20 37.98
HO1 GOL J . -14.23 31.77 38.50
H2 GOL J . -12.08 30.40 35.77
HO2 GOL J . -12.09 33.24 36.09
H31 GOL J . -10.09 32.28 37.07
H32 GOL J . -9.97 30.51 37.01
HO3 GOL J . -8.80 31.15 35.27
#